data_8V1Q
#
_entry.id   8V1Q
#
_cell.length_a   1.00
_cell.length_b   1.00
_cell.length_c   1.00
_cell.angle_alpha   90.00
_cell.angle_beta   90.00
_cell.angle_gamma   90.00
#
_symmetry.space_group_name_H-M   'P 1'
#
loop_
_entity.id
_entity.type
_entity.pdbx_description
1 polymer 'DNA polymerase'
2 polymer 'DNA polymerase processivity factor'
3 polymer 'Primer DNA'
4 polymer 'template DNA'
5 non-polymer 'MAGNESIUM ION'
6 water water
#
loop_
_entity_poly.entity_id
_entity_poly.type
_entity_poly.pdbx_seq_one_letter_code
_entity_poly.pdbx_strand_id
1 'polypeptide(L)'
;HHHHHHNFYNPYLAPVGTQQKPTGPTQRHTYYSECDEFRFIAPRVLDEDAPPEKRAGVHDGHLKRAPKVYCGGDERDVLR
VGSGGFWPRRSRLWGGVDHAPAGFNPTVTVFHVYDILENVEHAYGMRAAQFHARFMDAITPTGTVITLLGLTPEGHRVAV
HVYGTRQYFYMNKEEVDRHLQCRAPRDLCERMAAALRESPGASFRGISADHFEAEVVERTDVYYYETRPALFYRVYVRSG
RVLSYLCDNFCPAIKKYEGGVDATTRFILDNPGFVTFGWYRLKPGRNNTLAQPRAPMAFGTSSDVEFNCTADNLAIEGGM
SDLPAYKLMCFDIECKAGGEDELAFPVAGHPEDLVIQISCLLYDLSTTALEHVLLFSLGSCDLPESHLNELAARGLPTPV
VLEFDSEFEMLLAFMTLVKQYGPEFVTGYNIINFDWPFLLAKLTDIYKVPLDGYGRMNGRGVFRVWDIGQSHFQKRSKIK
VNGMVNIDMYGIITDKIKLSSYKLNAVAEAVLKDKKKDLSYRDIPAYYATGPAQRGVIGEYCIQDSLLVGQLFFKFLPHL
ELSAVARLAGINITRTIYDGQQIRVFTCLLRLADQKGFILPDTQGRFRGAGGEAPKRPAAAREDEERPEEEGEDEDEREE
GGGEREPEGARETAGRHVGYQGARVLDPTSGFHVNPVVVFDFASLYPSIIQAHNLCFSTLSLRADAVAHLEAGKDYLEIE
VGGRRLFFVKAHVRESLLSILLRDWLAMRKQIRSRIPQSSPEEAVLLDKQQAAIKVVCNSVYGFTGVQHGLLPCLHVAAT
VTTIGREMLLATREYVHARWAAFEQLLADFPEAADMRAPGPYSMRIIYGDTDSIFVLCRGLTAAGLTAMGDKMASHISRA
LFLPPIKLECEKTFTKLLLIAKKKYIGVIYGGKMLIKGVDLVRKNNCAFINRTSRALVDLLFYDDTVSGAAAALAERPAE
EWLARPLPEGLQAFGAVLVDAHRRITDPERDIQDFVLTAELSRHPRAYTNKRLAHLTVYYKLMARRAQVPSIKDRIPYVI
VAQTREVEETVARLAALRELDAAAPGDEPAPPAALPSPAKRPRETPSHADPPGGASKPRKLLVSELAEDPAYAIAHGVAL
NTDYYFSHLLGAACVTFKALFGNNAKITESLLKRFIPEVWHPPDDVAARLRAAGFGAVGAGATAEETRRMLHRAFDTLA
;
A
2 'polypeptide(L)'
;GPISEFGSSRTDSPGGVAPASHVEDASDASLGQPEEGAPCQVVLQGAELNGILQAFAPLRTSLLDSLLVMGDRGILIHNT
IFGEQVFLPLEHSQFSRYRWRGPTAAFLSLVDQKRSLLSVFRANQYPDLRRVELAITGQAPFRTLVQRIWTTTSDGEAVE
LASETLMKRELTSFVVLVPQGTPDVQLRLTRPQLTKVLNATGADSATPTTFELGVNGKFSVFTTSTCVTFAAREEGVSSS
TSTQVQILSNALTKAGQAAANAKTVYGENTHRTFSVVVDDCSMRAVLRRLQVAGGTLKFFLTTPVPSLCVTATGPNAVSA
VFLLKPQKICLDWLGHSQGSPSAGSSASR
;
B
3 'polydeoxyribonucleotide'
;(DG)(DA)(DT)(DT)(DA)(DC)(DG)(DA)(DA)(DT)(DT)(DC)(DG)(DA)(DG)(DC)(DT)(DC)(DG)(DG)
(DT)(DA)(DC)(DC)(DC)(DG)(DG)(DG)(DG)(DA)(DT)(DOC)
;
P
4 'polydeoxyribonucleotide'
;(DC)(DA)(DC)(DA)(DC)(DA)(DC)(DA)(DC)(DA)(DC)(DA)(DC)(DA)(DC)(DA)(DC)(DA)(DG)(DA)
(DT)(DC)(DC)(DC)(DC)(DG)(DG)(DG)(DT)(DA)(DC)(DC)(DG)(DA)(DG)(DC)(DT)(DC)(DG)(DA)
(DA)(DT)(DT)(DC)(DG)(DT)(DA)(DA)(DT)(DC)
;
T
#
loop_
_chem_comp.id
_chem_comp.type
_chem_comp.name
_chem_comp.formula
DA DNA linking 2'-DEOXYADENOSINE-5'-MONOPHOSPHATE 'C10 H14 N5 O6 P'
DC DNA linking 2'-DEOXYCYTIDINE-5'-MONOPHOSPHATE 'C9 H14 N3 O7 P'
DG DNA linking 2'-DEOXYGUANOSINE-5'-MONOPHOSPHATE 'C10 H14 N5 O7 P'
DOC DNA linking 2',3'-DIDEOXYCYTIDINE-5'-MONOPHOSPHATE 'C9 H14 N3 O6 P'
DT DNA linking THYMIDINE-5'-MONOPHOSPHATE 'C10 H15 N2 O8 P'
MG non-polymer 'MAGNESIUM ION' 'Mg 2'
#
# COMPACT_ATOMS: atom_id res chain seq x y z
N GLY A 24 -2.54 -55.73 8.47
CA GLY A 24 -2.69 -54.30 8.57
C GLY A 24 -2.25 -53.55 7.32
N PRO A 25 -2.27 -52.21 7.37
CA PRO A 25 -1.89 -51.43 6.19
C PRO A 25 -0.49 -51.74 5.70
N THR A 26 -0.32 -51.65 4.39
CA THR A 26 1.02 -51.79 3.83
C THR A 26 1.92 -50.65 4.27
N GLN A 27 1.44 -49.42 4.13
CA GLN A 27 2.15 -48.22 4.55
C GLN A 27 1.49 -47.67 5.81
N ARG A 28 2.28 -47.32 6.81
CA ARG A 28 1.74 -46.93 8.10
C ARG A 28 0.92 -45.66 8.01
N HIS A 29 -0.12 -45.61 8.82
CA HIS A 29 -0.99 -44.44 8.99
C HIS A 29 -0.47 -43.64 10.17
N THR A 30 0.07 -42.46 9.92
CA THR A 30 0.71 -41.64 10.94
C THR A 30 -0.20 -40.54 11.47
N TYR A 31 -1.50 -40.77 11.50
CA TYR A 31 -2.43 -39.88 12.16
C TYR A 31 -3.01 -40.65 13.33
N TYR A 32 -3.38 -39.95 14.38
CA TYR A 32 -3.86 -40.59 15.59
C TYR A 32 -5.20 -41.24 15.32
N SER A 33 -5.19 -42.55 15.23
CA SER A 33 -6.39 -43.35 15.25
C SER A 33 -6.77 -43.77 16.65
N GLU A 34 -5.81 -43.84 17.57
CA GLU A 34 -6.01 -44.16 18.97
C GLU A 34 -5.21 -43.18 19.80
N CYS A 35 -5.79 -42.72 20.88
CA CYS A 35 -5.04 -42.00 21.89
C CYS A 35 -5.63 -42.34 23.24
N ASP A 36 -4.77 -42.55 24.22
CA ASP A 36 -5.19 -42.88 25.58
C ASP A 36 -4.46 -42.05 26.62
N GLU A 37 -3.45 -41.29 26.23
CA GLU A 37 -2.69 -40.44 27.11
C GLU A 37 -2.46 -39.15 26.35
N PHE A 38 -2.67 -38.00 26.97
CA PHE A 38 -2.37 -36.76 26.27
C PHE A 38 -2.09 -35.67 27.27
N ARG A 39 -1.73 -34.51 26.75
CA ARG A 39 -1.37 -33.37 27.57
C ARG A 39 -2.60 -32.51 27.69
N PHE A 40 -3.17 -32.51 28.89
CA PHE A 40 -4.35 -31.76 29.26
C PHE A 40 -3.97 -30.34 29.62
N ILE A 41 -4.30 -29.41 28.75
CA ILE A 41 -4.17 -28.00 29.03
C ILE A 41 -5.58 -27.44 28.93
N ALA A 42 -5.99 -26.70 29.95
CA ALA A 42 -7.36 -26.20 29.92
C ALA A 42 -7.44 -25.03 30.87
N PRO A 43 -8.16 -23.96 30.53
CA PRO A 43 -8.22 -22.84 31.48
C PRO A 43 -8.88 -23.24 32.78
N ARG A 44 -8.32 -22.73 33.87
CA ARG A 44 -8.84 -23.03 35.17
C ARG A 44 -10.20 -22.41 35.41
N VAL A 45 -10.57 -21.40 34.65
CA VAL A 45 -11.87 -20.77 34.87
C VAL A 45 -13.03 -21.70 34.51
N LEU A 46 -12.79 -22.77 33.77
CA LEU A 46 -13.86 -23.65 33.31
C LEU A 46 -14.48 -24.51 34.39
N ASP A 47 -13.79 -24.73 35.51
CA ASP A 47 -14.26 -25.72 36.48
C ASP A 47 -15.29 -25.05 37.37
N GLU A 48 -16.55 -25.33 37.06
CA GLU A 48 -17.71 -24.60 37.57
C GLU A 48 -17.69 -24.42 39.08
N ASP A 49 -17.34 -25.46 39.83
CA ASP A 49 -17.45 -25.36 41.28
C ASP A 49 -16.27 -24.68 41.94
N ALA A 50 -15.25 -24.29 41.19
CA ALA A 50 -13.97 -23.99 41.82
C ALA A 50 -14.04 -22.69 42.63
N PRO A 51 -13.19 -22.54 43.64
CA PRO A 51 -13.13 -21.25 44.37
C PRO A 51 -12.59 -20.14 43.50
N PRO A 52 -12.72 -18.88 43.92
CA PRO A 52 -12.13 -17.77 43.14
C PRO A 52 -10.62 -17.79 43.00
N GLU A 53 -9.90 -18.50 43.86
CA GLU A 53 -8.44 -18.58 43.74
C GLU A 53 -8.03 -19.48 42.59
N LYS A 54 -8.73 -20.59 42.41
CA LYS A 54 -8.32 -21.63 41.49
C LYS A 54 -8.96 -21.45 40.12
N ARG A 55 -9.30 -20.21 39.77
CA ARG A 55 -9.93 -19.87 38.50
C ARG A 55 -8.96 -19.25 37.50
N ALA A 56 -8.03 -18.40 37.90
CA ALA A 56 -7.09 -17.93 36.90
C ALA A 56 -6.09 -19.04 36.59
N GLY A 57 -5.45 -18.91 35.44
CA GLY A 57 -4.44 -19.87 35.05
C GLY A 57 -4.97 -20.94 34.12
N VAL A 58 -4.21 -22.01 34.06
CA VAL A 58 -4.37 -23.11 33.14
C VAL A 58 -3.96 -24.38 33.87
N HIS A 59 -4.88 -25.32 34.02
CA HIS A 59 -4.47 -26.70 34.26
C HIS A 59 -3.53 -27.12 33.15
N ASP A 60 -2.45 -27.80 33.51
CA ASP A 60 -1.48 -28.26 32.51
C ASP A 60 -0.84 -29.52 33.05
N GLY A 61 -1.25 -30.67 32.56
CA GLY A 61 -0.60 -31.92 32.95
C GLY A 61 -1.06 -33.05 32.07
N HIS A 62 -0.49 -34.23 32.26
CA HIS A 62 -0.83 -35.37 31.42
C HIS A 62 -1.98 -36.17 32.00
N LEU A 63 -2.89 -36.56 31.13
CA LEU A 63 -4.10 -37.25 31.52
C LEU A 63 -4.16 -38.57 30.77
N LYS A 64 -4.44 -39.63 31.51
CA LYS A 64 -4.56 -40.99 31.03
C LYS A 64 -6.01 -41.35 30.74
N ARG A 65 -6.55 -40.74 29.69
CA ARG A 65 -7.84 -41.18 29.15
C ARG A 65 -7.87 -40.82 27.68
N ALA A 66 -8.75 -41.46 26.94
CA ALA A 66 -8.92 -41.11 25.54
C ALA A 66 -9.52 -39.71 25.42
N PRO A 67 -9.14 -38.94 24.41
CA PRO A 67 -9.81 -37.64 24.19
C PRO A 67 -11.30 -37.79 23.96
N LYS A 68 -12.06 -36.92 24.60
CA LYS A 68 -13.51 -36.93 24.59
C LYS A 68 -14.04 -35.70 23.87
N VAL A 69 -15.17 -35.86 23.22
CA VAL A 69 -15.90 -34.74 22.64
C VAL A 69 -17.34 -34.85 23.11
N TYR A 70 -17.89 -33.72 23.53
CA TYR A 70 -19.24 -33.62 24.06
C TYR A 70 -20.07 -32.85 23.05
N CYS A 71 -21.14 -33.45 22.56
CA CYS A 71 -22.10 -32.74 21.75
C CYS A 71 -23.48 -32.91 22.36
N GLY A 72 -24.08 -31.81 22.77
CA GLY A 72 -25.32 -31.92 23.51
C GLY A 72 -25.09 -32.65 24.81
N GLY A 73 -26.00 -33.56 25.13
CA GLY A 73 -25.77 -34.40 26.27
C GLY A 73 -24.90 -35.59 25.96
N ASP A 74 -24.60 -35.84 24.69
CA ASP A 74 -23.84 -37.01 24.35
C ASP A 74 -22.35 -36.74 24.46
N GLU A 75 -21.62 -37.83 24.51
CA GLU A 75 -20.18 -37.83 24.65
C GLU A 75 -19.64 -38.97 23.80
N ARG A 76 -18.41 -38.81 23.34
CA ARG A 76 -17.84 -39.78 22.43
C ARG A 76 -16.35 -39.66 22.55
N ASP A 77 -15.66 -40.73 22.23
CA ASP A 77 -14.24 -40.60 22.01
C ASP A 77 -14.04 -39.87 20.70
N VAL A 78 -13.04 -39.01 20.68
CA VAL A 78 -12.74 -38.23 19.48
C VAL A 78 -12.36 -39.15 18.33
N LEU A 79 -11.56 -40.17 18.60
CA LEU A 79 -10.96 -40.96 17.55
C LEU A 79 -11.74 -42.22 17.25
N ARG A 80 -13.04 -42.19 17.52
CA ARG A 80 -13.95 -43.30 17.32
C ARG A 80 -14.74 -43.09 16.06
N VAL A 81 -14.73 -44.10 15.18
CA VAL A 81 -15.37 -44.01 13.87
C VAL A 81 -16.45 -45.07 13.80
N GLY A 82 -17.04 -45.39 14.92
CA GLY A 82 -18.25 -46.16 14.86
C GLY A 82 -19.34 -45.31 14.28
N SER A 83 -20.50 -45.92 14.12
CA SER A 83 -21.69 -45.17 13.76
C SER A 83 -22.04 -44.16 14.83
N GLY A 84 -22.68 -43.09 14.42
CA GLY A 84 -22.83 -41.97 15.30
C GLY A 84 -21.56 -41.17 15.22
N GLY A 85 -21.70 -39.88 15.15
CA GLY A 85 -20.53 -39.05 15.14
C GLY A 85 -21.07 -37.67 15.24
N PHE A 86 -20.31 -36.78 15.82
CA PHE A 86 -20.74 -35.41 15.95
C PHE A 86 -20.35 -34.56 14.76
N TRP A 87 -19.54 -35.07 13.85
CA TRP A 87 -19.16 -34.36 12.64
C TRP A 87 -19.25 -35.33 11.47
N PRO A 88 -19.45 -34.84 10.25
CA PRO A 88 -19.52 -35.73 9.10
C PRO A 88 -18.17 -36.32 8.74
N ARG A 89 -18.22 -37.47 8.12
CA ARG A 89 -17.05 -38.19 7.66
C ARG A 89 -17.20 -38.55 6.20
N ARG A 90 -16.13 -38.41 5.45
CA ARG A 90 -16.04 -38.91 4.09
C ARG A 90 -14.92 -39.94 3.98
N SER A 91 -14.47 -40.50 5.09
CA SER A 91 -13.39 -41.46 5.04
C SER A 91 -13.93 -42.87 4.90
N ARG A 92 -13.13 -43.72 4.30
CA ARG A 92 -13.42 -45.14 4.24
C ARG A 92 -12.63 -45.90 5.30
N LEU A 93 -11.32 -45.75 5.31
CA LEU A 93 -10.52 -46.35 6.35
C LEU A 93 -10.40 -45.43 7.55
N TRP A 94 -10.16 -46.02 8.70
CA TRP A 94 -9.77 -45.23 9.87
C TRP A 94 -8.80 -46.07 10.67
N GLY A 95 -7.53 -45.79 10.48
CA GLY A 95 -6.48 -46.44 11.22
C GLY A 95 -6.46 -47.93 11.03
N GLY A 96 -6.58 -48.39 9.79
CA GLY A 96 -6.48 -49.80 9.51
C GLY A 96 -7.73 -50.61 9.73
N VAL A 97 -8.89 -50.00 9.92
CA VAL A 97 -10.17 -50.71 9.91
C VAL A 97 -11.00 -50.17 8.75
N ASP A 98 -11.49 -51.08 7.91
CA ASP A 98 -12.28 -50.70 6.74
C ASP A 98 -13.71 -50.48 7.19
N HIS A 99 -14.16 -49.24 7.12
CA HIS A 99 -15.47 -48.81 7.58
C HIS A 99 -16.42 -48.57 6.42
N ALA A 100 -16.32 -49.34 5.37
CA ALA A 100 -17.23 -49.19 4.26
C ALA A 100 -18.35 -50.20 4.37
N PRO A 101 -19.51 -49.95 3.76
CA PRO A 101 -20.53 -51.00 3.69
C PRO A 101 -20.01 -52.22 2.95
N ALA A 102 -20.53 -53.38 3.30
CA ALA A 102 -20.05 -54.60 2.66
C ALA A 102 -20.35 -54.59 1.17
N GLY A 103 -19.39 -55.03 0.38
CA GLY A 103 -19.55 -55.04 -1.04
C GLY A 103 -19.40 -53.66 -1.67
N PHE A 104 -18.93 -52.66 -0.92
CA PHE A 104 -18.68 -51.35 -1.51
C PHE A 104 -17.57 -51.57 -2.52
N ASN A 105 -17.88 -51.42 -3.80
CA ASN A 105 -16.85 -51.63 -4.79
C ASN A 105 -17.30 -50.85 -6.02
N PRO A 106 -17.43 -49.53 -5.93
CA PRO A 106 -18.03 -48.81 -7.05
C PRO A 106 -17.16 -48.86 -8.28
N THR A 107 -17.80 -48.96 -9.42
CA THR A 107 -17.08 -49.00 -10.69
C THR A 107 -16.67 -47.58 -11.04
N VAL A 108 -15.39 -47.41 -11.36
CA VAL A 108 -14.85 -46.10 -11.70
C VAL A 108 -14.46 -46.15 -13.15
N THR A 109 -15.07 -45.27 -13.93
CA THR A 109 -14.66 -44.98 -15.27
C THR A 109 -14.09 -43.58 -15.32
N VAL A 110 -14.85 -42.63 -14.83
CA VAL A 110 -14.63 -41.22 -15.05
C VAL A 110 -14.35 -40.59 -13.69
N PHE A 111 -13.40 -39.70 -13.65
CA PHE A 111 -13.13 -39.04 -12.39
C PHE A 111 -12.52 -37.68 -12.67
N HIS A 112 -12.92 -36.71 -11.90
CA HIS A 112 -12.23 -35.45 -11.87
C HIS A 112 -10.95 -35.58 -11.07
N VAL A 113 -9.98 -34.76 -11.41
CA VAL A 113 -8.68 -34.67 -10.77
C VAL A 113 -8.51 -33.21 -10.38
N TYR A 114 -8.29 -32.97 -9.09
CA TYR A 114 -8.06 -31.62 -8.57
C TYR A 114 -6.64 -31.42 -8.11
N ASP A 115 -5.92 -32.46 -7.74
CA ASP A 115 -4.55 -32.33 -7.30
C ASP A 115 -3.81 -33.57 -7.73
N ILE A 116 -2.51 -33.39 -7.92
CA ILE A 116 -1.58 -34.42 -8.30
C ILE A 116 -0.47 -34.40 -7.28
N LEU A 117 -0.25 -35.54 -6.63
CA LEU A 117 0.89 -35.72 -5.78
C LEU A 117 1.92 -36.57 -6.51
N GLU A 118 3.17 -36.44 -6.08
CA GLU A 118 4.27 -37.25 -6.57
C GLU A 118 5.02 -37.76 -5.37
N ASN A 119 5.06 -39.06 -5.24
CA ASN A 119 5.66 -39.74 -4.11
C ASN A 119 6.57 -40.79 -4.69
N VAL A 120 7.51 -41.21 -3.89
CA VAL A 120 8.36 -42.34 -4.21
C VAL A 120 7.77 -43.56 -3.55
N GLU A 121 7.78 -44.66 -4.26
CA GLU A 121 7.34 -45.94 -3.76
C GLU A 121 8.47 -46.93 -4.00
N HIS A 122 8.55 -47.93 -3.16
CA HIS A 122 9.58 -48.95 -3.28
C HIS A 122 8.91 -50.30 -3.41
N ALA A 123 9.49 -51.18 -4.21
CA ALA A 123 8.90 -52.51 -4.41
C ALA A 123 9.07 -53.40 -3.20
N TYR A 124 10.07 -53.14 -2.36
CA TYR A 124 10.16 -53.78 -1.07
C TYR A 124 9.15 -53.20 -0.09
N GLY A 125 8.84 -51.92 -0.16
CA GLY A 125 7.78 -51.42 0.68
C GLY A 125 6.42 -51.97 0.33
N MET A 126 6.24 -52.41 -0.90
CA MET A 126 4.93 -52.82 -1.38
C MET A 126 4.92 -54.29 -1.76
N ARG A 127 5.66 -55.12 -1.04
CA ARG A 127 5.64 -56.57 -1.29
C ARG A 127 4.26 -57.14 -1.09
N ALA A 128 3.63 -56.79 0.04
CA ALA A 128 2.37 -57.35 0.46
C ALA A 128 1.18 -56.70 -0.22
N ALA A 129 1.35 -55.52 -0.81
CA ALA A 129 0.26 -54.75 -1.38
C ALA A 129 -0.43 -55.46 -2.52
N GLN A 130 0.16 -56.52 -3.07
CA GLN A 130 -0.44 -57.34 -4.13
C GLN A 130 -0.73 -56.55 -5.40
N PHE A 131 0.21 -55.68 -5.78
CA PHE A 131 0.06 -55.00 -7.04
C PHE A 131 0.33 -55.97 -8.17
N HIS A 132 0.04 -55.54 -9.39
CA HIS A 132 0.42 -56.35 -10.53
C HIS A 132 1.88 -56.14 -10.83
N ALA A 133 2.43 -56.98 -11.69
CA ALA A 133 3.86 -56.89 -11.99
C ALA A 133 4.22 -55.58 -12.67
N ARG A 134 3.32 -54.97 -13.45
CA ARG A 134 3.62 -53.74 -14.17
C ARG A 134 4.10 -52.66 -13.24
N PHE A 135 3.37 -52.47 -12.16
CA PHE A 135 3.60 -51.37 -11.25
C PHE A 135 4.83 -51.63 -10.39
N MET A 136 4.99 -52.86 -9.93
CA MET A 136 6.20 -53.25 -9.20
C MET A 136 7.43 -53.09 -10.08
N ASP A 137 7.30 -53.39 -11.36
CA ASP A 137 8.40 -53.13 -12.27
C ASP A 137 8.68 -51.64 -12.31
N ALA A 138 7.65 -50.81 -12.31
CA ALA A 138 7.86 -49.38 -12.32
C ALA A 138 8.46 -48.83 -11.04
N ILE A 139 8.53 -49.59 -9.95
CA ILE A 139 9.04 -49.06 -8.68
C ILE A 139 10.17 -49.90 -8.10
N THR A 140 10.74 -50.82 -8.86
CA THR A 140 11.57 -51.91 -8.31
C THR A 140 12.66 -51.67 -7.25
N PRO A 141 13.72 -50.88 -7.41
CA PRO A 141 14.24 -50.24 -6.20
C PRO A 141 13.33 -49.14 -5.74
N THR A 142 12.84 -48.36 -6.69
CA THR A 142 12.35 -47.03 -6.41
C THR A 142 11.56 -46.64 -7.63
N GLY A 143 10.75 -45.62 -7.49
CA GLY A 143 10.05 -45.09 -8.61
C GLY A 143 9.20 -43.96 -8.13
N THR A 144 8.89 -43.05 -9.01
CA THR A 144 8.01 -41.97 -8.73
C THR A 144 6.62 -42.38 -9.15
N VAL A 145 5.68 -42.25 -8.23
CA VAL A 145 4.28 -42.54 -8.48
C VAL A 145 3.54 -41.22 -8.47
N ILE A 146 2.77 -40.98 -9.52
CA ILE A 146 2.01 -39.75 -9.67
C ILE A 146 0.60 -40.08 -9.22
N THR A 147 0.17 -39.51 -8.11
CA THR A 147 -1.15 -39.78 -7.53
C THR A 147 -2.14 -38.71 -7.94
N LEU A 148 -3.09 -39.09 -8.76
CA LEU A 148 -4.18 -38.25 -9.19
C LEU A 148 -5.27 -38.31 -8.15
N LEU A 149 -5.49 -37.23 -7.44
CA LEU A 149 -6.49 -37.15 -6.39
C LEU A 149 -7.75 -36.58 -6.98
N GLY A 150 -8.86 -37.24 -6.73
CA GLY A 150 -10.07 -36.76 -7.32
C GLY A 150 -11.34 -37.26 -6.74
N LEU A 151 -12.35 -37.22 -7.60
CA LEU A 151 -13.72 -37.53 -7.23
C LEU A 151 -14.41 -38.11 -8.44
N THR A 152 -15.11 -39.19 -8.24
CA THR A 152 -15.97 -39.74 -9.26
C THR A 152 -17.27 -38.96 -9.23
N PRO A 153 -18.04 -38.94 -10.32
CA PRO A 153 -19.25 -38.11 -10.32
C PRO A 153 -20.31 -38.53 -9.32
N GLU A 154 -20.22 -39.72 -8.74
CA GLU A 154 -20.99 -40.10 -7.56
C GLU A 154 -20.42 -39.57 -6.26
N GLY A 155 -19.32 -38.84 -6.26
CA GLY A 155 -18.83 -38.30 -5.02
C GLY A 155 -17.81 -39.13 -4.31
N HIS A 156 -17.51 -40.33 -4.78
CA HIS A 156 -16.48 -41.11 -4.14
C HIS A 156 -15.13 -40.49 -4.35
N ARG A 157 -14.38 -40.35 -3.26
CA ARG A 157 -13.02 -39.86 -3.33
C ARG A 157 -12.17 -40.92 -3.99
N VAL A 158 -11.11 -40.51 -4.66
CA VAL A 158 -10.38 -41.48 -5.46
C VAL A 158 -8.95 -41.00 -5.65
N ALA A 159 -8.06 -41.95 -5.75
CA ALA A 159 -6.65 -41.77 -5.94
C ALA A 159 -6.29 -42.73 -7.04
N VAL A 160 -5.69 -42.24 -8.09
CA VAL A 160 -5.16 -43.07 -9.15
C VAL A 160 -3.67 -42.93 -9.07
N HIS A 161 -2.97 -44.03 -8.93
CA HIS A 161 -1.52 -44.03 -8.85
C HIS A 161 -0.96 -44.43 -10.20
N VAL A 162 -0.33 -43.49 -10.88
CA VAL A 162 0.29 -43.67 -12.19
C VAL A 162 1.76 -43.98 -12.00
N TYR A 163 2.23 -45.04 -12.64
CA TYR A 163 3.44 -45.74 -12.22
C TYR A 163 4.65 -45.53 -13.13
N GLY A 164 4.50 -45.53 -14.42
CA GLY A 164 5.67 -45.47 -15.27
C GLY A 164 6.40 -44.15 -15.41
N THR A 165 5.98 -43.04 -14.80
CA THR A 165 6.62 -41.78 -15.09
C THR A 165 8.04 -41.77 -14.55
N ARG A 166 8.94 -41.17 -15.29
CA ARG A 166 10.30 -40.92 -14.88
C ARG A 166 10.64 -39.48 -15.19
N GLN A 167 11.59 -38.98 -14.46
CA GLN A 167 12.13 -37.65 -14.56
C GLN A 167 13.44 -37.78 -15.33
N TYR A 168 13.80 -36.75 -16.07
CA TYR A 168 15.02 -36.86 -16.84
C TYR A 168 15.57 -35.50 -17.14
N PHE A 169 16.81 -35.49 -17.60
CA PHE A 169 17.53 -34.29 -17.95
C PHE A 169 18.50 -34.70 -19.04
N TYR A 170 18.99 -33.70 -19.74
CA TYR A 170 19.91 -33.88 -20.85
C TYR A 170 21.27 -33.35 -20.48
N MET A 171 22.29 -34.02 -20.98
CA MET A 171 23.64 -33.49 -20.96
C MET A 171 24.22 -33.61 -22.35
N ASN A 172 25.04 -32.65 -22.74
CA ASN A 172 25.65 -32.69 -24.06
C ASN A 172 26.58 -33.89 -24.17
N LYS A 173 26.37 -34.70 -25.21
CA LYS A 173 27.05 -35.99 -25.29
C LYS A 173 28.56 -35.81 -25.32
N GLU A 174 29.05 -34.96 -26.22
CA GLU A 174 30.47 -34.72 -26.35
C GLU A 174 31.07 -34.15 -25.07
N GLU A 175 30.37 -33.22 -24.44
CA GLU A 175 30.84 -32.62 -23.20
C GLU A 175 31.03 -33.68 -22.11
N VAL A 176 30.05 -34.55 -21.89
CA VAL A 176 30.21 -35.56 -20.85
C VAL A 176 31.19 -36.62 -21.30
N ASP A 177 31.30 -36.88 -22.60
CA ASP A 177 32.27 -37.86 -23.06
C ASP A 177 33.68 -37.38 -22.76
N ARG A 178 34.00 -36.16 -23.14
CA ARG A 178 35.35 -35.70 -22.87
C ARG A 178 35.59 -35.42 -21.40
N HIS A 179 34.55 -35.22 -20.60
CA HIS A 179 34.78 -34.90 -19.20
C HIS A 179 34.81 -36.16 -18.35
N LEU A 180 34.20 -37.24 -18.81
CA LEU A 180 34.02 -38.44 -18.04
C LEU A 180 34.51 -39.67 -18.75
N GLN A 181 34.98 -39.57 -19.98
CA GLN A 181 35.50 -40.72 -20.71
C GLN A 181 34.43 -41.80 -20.87
N CYS A 182 33.26 -41.40 -21.37
CA CYS A 182 32.08 -42.24 -21.41
C CYS A 182 31.96 -42.85 -22.80
N ARG A 183 32.28 -44.11 -22.90
CA ARG A 183 32.29 -44.85 -24.15
C ARG A 183 30.99 -45.58 -24.42
N ALA A 184 30.07 -45.61 -23.47
CA ALA A 184 28.73 -46.12 -23.71
C ALA A 184 27.78 -45.39 -22.78
N PRO A 185 26.48 -45.38 -23.07
CA PRO A 185 25.53 -44.79 -22.11
C PRO A 185 25.55 -45.50 -20.77
N ARG A 186 25.86 -46.80 -20.78
CA ARG A 186 26.04 -47.53 -19.54
C ARG A 186 27.13 -46.91 -18.68
N ASP A 187 28.19 -46.38 -19.31
CA ASP A 187 29.23 -45.72 -18.53
C ASP A 187 28.71 -44.47 -17.82
N LEU A 188 27.86 -43.68 -18.48
CA LEU A 188 27.32 -42.52 -17.79
C LEU A 188 26.45 -42.94 -16.63
N CYS A 189 25.65 -44.00 -16.82
CA CYS A 189 24.81 -44.49 -15.75
C CYS A 189 25.63 -44.94 -14.56
N GLU A 190 26.68 -45.74 -14.80
CA GLU A 190 27.59 -46.14 -13.74
C GLU A 190 28.21 -44.94 -13.03
N ARG A 191 28.67 -43.94 -13.78
N ARG A 191 28.66 -43.95 -13.79
CA ARG A 191 29.37 -42.82 -13.15
CA ARG A 191 29.37 -42.82 -13.20
C ARG A 191 28.43 -42.00 -12.27
C ARG A 191 28.46 -41.99 -12.32
N MET A 192 27.18 -41.83 -12.70
CA MET A 192 26.24 -41.14 -11.84
C MET A 192 25.91 -41.99 -10.61
N ALA A 193 25.75 -43.30 -10.79
CA ALA A 193 25.55 -44.17 -9.64
C ALA A 193 26.73 -44.09 -8.69
N ALA A 194 27.94 -44.13 -9.23
CA ALA A 194 29.14 -43.98 -8.42
C ALA A 194 29.12 -42.66 -7.66
N ALA A 195 28.87 -41.55 -8.33
CA ALA A 195 28.85 -40.26 -7.66
C ALA A 195 27.75 -40.14 -6.61
N LEU A 196 26.67 -40.93 -6.72
CA LEU A 196 25.68 -40.95 -5.66
C LEU A 196 26.07 -41.84 -4.50
N ARG A 197 26.96 -42.79 -4.73
CA ARG A 197 27.49 -43.58 -3.63
C ARG A 197 28.35 -42.70 -2.74
N GLU A 198 29.21 -41.91 -3.36
CA GLU A 198 30.32 -41.21 -2.73
C GLU A 198 29.93 -39.82 -2.29
N SER A 199 28.67 -39.57 -2.03
CA SER A 199 28.25 -38.26 -1.63
C SER A 199 28.79 -37.97 -0.23
N PRO A 200 28.92 -36.69 0.14
CA PRO A 200 29.43 -36.39 1.50
C PRO A 200 28.60 -37.01 2.61
N GLY A 201 27.28 -37.02 2.46
CA GLY A 201 26.42 -37.80 3.32
C GLY A 201 26.26 -39.19 2.74
N ALA A 202 25.46 -40.01 3.43
CA ALA A 202 25.10 -41.35 2.98
C ALA A 202 23.70 -41.38 2.39
N SER A 203 23.27 -40.28 1.80
CA SER A 203 21.85 -40.05 1.49
C SER A 203 21.32 -41.03 0.47
N PHE A 204 22.18 -41.61 -0.38
CA PHE A 204 21.78 -42.44 -1.52
C PHE A 204 22.41 -43.80 -1.47
N ARG A 205 22.45 -44.45 -0.32
CA ARG A 205 23.20 -45.68 -0.26
C ARG A 205 22.47 -46.80 -1.00
N GLY A 206 23.25 -47.73 -1.52
CA GLY A 206 22.73 -48.87 -2.23
C GLY A 206 22.08 -48.50 -3.55
N ILE A 207 22.70 -47.61 -4.30
CA ILE A 207 22.15 -47.06 -5.54
C ILE A 207 23.01 -47.56 -6.67
N SER A 208 22.40 -48.20 -7.64
CA SER A 208 23.13 -48.84 -8.71
C SER A 208 23.09 -48.03 -9.99
N ALA A 209 23.72 -48.61 -11.01
CA ALA A 209 23.70 -48.09 -12.36
C ALA A 209 22.47 -48.51 -13.14
N ASP A 210 21.62 -49.36 -12.56
CA ASP A 210 20.35 -49.74 -13.15
C ASP A 210 19.20 -48.92 -12.59
N HIS A 211 19.52 -47.82 -11.93
CA HIS A 211 18.56 -46.86 -11.43
C HIS A 211 18.48 -45.67 -12.36
N PHE A 212 19.33 -45.64 -13.41
CA PHE A 212 19.34 -44.66 -14.48
C PHE A 212 19.19 -45.39 -15.80
N GLU A 213 18.82 -44.67 -16.85
CA GLU A 213 18.73 -45.26 -18.19
C GLU A 213 19.11 -44.18 -19.19
N ALA A 214 20.32 -44.23 -19.72
CA ALA A 214 20.80 -43.23 -20.67
C ALA A 214 20.44 -43.60 -22.10
N GLU A 215 20.17 -42.58 -22.89
CA GLU A 215 19.83 -42.79 -24.28
C GLU A 215 20.29 -41.56 -25.04
N VAL A 216 20.86 -41.78 -26.21
CA VAL A 216 21.42 -40.72 -27.02
C VAL A 216 20.33 -40.17 -27.93
N VAL A 217 20.04 -38.88 -27.79
CA VAL A 217 19.02 -38.22 -28.58
C VAL A 217 19.62 -36.97 -29.18
N GLU A 218 19.08 -36.56 -30.31
CA GLU A 218 19.49 -35.34 -30.97
C GLU A 218 18.48 -34.26 -30.62
N ARG A 219 18.96 -33.20 -29.98
N ARG A 219 18.96 -33.21 -29.97
CA ARG A 219 18.15 -32.10 -29.54
CA ARG A 219 18.13 -32.10 -29.57
C ARG A 219 18.92 -30.82 -29.79
C ARG A 219 18.93 -30.83 -29.78
N THR A 220 18.32 -29.69 -29.47
CA THR A 220 18.95 -28.39 -29.68
C THR A 220 18.73 -27.58 -28.45
N ASP A 221 19.77 -26.88 -28.01
CA ASP A 221 19.57 -25.87 -26.99
C ASP A 221 18.66 -24.79 -27.55
N VAL A 222 17.86 -24.20 -26.66
CA VAL A 222 16.76 -23.32 -27.03
C VAL A 222 17.19 -21.92 -27.46
N TYR A 223 18.42 -21.52 -27.23
CA TYR A 223 18.90 -20.18 -27.50
C TYR A 223 19.45 -19.99 -28.94
N TYR A 224 19.66 -18.72 -29.32
CA TYR A 224 20.80 -18.40 -30.18
C TYR A 224 20.81 -19.13 -31.52
N TYR A 225 19.84 -18.79 -32.36
CA TYR A 225 19.30 -19.47 -33.53
C TYR A 225 20.40 -20.13 -34.34
N GLU A 226 21.56 -19.51 -34.49
CA GLU A 226 22.67 -20.24 -35.10
C GLU A 226 22.96 -21.59 -34.46
N THR A 227 22.53 -21.83 -33.22
CA THR A 227 22.85 -23.06 -32.48
C THR A 227 22.39 -24.28 -33.25
N ARG A 228 23.20 -25.29 -33.24
CA ARG A 228 23.02 -26.49 -34.04
C ARG A 228 22.40 -27.61 -33.20
N PRO A 229 21.68 -28.54 -33.82
CA PRO A 229 21.27 -29.73 -33.07
C PRO A 229 22.45 -30.63 -32.80
N ALA A 230 22.64 -30.94 -31.54
CA ALA A 230 23.71 -31.78 -31.06
C ALA A 230 23.11 -33.04 -30.49
N LEU A 231 24.01 -33.92 -30.12
CA LEU A 231 23.68 -35.16 -29.46
C LEU A 231 23.80 -34.94 -27.98
N PHE A 232 22.81 -35.45 -27.26
CA PHE A 232 22.72 -35.34 -25.83
C PHE A 232 22.40 -36.72 -25.31
N TYR A 233 22.79 -36.95 -24.09
CA TYR A 233 22.29 -38.07 -23.31
C TYR A 233 21.08 -37.58 -22.57
N ARG A 234 19.99 -38.32 -22.66
CA ARG A 234 18.89 -38.18 -21.73
C ARG A 234 18.97 -39.36 -20.77
N VAL A 235 18.74 -39.11 -19.49
CA VAL A 235 19.30 -39.94 -18.43
C VAL A 235 18.25 -40.79 -17.73
N TYR A 236 17.02 -40.31 -17.52
CA TYR A 236 15.97 -41.13 -16.89
C TYR A 236 16.32 -41.64 -15.50
N VAL A 237 16.50 -40.72 -14.57
CA VAL A 237 16.54 -41.05 -13.15
C VAL A 237 15.15 -41.43 -12.63
N ARG A 238 15.08 -42.05 -11.45
CA ARG A 238 13.85 -42.62 -10.88
C ARG A 238 13.28 -41.86 -9.69
N SER A 239 14.00 -40.93 -9.11
CA SER A 239 13.49 -40.16 -8.00
C SER A 239 14.03 -38.75 -8.12
N GLY A 240 13.19 -37.79 -7.80
CA GLY A 240 13.58 -36.41 -7.83
C GLY A 240 14.60 -36.03 -6.80
N ARG A 241 14.73 -36.80 -5.72
CA ARG A 241 15.84 -36.58 -4.79
C ARG A 241 17.15 -36.86 -5.48
N VAL A 242 17.25 -38.01 -6.13
CA VAL A 242 18.42 -38.37 -6.91
C VAL A 242 18.67 -37.35 -7.99
N LEU A 243 17.62 -36.89 -8.66
CA LEU A 243 17.79 -35.87 -9.67
C LEU A 243 18.34 -34.58 -9.08
N SER A 244 17.79 -34.15 -7.96
CA SER A 244 18.27 -32.91 -7.35
C SER A 244 19.72 -33.02 -6.98
N TYR A 245 20.12 -34.16 -6.44
CA TYR A 245 21.53 -34.33 -6.11
C TYR A 245 22.40 -34.31 -7.35
N LEU A 246 22.02 -35.06 -8.38
CA LEU A 246 22.86 -35.11 -9.57
C LEU A 246 22.97 -33.75 -10.23
N CYS A 247 21.88 -33.02 -10.31
CA CYS A 247 21.93 -31.75 -10.97
C CYS A 247 22.66 -30.72 -10.14
N ASP A 248 22.76 -30.93 -8.83
CA ASP A 248 23.50 -30.02 -7.97
C ASP A 248 24.99 -30.36 -7.90
N ASN A 249 25.37 -31.63 -7.98
CA ASN A 249 26.74 -32.06 -7.68
C ASN A 249 27.44 -32.92 -8.71
N PHE A 250 26.80 -33.39 -9.76
CA PHE A 250 27.42 -34.35 -10.67
C PHE A 250 27.94 -33.64 -11.89
N CYS A 251 29.26 -33.62 -12.04
CA CYS A 251 29.92 -32.87 -13.10
C CYS A 251 29.45 -31.43 -13.10
N PRO A 252 29.76 -30.64 -12.07
CA PRO A 252 29.19 -29.29 -11.99
C PRO A 252 29.57 -28.40 -13.16
N ALA A 253 30.65 -28.72 -13.88
CA ALA A 253 31.02 -27.93 -15.06
C ALA A 253 30.02 -28.12 -16.19
N ILE A 254 29.52 -29.34 -16.39
CA ILE A 254 28.63 -29.65 -17.49
C ILE A 254 27.24 -29.09 -17.22
N LYS A 255 26.59 -28.72 -18.30
CA LYS A 255 25.32 -28.00 -18.34
C LYS A 255 24.24 -29.06 -18.42
N LYS A 256 23.58 -29.30 -17.29
CA LYS A 256 22.42 -30.14 -17.25
C LYS A 256 21.23 -29.36 -17.80
N TYR A 257 20.35 -30.02 -18.55
CA TYR A 257 19.36 -29.25 -19.28
C TYR A 257 17.99 -29.15 -18.65
N GLU A 258 17.29 -30.23 -18.35
CA GLU A 258 16.08 -30.01 -17.56
C GLU A 258 16.04 -31.01 -16.43
N GLY A 259 16.62 -30.64 -15.31
CA GLY A 259 16.52 -31.41 -14.11
C GLY A 259 15.79 -30.65 -13.04
N GLY A 260 15.26 -29.50 -13.39
CA GLY A 260 14.31 -28.81 -12.58
C GLY A 260 12.90 -29.23 -12.82
N VAL A 261 12.64 -30.18 -13.71
CA VAL A 261 11.26 -30.51 -14.06
C VAL A 261 10.80 -31.64 -13.16
N ASP A 262 9.58 -31.52 -12.65
CA ASP A 262 8.99 -32.50 -11.75
C ASP A 262 8.74 -33.78 -12.50
N ALA A 263 8.31 -34.82 -11.78
CA ALA A 263 7.73 -35.95 -12.46
C ALA A 263 6.31 -35.67 -12.89
N THR A 264 5.61 -34.79 -12.19
CA THR A 264 4.27 -34.38 -12.57
C THR A 264 4.29 -33.69 -13.91
N THR A 265 5.22 -32.77 -14.10
CA THR A 265 5.25 -32.07 -15.37
C THR A 265 5.68 -33.00 -16.48
N ARG A 266 6.53 -33.98 -16.22
CA ARG A 266 6.78 -34.96 -17.26
C ARG A 266 5.56 -35.80 -17.52
N PHE A 267 4.70 -35.97 -16.53
CA PHE A 267 3.52 -36.80 -16.71
C PHE A 267 2.49 -36.05 -17.54
N ILE A 268 2.37 -34.76 -17.30
CA ILE A 268 1.41 -33.95 -18.03
C ILE A 268 1.90 -33.73 -19.45
N LEU A 269 3.15 -33.32 -19.62
CA LEU A 269 3.59 -32.94 -20.95
C LEU A 269 3.81 -34.16 -21.83
N ASP A 270 4.39 -35.23 -21.29
CA ASP A 270 4.69 -36.39 -22.10
C ASP A 270 3.45 -37.14 -22.54
N ASN A 271 2.31 -36.90 -21.93
CA ASN A 271 1.04 -37.48 -22.36
C ASN A 271 0.22 -36.37 -22.97
N PRO A 272 0.03 -36.30 -24.29
CA PRO A 272 -0.65 -35.14 -24.85
C PRO A 272 -2.12 -35.12 -24.46
N GLY A 273 -2.59 -33.95 -24.10
CA GLY A 273 -3.94 -33.73 -23.67
C GLY A 273 -4.14 -33.73 -22.17
N PHE A 274 -3.24 -34.33 -21.39
CA PHE A 274 -3.39 -34.41 -19.95
C PHE A 274 -3.38 -33.04 -19.30
N VAL A 275 -4.16 -32.92 -18.25
CA VAL A 275 -4.35 -31.68 -17.52
C VAL A 275 -4.16 -32.00 -16.05
N THR A 276 -3.80 -30.98 -15.29
CA THR A 276 -3.66 -31.11 -13.86
C THR A 276 -4.97 -30.92 -13.12
N PHE A 277 -6.00 -30.43 -13.80
CA PHE A 277 -7.28 -30.14 -13.18
C PHE A 277 -8.34 -30.45 -14.22
N GLY A 278 -8.93 -31.62 -14.15
CA GLY A 278 -10.01 -31.86 -15.08
C GLY A 278 -10.51 -33.28 -14.99
N TRP A 279 -11.48 -33.56 -15.83
CA TRP A 279 -12.04 -34.88 -15.89
C TRP A 279 -11.13 -35.83 -16.65
N TYR A 280 -11.21 -37.10 -16.30
CA TYR A 280 -10.40 -38.14 -16.87
C TYR A 280 -11.26 -39.37 -17.04
N ARG A 281 -10.67 -40.39 -17.65
CA ARG A 281 -11.26 -41.69 -17.90
C ARG A 281 -10.20 -42.71 -17.61
N LEU A 282 -10.64 -43.87 -17.16
CA LEU A 282 -9.78 -45.05 -17.19
C LEU A 282 -10.02 -45.78 -18.51
N LYS A 283 -9.01 -45.84 -19.34
CA LYS A 283 -9.06 -46.55 -20.60
C LYS A 283 -8.72 -47.99 -20.39
N PRO A 284 -8.88 -48.82 -21.42
CA PRO A 284 -8.27 -50.16 -21.38
C PRO A 284 -6.77 -50.22 -21.60
N GLY A 285 -6.12 -49.17 -22.06
CA GLY A 285 -4.67 -49.16 -22.14
C GLY A 285 -4.08 -50.08 -23.17
N ARG A 286 -2.77 -50.05 -23.39
CA ARG A 286 -2.20 -50.78 -24.51
C ARG A 286 -1.85 -52.21 -24.10
N ASN A 287 -2.22 -53.17 -24.95
CA ASN A 287 -2.15 -54.59 -24.65
C ASN A 287 -3.24 -54.99 -23.68
N ASN A 288 -4.32 -54.20 -23.62
CA ASN A 288 -5.48 -54.42 -22.76
C ASN A 288 -5.19 -54.25 -21.28
N THR A 289 -4.08 -53.66 -20.89
CA THR A 289 -3.79 -53.51 -19.47
C THR A 289 -4.74 -52.49 -18.88
N LEU A 290 -5.52 -52.90 -17.91
CA LEU A 290 -6.47 -52.02 -17.25
C LEU A 290 -5.90 -51.57 -15.93
N ALA A 291 -6.35 -50.42 -15.46
CA ALA A 291 -6.05 -50.04 -14.09
C ALA A 291 -6.59 -51.10 -13.17
N GLN A 292 -5.94 -51.32 -12.04
CA GLN A 292 -6.30 -52.37 -11.11
C GLN A 292 -6.52 -51.80 -9.71
N PRO A 293 -7.70 -51.95 -9.10
CA PRO A 293 -7.90 -51.29 -7.80
C PRO A 293 -7.06 -51.89 -6.69
N ARG A 294 -6.53 -51.02 -5.84
CA ARG A 294 -5.89 -51.43 -4.61
C ARG A 294 -6.86 -52.11 -3.66
N ALA A 295 -6.36 -53.02 -2.85
CA ALA A 295 -7.10 -53.43 -1.68
C ALA A 295 -7.09 -52.30 -0.66
N PRO A 296 -8.12 -52.19 0.19
CA PRO A 296 -8.20 -51.06 1.12
C PRO A 296 -6.99 -50.93 2.03
N MET A 297 -6.40 -52.04 2.44
CA MET A 297 -5.21 -51.97 3.26
C MET A 297 -4.01 -51.45 2.49
N ALA A 298 -3.99 -51.57 1.17
CA ALA A 298 -2.92 -50.97 0.39
C ALA A 298 -3.16 -49.50 0.05
N PHE A 299 -4.26 -48.89 0.47
CA PHE A 299 -4.51 -47.49 0.19
C PHE A 299 -3.44 -46.60 0.78
N GLY A 300 -2.96 -45.66 -0.01
CA GLY A 300 -1.99 -44.69 0.42
C GLY A 300 -2.63 -43.38 0.83
N THR A 301 -3.91 -43.19 0.55
CA THR A 301 -4.60 -41.95 0.77
C THR A 301 -5.89 -42.24 1.51
N SER A 302 -6.49 -41.17 2.01
CA SER A 302 -7.77 -41.23 2.71
C SER A 302 -8.90 -41.06 1.71
N SER A 303 -9.00 -42.05 0.84
CA SER A 303 -9.86 -41.97 -0.34
C SER A 303 -10.71 -43.20 -0.36
N ASP A 304 -11.87 -43.11 -1.02
CA ASP A 304 -12.82 -44.20 -0.98
C ASP A 304 -12.36 -45.36 -1.83
N VAL A 305 -11.98 -45.09 -3.07
CA VAL A 305 -11.46 -46.08 -4.01
C VAL A 305 -10.08 -45.65 -4.46
N GLU A 306 -9.32 -46.58 -5.01
CA GLU A 306 -7.91 -46.36 -5.23
C GLU A 306 -7.40 -47.29 -6.30
N PHE A 307 -6.94 -46.74 -7.41
CA PHE A 307 -6.39 -47.51 -8.52
C PHE A 307 -4.90 -47.30 -8.69
N ASN A 308 -4.31 -48.22 -9.42
CA ASN A 308 -2.98 -48.04 -9.96
C ASN A 308 -3.00 -48.44 -11.41
N CYS A 309 -2.35 -47.61 -12.20
CA CYS A 309 -2.42 -47.71 -13.63
C CYS A 309 -1.10 -47.22 -14.19
N THR A 310 -1.06 -47.04 -15.50
CA THR A 310 -0.02 -46.32 -16.19
C THR A 310 -0.73 -45.28 -17.01
N ALA A 311 0.03 -44.38 -17.60
CA ALA A 311 -0.56 -43.25 -18.31
C ALA A 311 -1.36 -43.72 -19.51
N ASP A 312 -1.01 -44.87 -20.09
CA ASP A 312 -1.80 -45.42 -21.18
C ASP A 312 -3.19 -45.84 -20.74
N ASN A 313 -3.44 -46.01 -19.45
CA ASN A 313 -4.77 -46.25 -18.94
C ASN A 313 -5.60 -44.99 -18.71
N LEU A 314 -5.08 -43.80 -18.95
CA LEU A 314 -5.84 -42.59 -18.69
C LEU A 314 -6.16 -41.87 -19.99
N ALA A 315 -7.38 -41.37 -20.09
CA ALA A 315 -7.81 -40.54 -21.18
C ALA A 315 -8.44 -39.28 -20.63
N ILE A 316 -8.18 -38.18 -21.32
CA ILE A 316 -8.54 -36.87 -20.81
C ILE A 316 -10.03 -36.66 -20.61
N GLU A 317 -10.90 -37.40 -21.28
CA GLU A 317 -12.34 -37.28 -21.04
C GLU A 317 -12.87 -35.85 -21.21
N GLY A 318 -12.72 -35.32 -22.41
CA GLY A 318 -13.42 -34.10 -22.71
C GLY A 318 -14.90 -34.36 -22.84
N GLY A 319 -15.67 -33.30 -22.75
CA GLY A 319 -17.11 -33.40 -22.79
C GLY A 319 -17.71 -32.95 -21.49
N MET A 320 -17.04 -33.29 -20.39
CA MET A 320 -17.40 -32.81 -19.07
C MET A 320 -16.48 -31.68 -18.68
N SER A 321 -17.04 -30.65 -18.03
CA SER A 321 -16.25 -29.52 -17.60
C SER A 321 -16.53 -29.03 -16.18
N ASP A 322 -17.46 -29.63 -15.45
CA ASP A 322 -17.97 -29.07 -14.21
C ASP A 322 -17.52 -29.88 -13.00
N LEU A 323 -17.42 -29.21 -11.84
CA LEU A 323 -16.77 -29.83 -10.71
C LEU A 323 -17.69 -30.90 -10.09
N PRO A 324 -17.14 -32.04 -9.62
CA PRO A 324 -17.94 -33.06 -8.92
C PRO A 324 -18.12 -32.99 -7.41
N ALA A 325 -18.58 -31.89 -6.89
CA ALA A 325 -19.00 -31.86 -5.49
C ALA A 325 -17.83 -32.15 -4.56
N TYR A 326 -16.74 -31.43 -4.76
CA TYR A 326 -15.71 -31.30 -3.77
C TYR A 326 -16.26 -30.53 -2.61
N LYS A 327 -15.59 -30.65 -1.48
CA LYS A 327 -15.98 -29.96 -0.28
C LYS A 327 -15.00 -28.86 0.02
N LEU A 328 -15.53 -27.76 0.46
CA LEU A 328 -14.78 -26.64 0.97
C LEU A 328 -14.95 -26.62 2.47
N MET A 329 -13.86 -26.39 3.17
CA MET A 329 -13.87 -26.12 4.59
C MET A 329 -13.39 -24.70 4.80
N CYS A 330 -14.28 -23.83 5.19
CA CYS A 330 -13.92 -22.50 5.61
C CYS A 330 -13.77 -22.51 7.12
N PHE A 331 -12.56 -22.34 7.64
CA PHE A 331 -12.36 -22.39 9.08
C PHE A 331 -11.69 -21.14 9.63
N ASP A 332 -11.78 -21.02 10.95
CA ASP A 332 -11.36 -19.81 11.68
C ASP A 332 -11.15 -20.18 13.13
N ILE A 333 -9.97 -19.94 13.68
CA ILE A 333 -9.70 -20.23 15.08
C ILE A 333 -9.86 -18.96 15.90
N GLU A 334 -10.06 -19.16 17.19
CA GLU A 334 -10.14 -18.12 18.19
C GLU A 334 -9.33 -18.54 19.39
N CYS A 335 -8.43 -17.71 19.83
CA CYS A 335 -7.38 -18.05 20.77
C CYS A 335 -7.47 -17.16 21.98
N LYS A 336 -7.02 -17.68 23.11
CA LYS A 336 -7.04 -16.96 24.38
C LYS A 336 -5.65 -16.87 24.97
N ALA A 337 -5.35 -15.75 25.59
CA ALA A 337 -4.06 -15.47 26.20
C ALA A 337 -4.12 -15.78 27.69
N GLY A 338 -3.39 -16.78 28.13
CA GLY A 338 -3.19 -17.00 29.54
C GLY A 338 -2.13 -16.05 30.08
N GLY A 339 -1.59 -16.39 31.23
CA GLY A 339 -0.57 -15.54 31.81
C GLY A 339 -1.17 -14.42 32.63
N GLU A 340 -0.28 -13.52 33.07
CA GLU A 340 -0.73 -12.38 33.87
C GLU A 340 -1.57 -11.44 33.05
N ASP A 341 -1.02 -10.97 31.96
CA ASP A 341 -1.77 -10.14 31.04
C ASP A 341 -2.47 -11.09 30.08
N GLU A 342 -3.77 -11.16 30.22
CA GLU A 342 -4.59 -11.81 29.23
C GLU A 342 -5.10 -10.80 28.23
N LEU A 343 -4.66 -9.55 28.33
CA LEU A 343 -4.77 -8.58 27.27
C LEU A 343 -3.54 -8.60 26.37
N ALA A 344 -2.61 -9.51 26.58
CA ALA A 344 -1.54 -9.78 25.63
C ALA A 344 -2.08 -10.65 24.52
N PHE A 345 -1.61 -10.42 23.31
CA PHE A 345 -2.10 -11.24 22.22
C PHE A 345 -1.62 -12.67 22.40
N PRO A 346 -2.41 -13.68 22.05
CA PRO A 346 -1.95 -15.07 22.23
C PRO A 346 -0.71 -15.39 21.41
N VAL A 347 0.15 -16.22 21.99
CA VAL A 347 1.35 -16.67 21.32
C VAL A 347 1.31 -18.19 21.30
N ALA A 348 1.50 -18.77 20.13
CA ALA A 348 1.31 -20.21 20.00
C ALA A 348 2.35 -20.99 20.78
N GLY A 349 3.52 -20.42 21.03
CA GLY A 349 4.54 -21.12 21.78
C GLY A 349 4.21 -21.27 23.25
N HIS A 350 3.41 -20.39 23.78
CA HIS A 350 3.09 -20.43 25.20
C HIS A 350 2.07 -21.53 25.44
N PRO A 351 2.34 -22.51 26.31
CA PRO A 351 1.32 -23.53 26.58
C PRO A 351 0.06 -23.00 27.21
N GLU A 352 0.10 -21.86 27.88
CA GLU A 352 -1.05 -21.23 28.53
C GLU A 352 -1.87 -20.33 27.60
N ASP A 353 -1.37 -20.03 26.42
CA ASP A 353 -2.08 -19.28 25.39
C ASP A 353 -2.64 -20.28 24.40
N LEU A 354 -3.94 -20.47 24.37
CA LEU A 354 -4.50 -21.68 23.80
C LEU A 354 -5.68 -21.37 22.87
N VAL A 355 -5.88 -22.28 21.92
CA VAL A 355 -6.99 -22.14 20.99
C VAL A 355 -8.24 -22.52 21.76
N ILE A 356 -9.22 -21.62 21.79
CA ILE A 356 -10.42 -21.81 22.58
C ILE A 356 -11.55 -22.21 21.67
N GLN A 357 -11.55 -21.77 20.42
CA GLN A 357 -12.64 -22.14 19.52
C GLN A 357 -12.17 -22.28 18.09
N ILE A 358 -12.88 -23.09 17.32
CA ILE A 358 -12.64 -23.25 15.89
C ILE A 358 -13.99 -23.36 15.21
N SER A 359 -14.36 -22.36 14.43
CA SER A 359 -15.50 -22.53 13.54
C SER A 359 -15.06 -23.18 12.26
N CYS A 360 -15.91 -24.04 11.73
CA CYS A 360 -15.56 -24.93 10.62
C CYS A 360 -16.82 -25.11 9.78
N LEU A 361 -16.87 -24.43 8.66
CA LEU A 361 -18.03 -24.47 7.77
C LEU A 361 -17.70 -25.36 6.61
N LEU A 362 -18.53 -26.35 6.39
CA LEU A 362 -18.35 -27.32 5.32
C LEU A 362 -19.37 -27.02 4.24
N TYR A 363 -18.90 -26.51 3.11
CA TYR A 363 -19.67 -26.26 1.90
C TYR A 363 -19.47 -27.34 0.87
N ASP A 364 -20.44 -27.48 -0.02
CA ASP A 364 -20.25 -28.25 -1.23
C ASP A 364 -19.81 -27.30 -2.33
N LEU A 365 -18.73 -27.64 -3.00
CA LEU A 365 -18.18 -26.71 -3.96
C LEU A 365 -18.94 -26.72 -5.30
N SER A 366 -19.58 -27.83 -5.68
CA SER A 366 -20.35 -27.81 -6.93
C SER A 366 -21.63 -27.00 -6.78
N THR A 367 -22.44 -27.29 -5.75
CA THR A 367 -23.66 -26.54 -5.55
C THR A 367 -23.46 -25.30 -4.70
N THR A 368 -22.28 -25.11 -4.12
CA THR A 368 -21.95 -23.94 -3.30
C THR A 368 -22.78 -23.84 -2.02
N ALA A 369 -23.32 -24.95 -1.56
CA ALA A 369 -24.28 -24.98 -0.47
C ALA A 369 -23.59 -25.25 0.86
N LEU A 370 -23.78 -24.38 1.83
CA LEU A 370 -23.25 -24.63 3.16
C LEU A 370 -23.97 -25.81 3.77
N GLU A 371 -23.24 -26.87 4.00
CA GLU A 371 -23.78 -28.14 4.46
C GLU A 371 -23.67 -28.34 5.96
N HIS A 372 -22.56 -27.97 6.57
CA HIS A 372 -22.38 -28.16 8.00
C HIS A 372 -21.75 -26.93 8.61
N VAL A 373 -22.16 -26.65 9.83
CA VAL A 373 -21.64 -25.57 10.64
C VAL A 373 -21.20 -26.23 11.92
N LEU A 374 -19.90 -26.29 12.15
CA LEU A 374 -19.31 -26.89 13.32
C LEU A 374 -18.61 -25.82 14.12
N LEU A 375 -18.79 -25.85 15.41
CA LEU A 375 -18.07 -24.97 16.31
C LEU A 375 -17.42 -25.86 17.35
N PHE A 376 -16.11 -26.00 17.24
CA PHE A 376 -15.32 -26.64 18.25
C PHE A 376 -15.09 -25.64 19.35
N SER A 377 -15.33 -26.06 20.59
CA SER A 377 -15.21 -25.14 21.70
C SER A 377 -14.50 -25.81 22.86
N LEU A 378 -13.64 -25.09 23.53
CA LEU A 378 -12.96 -25.58 24.71
C LEU A 378 -13.70 -25.00 25.89
N GLY A 379 -14.48 -25.84 26.54
CA GLY A 379 -15.44 -25.46 27.54
C GLY A 379 -16.84 -25.32 26.96
N SER A 380 -17.81 -25.30 27.85
CA SER A 380 -19.21 -25.26 27.45
C SER A 380 -19.53 -23.99 26.70
N CYS A 381 -20.43 -24.13 25.73
CA CYS A 381 -20.72 -23.04 24.82
C CYS A 381 -22.16 -23.22 24.40
N ASP A 382 -22.96 -22.19 24.62
CA ASP A 382 -24.39 -22.19 24.35
C ASP A 382 -24.59 -21.02 23.40
N LEU A 383 -24.72 -21.33 22.12
CA LEU A 383 -24.83 -20.29 21.13
C LEU A 383 -26.09 -19.46 21.35
N PRO A 384 -26.06 -18.14 21.14
CA PRO A 384 -27.23 -17.31 21.41
C PRO A 384 -28.42 -17.68 20.55
N GLU A 385 -29.63 -17.46 21.08
CA GLU A 385 -30.81 -17.76 20.27
C GLU A 385 -31.01 -16.80 19.12
N SER A 386 -30.58 -15.54 19.23
CA SER A 386 -30.72 -14.65 18.08
C SER A 386 -29.87 -15.16 16.93
N HIS A 387 -28.67 -15.62 17.23
CA HIS A 387 -27.80 -16.15 16.22
C HIS A 387 -28.39 -17.40 15.56
N LEU A 388 -28.89 -18.33 16.37
CA LEU A 388 -29.43 -19.56 15.82
C LEU A 388 -30.67 -19.30 14.99
N ASN A 389 -31.46 -18.33 15.40
CA ASN A 389 -32.63 -17.94 14.64
C ASN A 389 -32.24 -17.29 13.32
N GLU A 390 -31.19 -16.49 13.32
CA GLU A 390 -30.72 -15.94 12.06
C GLU A 390 -30.26 -17.04 11.11
N LEU A 391 -29.53 -18.01 11.63
CA LEU A 391 -29.08 -19.11 10.78
C LEU A 391 -30.26 -19.87 10.21
N ALA A 392 -31.28 -20.13 11.02
CA ALA A 392 -32.45 -20.84 10.53
C ALA A 392 -33.23 -19.99 9.56
N ALA A 393 -33.28 -18.68 9.76
CA ALA A 393 -33.96 -17.79 8.84
C ALA A 393 -33.34 -17.84 7.46
N ARG A 394 -32.02 -17.84 7.39
CA ARG A 394 -31.32 -17.92 6.11
C ARG A 394 -31.24 -19.33 5.54
N GLY A 395 -31.86 -20.32 6.14
CA GLY A 395 -31.79 -21.64 5.56
C GLY A 395 -30.48 -22.34 5.74
N LEU A 396 -29.63 -21.83 6.59
CA LEU A 396 -28.33 -22.41 6.83
C LEU A 396 -28.45 -23.54 7.84
N PRO A 397 -27.48 -24.45 7.87
CA PRO A 397 -27.58 -25.58 8.81
C PRO A 397 -27.53 -25.09 10.25
N THR A 398 -28.10 -25.87 11.14
CA THR A 398 -27.98 -25.57 12.56
C THR A 398 -26.56 -25.86 13.02
N PRO A 399 -25.93 -24.97 13.79
CA PRO A 399 -24.62 -25.28 14.34
C PRO A 399 -24.60 -26.48 15.25
N VAL A 400 -23.49 -27.19 15.18
CA VAL A 400 -23.18 -28.34 15.99
C VAL A 400 -22.01 -27.93 16.85
N VAL A 401 -22.26 -27.56 18.09
CA VAL A 401 -21.21 -27.14 18.99
C VAL A 401 -20.60 -28.37 19.63
N LEU A 402 -19.31 -28.55 19.43
CA LEU A 402 -18.54 -29.62 20.01
C LEU A 402 -17.73 -29.04 21.14
N GLU A 403 -17.83 -29.66 22.30
CA GLU A 403 -17.21 -29.16 23.51
C GLU A 403 -16.10 -30.08 23.96
N PHE A 404 -15.02 -29.51 24.44
CA PHE A 404 -13.85 -30.26 24.85
C PHE A 404 -13.41 -29.74 26.19
N ASP A 405 -12.73 -30.60 26.94
CA ASP A 405 -12.18 -30.17 28.21
C ASP A 405 -10.83 -29.54 28.10
N SER A 406 -10.02 -29.94 27.14
CA SER A 406 -8.66 -29.45 27.00
C SER A 406 -8.45 -29.01 25.57
N GLU A 407 -7.36 -28.31 25.37
CA GLU A 407 -7.05 -27.83 24.02
C GLU A 407 -6.65 -28.98 23.12
N PHE A 408 -5.93 -29.96 23.64
CA PHE A 408 -5.54 -31.07 22.81
C PHE A 408 -6.74 -31.82 22.30
N GLU A 409 -7.76 -32.03 23.14
CA GLU A 409 -8.96 -32.70 22.66
C GLU A 409 -9.60 -31.94 21.51
N MET A 410 -9.68 -30.63 21.62
CA MET A 410 -10.26 -29.80 20.58
C MET A 410 -9.44 -29.84 19.31
N LEU A 411 -8.13 -29.64 19.41
CA LEU A 411 -7.31 -29.61 18.21
C LEU A 411 -7.21 -30.99 17.59
N LEU A 412 -7.18 -32.04 18.39
CA LEU A 412 -7.20 -33.37 17.84
C LEU A 412 -8.51 -33.63 17.13
N ALA A 413 -9.62 -33.16 17.69
CA ALA A 413 -10.90 -33.37 17.06
C ALA A 413 -11.00 -32.59 15.75
N PHE A 414 -10.44 -31.40 15.71
CA PHE A 414 -10.44 -30.63 14.48
C PHE A 414 -9.60 -31.29 13.41
N MET A 415 -8.42 -31.78 13.78
CA MET A 415 -7.57 -32.45 12.83
C MET A 415 -8.13 -33.80 12.43
N THR A 416 -8.88 -34.43 13.30
CA THR A 416 -9.58 -35.65 12.93
C THR A 416 -10.71 -35.36 11.95
N LEU A 417 -11.36 -34.22 12.10
CA LEU A 417 -12.35 -33.81 11.12
C LEU A 417 -11.68 -33.59 9.79
N VAL A 418 -10.57 -32.85 9.79
CA VAL A 418 -9.87 -32.56 8.57
C VAL A 418 -9.39 -33.83 7.90
N LYS A 419 -9.13 -34.89 8.64
CA LYS A 419 -8.69 -36.13 8.01
C LYS A 419 -9.86 -37.00 7.56
N GLN A 420 -10.93 -37.05 8.33
CA GLN A 420 -12.08 -37.90 8.04
C GLN A 420 -12.97 -37.30 6.96
N TYR A 421 -13.36 -36.05 7.14
CA TYR A 421 -14.04 -35.35 6.07
C TYR A 421 -13.11 -35.15 4.88
N GLY A 422 -11.94 -34.60 5.13
CA GLY A 422 -10.93 -34.39 4.14
C GLY A 422 -11.39 -33.45 3.07
N PRO A 423 -11.64 -32.20 3.43
CA PRO A 423 -12.07 -31.23 2.43
C PRO A 423 -10.99 -31.08 1.38
N GLU A 424 -11.42 -31.04 0.14
CA GLU A 424 -10.47 -30.88 -0.93
C GLU A 424 -10.00 -29.44 -1.01
N PHE A 425 -10.83 -28.51 -0.59
CA PHE A 425 -10.43 -27.13 -0.57
C PHE A 425 -10.64 -26.63 0.84
N VAL A 426 -9.73 -25.80 1.30
CA VAL A 426 -9.85 -25.14 2.58
C VAL A 426 -9.68 -23.67 2.33
N THR A 427 -10.31 -22.88 3.15
CA THR A 427 -10.31 -21.46 2.97
C THR A 427 -10.55 -20.84 4.33
N GLY A 428 -10.28 -19.58 4.37
CA GLY A 428 -10.47 -18.80 5.55
C GLY A 428 -9.79 -17.51 5.25
N TYR A 429 -9.93 -16.59 6.15
CA TYR A 429 -9.32 -15.30 6.02
C TYR A 429 -8.06 -15.31 6.84
N ASN A 430 -6.93 -15.16 6.17
CA ASN A 430 -5.65 -15.00 6.81
C ASN A 430 -5.25 -16.27 7.53
N ILE A 431 -5.61 -17.42 6.98
CA ILE A 431 -5.29 -18.69 7.59
C ILE A 431 -3.84 -19.09 7.42
N ILE A 432 -3.06 -18.42 6.60
CA ILE A 432 -1.68 -18.85 6.35
C ILE A 432 -0.79 -18.03 7.26
N ASN A 433 -1.19 -16.82 7.58
CA ASN A 433 -0.41 -16.06 8.52
C ASN A 433 -0.75 -16.32 9.97
N PHE A 434 -2.02 -16.56 10.32
CA PHE A 434 -2.35 -16.75 11.72
C PHE A 434 -2.88 -18.12 12.08
N ASP A 435 -3.90 -18.61 11.38
CA ASP A 435 -4.65 -19.76 11.89
C ASP A 435 -3.88 -21.05 11.77
N TRP A 436 -3.46 -21.40 10.57
CA TRP A 436 -2.71 -22.65 10.41
C TRP A 436 -1.40 -22.61 11.16
N PRO A 437 -0.61 -21.55 11.12
CA PRO A 437 0.57 -21.49 11.98
C PRO A 437 0.29 -21.68 13.45
N PHE A 438 -0.78 -21.09 13.99
CA PHE A 438 -1.10 -21.27 15.40
C PHE A 438 -1.46 -22.72 15.71
N LEU A 439 -2.30 -23.32 14.87
CA LEU A 439 -2.69 -24.71 15.10
C LEU A 439 -1.50 -25.64 15.00
N LEU A 440 -0.64 -25.44 14.02
CA LEU A 440 0.46 -26.36 13.82
C LEU A 440 1.55 -26.13 14.83
N ALA A 441 1.74 -24.88 15.29
CA ALA A 441 2.58 -24.63 16.44
C ALA A 441 2.07 -25.35 17.67
N LYS A 442 0.78 -25.32 17.92
CA LYS A 442 0.26 -26.04 19.06
C LYS A 442 0.43 -27.53 18.87
N LEU A 443 0.24 -28.04 17.67
CA LEU A 443 0.23 -29.47 17.48
C LEU A 443 1.62 -30.06 17.36
N THR A 444 2.63 -29.23 17.14
CA THR A 444 3.99 -29.68 17.03
C THR A 444 4.84 -29.24 18.19
N ASP A 445 4.81 -27.95 18.56
CA ASP A 445 5.57 -27.50 19.71
C ASP A 445 5.06 -28.09 21.01
N ILE A 446 3.75 -28.11 21.21
CA ILE A 446 3.20 -28.36 22.53
C ILE A 446 2.73 -29.79 22.68
N TYR A 447 2.07 -30.33 21.66
CA TYR A 447 1.49 -31.67 21.75
C TYR A 447 2.20 -32.71 20.93
N LYS A 448 3.08 -32.31 20.01
CA LYS A 448 3.97 -33.24 19.32
C LYS A 448 3.21 -34.29 18.52
N VAL A 449 2.14 -33.86 17.87
CA VAL A 449 1.39 -34.70 16.95
C VAL A 449 2.07 -34.67 15.59
N PRO A 450 2.36 -35.80 14.96
CA PRO A 450 2.91 -35.77 13.59
C PRO A 450 1.85 -35.48 12.54
N LEU A 451 2.00 -34.35 11.85
CA LEU A 451 1.00 -33.91 10.90
C LEU A 451 1.18 -34.49 9.51
N ASP A 452 2.10 -35.42 9.31
CA ASP A 452 2.38 -35.91 7.97
C ASP A 452 1.25 -36.76 7.39
N GLY A 453 0.50 -37.48 8.20
CA GLY A 453 -0.63 -38.26 7.78
C GLY A 453 -1.97 -37.57 7.88
N TYR A 454 -2.05 -36.31 8.27
CA TYR A 454 -3.29 -35.59 8.38
C TYR A 454 -3.73 -34.90 7.11
N GLY A 455 -3.03 -35.10 6.02
CA GLY A 455 -3.40 -34.63 4.74
C GLY A 455 -4.09 -35.76 4.02
N ARG A 456 -4.06 -35.72 2.70
CA ARG A 456 -4.74 -36.74 1.95
C ARG A 456 -4.01 -38.06 1.99
N MET A 457 -2.72 -38.06 2.30
CA MET A 457 -1.96 -39.29 2.39
C MET A 457 -1.99 -39.75 3.82
N ASN A 458 -2.04 -41.04 4.00
CA ASN A 458 -2.09 -41.62 5.33
C ASN A 458 -0.81 -41.43 6.09
N GLY A 459 0.26 -41.05 5.41
CA GLY A 459 1.46 -40.69 6.10
C GLY A 459 2.48 -40.18 5.13
N ARG A 460 3.49 -39.53 5.68
N ARG A 460 3.49 -39.53 5.68
CA ARG A 460 4.61 -38.95 4.96
CA ARG A 460 4.61 -38.94 4.96
C ARG A 460 4.17 -37.89 3.95
C ARG A 460 4.18 -37.88 3.94
N GLY A 461 3.22 -37.05 4.30
CA GLY A 461 2.74 -36.08 3.34
C GLY A 461 3.14 -34.74 3.84
N VAL A 462 3.21 -33.75 2.98
CA VAL A 462 3.61 -32.43 3.40
C VAL A 462 2.41 -31.82 4.11
N PHE A 463 2.66 -31.24 5.26
CA PHE A 463 1.67 -30.49 6.01
C PHE A 463 2.28 -29.21 6.52
N ARG A 464 3.02 -28.54 5.68
CA ARG A 464 3.90 -27.46 6.11
C ARG A 464 3.29 -26.12 5.80
N VAL A 465 3.85 -25.12 6.46
CA VAL A 465 3.56 -23.71 6.26
C VAL A 465 4.91 -23.01 6.26
N TRP A 466 5.15 -22.20 5.24
CA TRP A 466 6.32 -21.35 5.10
C TRP A 466 5.90 -19.91 5.28
N ASP A 467 6.44 -19.24 6.26
CA ASP A 467 6.28 -17.80 6.32
C ASP A 467 7.39 -17.16 5.48
N ILE A 468 7.20 -15.89 5.13
CA ILE A 468 8.27 -15.19 4.44
C ILE A 468 9.50 -15.14 5.33
N GLY A 469 9.31 -14.69 6.57
CA GLY A 469 10.41 -14.71 7.52
C GLY A 469 11.56 -13.87 7.05
N GLN A 470 12.75 -14.47 7.00
CA GLN A 470 13.95 -13.74 6.68
C GLN A 470 14.28 -13.76 5.20
N SER A 471 13.38 -14.31 4.39
CA SER A 471 13.64 -14.51 2.97
C SER A 471 13.26 -13.23 2.24
N HIS A 472 14.26 -12.45 1.86
CA HIS A 472 13.97 -11.33 0.96
C HIS A 472 13.51 -11.80 -0.43
N PHE A 473 13.70 -13.09 -0.78
CA PHE A 473 13.15 -13.58 -2.04
C PHE A 473 11.62 -13.69 -2.03
N GLN A 474 11.05 -14.31 -0.99
CA GLN A 474 9.66 -14.73 -1.01
C GLN A 474 8.74 -13.52 -1.09
N LYS A 475 7.67 -13.66 -1.88
CA LYS A 475 6.62 -12.66 -1.90
C LYS A 475 5.52 -13.00 -0.94
N ARG A 476 5.36 -14.26 -0.56
CA ARG A 476 4.20 -14.65 0.19
C ARG A 476 4.50 -15.90 0.97
N SER A 477 3.79 -16.04 2.07
CA SER A 477 3.75 -17.24 2.86
C SER A 477 2.90 -18.27 2.15
N LYS A 478 3.31 -19.52 2.28
CA LYS A 478 2.77 -20.62 1.53
C LYS A 478 2.31 -21.67 2.52
N ILE A 479 1.35 -22.46 2.12
CA ILE A 479 0.97 -23.64 2.87
C ILE A 479 0.82 -24.75 1.87
N LYS A 480 1.35 -25.91 2.21
CA LYS A 480 1.22 -27.08 1.35
C LYS A 480 0.78 -28.18 2.27
N VAL A 481 -0.49 -28.53 2.19
CA VAL A 481 -1.03 -29.77 2.70
C VAL A 481 -1.29 -30.66 1.50
N ASN A 482 -0.83 -31.89 1.54
CA ASN A 482 -1.04 -32.75 0.39
C ASN A 482 -2.51 -33.08 0.19
N GLY A 483 -2.97 -32.95 -1.04
CA GLY A 483 -4.35 -33.20 -1.42
C GLY A 483 -5.36 -32.23 -0.88
N MET A 484 -4.97 -31.00 -0.63
CA MET A 484 -5.78 -30.05 0.10
C MET A 484 -5.38 -28.67 -0.38
N VAL A 485 -6.24 -28.05 -1.16
CA VAL A 485 -5.98 -26.75 -1.75
C VAL A 485 -6.40 -25.69 -0.75
N ASN A 486 -5.45 -25.02 -0.18
CA ASN A 486 -5.68 -23.93 0.75
C ASN A 486 -5.72 -22.65 -0.05
N ILE A 487 -6.89 -22.05 -0.14
CA ILE A 487 -7.03 -20.75 -0.75
C ILE A 487 -7.34 -19.78 0.37
N ASP A 488 -6.33 -19.14 0.89
CA ASP A 488 -6.54 -18.03 1.80
C ASP A 488 -7.22 -16.90 1.04
N MET A 489 -8.37 -16.49 1.53
CA MET A 489 -9.12 -15.40 0.91
C MET A 489 -8.50 -14.06 1.20
N TYR A 490 -7.59 -13.99 2.17
CA TYR A 490 -6.82 -12.78 2.39
C TYR A 490 -5.95 -12.44 1.19
N GLY A 491 -5.27 -13.44 0.61
CA GLY A 491 -4.50 -13.20 -0.59
C GLY A 491 -5.37 -12.86 -1.78
N ILE A 492 -6.53 -13.50 -1.88
CA ILE A 492 -7.42 -13.26 -3.01
C ILE A 492 -7.92 -11.84 -2.95
N ILE A 493 -8.36 -11.39 -1.78
CA ILE A 493 -8.94 -10.05 -1.72
C ILE A 493 -7.85 -9.01 -1.82
N THR A 494 -6.65 -9.30 -1.36
CA THR A 494 -5.54 -8.40 -1.55
C THR A 494 -5.18 -8.28 -3.02
N ASP A 495 -5.53 -9.26 -3.84
CA ASP A 495 -5.26 -9.17 -5.26
C ASP A 495 -6.37 -8.48 -6.03
N LYS A 496 -7.62 -8.61 -5.59
CA LYS A 496 -8.74 -8.16 -6.39
C LYS A 496 -9.29 -6.80 -5.98
N ILE A 497 -8.99 -6.30 -4.81
CA ILE A 497 -9.65 -5.12 -4.29
C ILE A 497 -8.57 -4.26 -3.69
N LYS A 498 -8.67 -2.96 -3.92
CA LYS A 498 -7.70 -2.01 -3.38
C LYS A 498 -8.32 -1.34 -2.16
N LEU A 499 -7.86 -1.75 -1.00
CA LEU A 499 -8.25 -1.19 0.27
C LEU A 499 -7.04 -0.77 1.06
N SER A 500 -7.20 0.31 1.82
CA SER A 500 -6.21 0.66 2.82
C SER A 500 -6.09 -0.41 3.89
N SER A 501 -7.22 -0.95 4.33
CA SER A 501 -7.25 -2.01 5.32
C SER A 501 -7.91 -3.25 4.76
N TYR A 502 -7.31 -4.39 5.05
CA TYR A 502 -7.81 -5.69 4.66
C TYR A 502 -8.29 -6.51 5.85
N LYS A 503 -8.68 -5.86 6.93
CA LYS A 503 -9.40 -6.54 7.98
C LYS A 503 -10.68 -7.12 7.44
N LEU A 504 -11.12 -8.21 8.03
CA LEU A 504 -12.28 -8.90 7.50
C LEU A 504 -13.53 -8.04 7.61
N ASN A 505 -13.63 -7.21 8.64
CA ASN A 505 -14.76 -6.27 8.71
C ASN A 505 -14.68 -5.23 7.61
N ALA A 506 -13.50 -4.67 7.35
CA ALA A 506 -13.36 -3.69 6.30
C ALA A 506 -13.65 -4.31 4.95
N VAL A 507 -13.17 -5.52 4.74
CA VAL A 507 -13.42 -6.21 3.49
C VAL A 507 -14.89 -6.55 3.35
N ALA A 508 -15.56 -6.88 4.46
CA ALA A 508 -16.98 -7.17 4.39
C ALA A 508 -17.79 -5.92 4.09
N GLU A 509 -17.36 -4.78 4.63
CA GLU A 509 -18.01 -3.52 4.32
C GLU A 509 -17.84 -3.17 2.85
N ALA A 510 -16.65 -3.40 2.32
CA ALA A 510 -16.31 -2.95 0.99
C ALA A 510 -16.79 -3.89 -0.11
N VAL A 511 -16.83 -5.19 0.13
CA VAL A 511 -17.11 -6.15 -0.92
C VAL A 511 -18.54 -6.64 -0.87
N LEU A 512 -19.08 -6.87 0.32
CA LEU A 512 -20.38 -7.48 0.49
C LEU A 512 -21.43 -6.50 0.98
N LYS A 513 -21.04 -5.28 1.34
CA LYS A 513 -21.91 -4.26 1.90
C LYS A 513 -22.57 -4.74 3.19
N ASP A 514 -21.94 -5.69 3.86
CA ASP A 514 -22.40 -6.25 5.12
C ASP A 514 -21.58 -5.58 6.21
N LYS A 515 -22.26 -4.81 7.05
N LYS A 515 -22.24 -4.78 7.04
CA LYS A 515 -21.67 -4.19 8.22
CA LYS A 515 -21.64 -4.15 8.20
C LYS A 515 -21.76 -5.20 9.34
C LYS A 515 -21.73 -5.14 9.37
N LYS A 516 -20.72 -6.00 9.47
CA LYS A 516 -20.62 -6.94 10.56
C LYS A 516 -20.23 -6.23 11.85
N LYS A 517 -20.30 -6.99 12.94
CA LYS A 517 -19.83 -6.56 14.26
C LYS A 517 -18.52 -7.26 14.57
N ASP A 518 -17.50 -6.50 14.96
CA ASP A 518 -16.23 -7.10 15.35
C ASP A 518 -16.20 -7.42 16.84
N LEU A 519 -15.43 -8.46 17.18
CA LEU A 519 -15.03 -8.80 18.56
C LEU A 519 -13.52 -8.72 18.68
N SER A 520 -13.05 -7.62 19.25
CA SER A 520 -11.63 -7.47 19.53
C SER A 520 -11.16 -8.55 20.50
N TYR A 521 -9.94 -9.02 20.28
CA TYR A 521 -9.39 -10.10 21.10
C TYR A 521 -9.28 -9.71 22.57
N ARG A 522 -9.13 -8.44 22.86
CA ARG A 522 -8.98 -7.98 24.24
C ARG A 522 -10.20 -8.37 25.09
N ASP A 523 -11.35 -8.54 24.47
CA ASP A 523 -12.60 -8.90 25.12
C ASP A 523 -12.75 -10.40 25.32
N ILE A 524 -11.90 -11.22 24.74
CA ILE A 524 -12.09 -12.65 24.71
C ILE A 524 -11.77 -13.27 26.07
N PRO A 525 -10.77 -12.84 26.83
CA PRO A 525 -10.66 -13.32 28.22
C PRO A 525 -11.92 -13.09 29.04
N ALA A 526 -12.40 -11.85 29.13
CA ALA A 526 -13.57 -11.55 29.95
C ALA A 526 -14.78 -12.38 29.56
N TYR A 527 -15.14 -12.36 28.27
CA TYR A 527 -16.21 -13.22 27.79
C TYR A 527 -15.96 -14.67 28.17
N TYR A 528 -14.74 -15.15 27.95
CA TYR A 528 -14.48 -16.54 28.23
C TYR A 528 -14.65 -16.88 29.69
N ALA A 529 -14.47 -15.92 30.58
CA ALA A 529 -14.50 -16.26 31.99
C ALA A 529 -15.91 -16.23 32.56
N THR A 530 -16.87 -15.63 31.85
CA THR A 530 -18.18 -15.51 32.47
C THR A 530 -18.87 -16.86 32.62
N GLY A 531 -18.86 -17.67 31.58
CA GLY A 531 -19.63 -18.88 31.58
C GLY A 531 -20.04 -19.24 30.17
N PRO A 532 -20.88 -20.27 30.01
CA PRO A 532 -21.19 -20.76 28.68
C PRO A 532 -21.88 -19.78 27.75
N ALA A 533 -22.68 -18.86 28.25
CA ALA A 533 -23.37 -17.91 27.39
C ALA A 533 -22.39 -17.00 26.67
N GLN A 534 -21.39 -16.49 27.39
CA GLN A 534 -20.45 -15.55 26.78
C GLN A 534 -19.46 -16.25 25.89
N ARG A 535 -19.15 -17.49 26.20
CA ARG A 535 -18.43 -18.28 25.23
C ARG A 535 -19.31 -18.54 24.01
N GLY A 536 -20.62 -18.64 24.19
CA GLY A 536 -21.52 -18.71 23.06
C GLY A 536 -21.46 -17.47 22.20
N VAL A 537 -21.30 -16.33 22.84
CA VAL A 537 -21.13 -15.09 22.11
C VAL A 537 -19.83 -15.12 21.32
N ILE A 538 -18.75 -15.62 21.91
CA ILE A 538 -17.51 -15.77 21.15
C ILE A 538 -17.73 -16.70 19.96
N GLY A 539 -18.45 -17.79 20.16
CA GLY A 539 -18.76 -18.68 19.07
C GLY A 539 -19.56 -18.02 17.97
N GLU A 540 -20.45 -17.11 18.34
CA GLU A 540 -21.23 -16.38 17.35
C GLU A 540 -20.31 -15.58 16.45
N TYR A 541 -19.37 -14.84 17.03
CA TYR A 541 -18.44 -14.12 16.15
C TYR A 541 -17.55 -15.07 15.36
N CYS A 542 -17.15 -16.19 15.92
CA CYS A 542 -16.32 -17.09 15.14
C CYS A 542 -17.10 -17.65 13.94
N ILE A 543 -18.37 -18.00 14.13
CA ILE A 543 -19.17 -18.51 13.03
C ILE A 543 -19.47 -17.40 12.01
N GLN A 544 -19.74 -16.19 12.48
CA GLN A 544 -20.01 -15.10 11.55
C GLN A 544 -18.80 -14.82 10.69
N ASP A 545 -17.61 -14.89 11.27
CA ASP A 545 -16.42 -14.69 10.48
C ASP A 545 -16.29 -15.75 9.41
N SER A 546 -16.52 -17.02 9.77
CA SER A 546 -16.45 -18.06 8.76
C SER A 546 -17.53 -17.89 7.68
N LEU A 547 -18.73 -17.44 8.04
CA LEU A 547 -19.79 -17.28 7.05
C LEU A 547 -19.48 -16.17 6.07
N LEU A 548 -18.94 -15.06 6.56
CA LEU A 548 -18.50 -14.00 5.67
C LEU A 548 -17.40 -14.47 4.73
N VAL A 549 -16.46 -15.24 5.24
CA VAL A 549 -15.40 -15.71 4.37
C VAL A 549 -15.92 -16.66 3.32
N GLY A 550 -16.91 -17.48 3.66
CA GLY A 550 -17.53 -18.29 2.66
C GLY A 550 -18.26 -17.47 1.62
N GLN A 551 -18.88 -16.37 2.04
CA GLN A 551 -19.50 -15.45 1.10
C GLN A 551 -18.48 -14.83 0.15
N LEU A 552 -17.36 -14.37 0.68
CA LEU A 552 -16.31 -13.84 -0.19
C LEU A 552 -15.80 -14.92 -1.13
N PHE A 553 -15.62 -16.13 -0.64
CA PHE A 553 -15.15 -17.20 -1.50
C PHE A 553 -16.11 -17.46 -2.63
N PHE A 554 -17.40 -17.51 -2.37
CA PHE A 554 -18.32 -17.84 -3.45
C PHE A 554 -18.75 -16.62 -4.25
N LYS A 555 -18.31 -15.44 -3.87
CA LYS A 555 -18.36 -14.29 -4.76
C LYS A 555 -17.22 -14.33 -5.76
N PHE A 556 -16.00 -14.52 -5.29
CA PHE A 556 -14.85 -14.46 -6.19
C PHE A 556 -14.60 -15.77 -6.89
N LEU A 557 -15.00 -16.89 -6.29
CA LEU A 557 -14.79 -18.22 -6.84
C LEU A 557 -13.31 -18.41 -7.21
N PRO A 558 -12.41 -18.31 -6.25
CA PRO A 558 -11.00 -18.39 -6.58
C PRO A 558 -10.60 -19.70 -7.16
N HIS A 559 -11.27 -20.77 -6.75
CA HIS A 559 -10.92 -22.09 -7.25
C HIS A 559 -11.09 -22.17 -8.76
N LEU A 560 -12.11 -21.52 -9.30
CA LEU A 560 -12.38 -21.68 -10.72
C LEU A 560 -11.33 -20.97 -11.57
N GLU A 561 -10.89 -19.79 -11.16
CA GLU A 561 -9.88 -19.14 -11.96
C GLU A 561 -8.50 -19.68 -11.69
N LEU A 562 -8.23 -20.17 -10.49
CA LEU A 562 -6.96 -20.82 -10.27
C LEU A 562 -6.88 -22.14 -11.02
N SER A 563 -8.00 -22.85 -11.13
CA SER A 563 -8.02 -24.10 -11.89
C SER A 563 -7.93 -23.84 -13.38
N ALA A 564 -8.51 -22.75 -13.85
CA ALA A 564 -8.34 -22.36 -15.25
C ALA A 564 -6.89 -22.09 -15.58
N VAL A 565 -6.20 -21.35 -14.71
CA VAL A 565 -4.77 -21.13 -14.93
C VAL A 565 -4.01 -22.43 -14.79
N ALA A 566 -4.45 -23.33 -13.93
CA ALA A 566 -3.73 -24.58 -13.76
C ALA A 566 -3.89 -25.47 -14.98
N ARG A 567 -5.07 -25.51 -15.57
CA ARG A 567 -5.28 -26.26 -16.80
C ARG A 567 -4.42 -25.69 -17.89
N LEU A 568 -4.40 -24.37 -18.00
CA LEU A 568 -3.65 -23.78 -19.09
C LEU A 568 -2.16 -23.96 -18.89
N ALA A 569 -1.66 -23.69 -17.69
CA ALA A 569 -0.22 -23.69 -17.46
C ALA A 569 0.37 -25.08 -17.44
N GLY A 570 -0.40 -26.08 -17.04
CA GLY A 570 0.08 -27.42 -16.95
C GLY A 570 0.68 -27.77 -15.62
N ILE A 571 0.33 -27.05 -14.58
CA ILE A 571 0.83 -27.23 -13.23
C ILE A 571 -0.35 -27.52 -12.33
N ASN A 572 -0.09 -28.09 -11.16
CA ASN A 572 -1.22 -28.34 -10.29
C ASN A 572 -1.63 -27.05 -9.61
N ILE A 573 -2.84 -27.04 -9.11
CA ILE A 573 -3.49 -25.83 -8.63
C ILE A 573 -2.75 -25.24 -7.44
N THR A 574 -2.01 -26.06 -6.71
CA THR A 574 -1.27 -25.56 -5.56
C THR A 574 -0.06 -24.73 -5.97
N ARG A 575 0.66 -25.16 -7.00
CA ARG A 575 1.68 -24.34 -7.63
C ARG A 575 1.10 -23.11 -8.28
N THR A 576 -0.09 -23.22 -8.82
CA THR A 576 -0.76 -22.08 -9.38
C THR A 576 -1.03 -21.04 -8.31
N ILE A 577 -1.50 -21.48 -7.16
CA ILE A 577 -1.75 -20.54 -6.07
C ILE A 577 -0.44 -19.97 -5.55
N TYR A 578 0.59 -20.80 -5.43
CA TYR A 578 1.72 -20.43 -4.59
C TYR A 578 3.03 -20.21 -5.32
N ASP A 579 3.39 -21.02 -6.31
CA ASP A 579 4.74 -20.93 -6.86
C ASP A 579 4.86 -19.93 -8.01
N GLY A 580 4.46 -18.69 -7.83
CA GLY A 580 4.75 -17.66 -8.80
C GLY A 580 4.25 -17.74 -10.23
N GLN A 581 4.70 -16.76 -11.02
N GLN A 581 4.64 -16.72 -10.98
CA GLN A 581 4.31 -16.62 -12.42
CA GLN A 581 4.32 -16.56 -12.39
C GLN A 581 5.36 -17.09 -13.38
C GLN A 581 5.28 -17.30 -13.31
N GLN A 582 6.52 -17.51 -12.90
CA GLN A 582 7.54 -17.92 -13.83
C GLN A 582 7.36 -19.37 -14.23
N ILE A 583 6.83 -20.20 -13.34
CA ILE A 583 6.70 -21.61 -13.64
C ILE A 583 5.57 -21.89 -14.61
N ARG A 584 4.59 -20.99 -14.71
CA ARG A 584 3.53 -21.14 -15.69
C ARG A 584 4.05 -21.00 -17.10
N VAL A 585 4.72 -19.88 -17.35
CA VAL A 585 5.31 -19.64 -18.65
C VAL A 585 6.36 -20.67 -18.94
N PHE A 586 7.12 -21.07 -17.93
CA PHE A 586 8.18 -22.03 -18.16
C PHE A 586 7.62 -23.38 -18.58
N THR A 587 6.54 -23.83 -17.96
CA THR A 587 5.98 -25.12 -18.33
C THR A 587 5.36 -25.07 -19.71
N CYS A 588 4.67 -23.99 -20.05
CA CYS A 588 4.11 -23.90 -21.38
C CYS A 588 5.19 -23.83 -22.45
N LEU A 589 6.23 -23.06 -22.18
CA LEU A 589 7.38 -23.02 -23.05
C LEU A 589 8.05 -24.37 -23.15
N LEU A 590 8.11 -25.12 -22.05
CA LEU A 590 8.72 -26.44 -22.10
C LEU A 590 7.92 -27.39 -22.97
N ARG A 591 6.59 -27.33 -22.92
CA ARG A 591 5.82 -28.18 -23.81
C ARG A 591 6.11 -27.84 -25.27
N LEU A 592 6.00 -26.57 -25.62
CA LEU A 592 6.26 -26.18 -27.00
C LEU A 592 7.67 -26.55 -27.42
N ALA A 593 8.65 -26.20 -26.60
CA ALA A 593 10.04 -26.43 -26.94
C ALA A 593 10.33 -27.89 -27.12
N ASP A 594 9.77 -28.77 -26.28
CA ASP A 594 9.97 -30.19 -26.47
C ASP A 594 9.38 -30.67 -27.78
N GLN A 595 8.21 -30.16 -28.15
CA GLN A 595 7.62 -30.56 -29.42
C GLN A 595 8.51 -30.21 -30.58
N LYS A 596 9.17 -29.07 -30.51
CA LYS A 596 10.00 -28.57 -31.58
C LYS A 596 11.41 -29.12 -31.57
N GLY A 597 11.77 -29.96 -30.62
CA GLY A 597 13.10 -30.51 -30.56
C GLY A 597 14.09 -29.66 -29.84
N PHE A 598 13.65 -28.76 -28.97
CA PHE A 598 14.55 -27.96 -28.18
C PHE A 598 14.66 -28.54 -26.78
N ILE A 599 15.60 -28.01 -26.02
CA ILE A 599 15.75 -28.31 -24.62
C ILE A 599 16.19 -27.06 -23.93
N LEU A 600 15.63 -26.83 -22.76
CA LEU A 600 15.78 -25.59 -22.05
C LEU A 600 16.86 -25.77 -21.01
N PRO A 601 17.94 -24.99 -20.96
CA PRO A 601 19.02 -25.32 -20.05
C PRO A 601 18.76 -24.89 -18.62
N ASP A 602 19.34 -25.63 -17.70
CA ASP A 602 19.33 -25.21 -16.31
C ASP A 602 20.48 -24.25 -16.12
N THR A 603 20.17 -23.06 -15.71
CA THR A 603 21.19 -22.08 -15.36
C THR A 603 20.90 -21.44 -14.04
N GLN A 604 19.65 -21.46 -13.60
CA GLN A 604 19.32 -21.14 -12.23
C GLN A 604 19.70 -22.29 -11.30
N GLY A 605 19.73 -23.52 -11.83
CA GLY A 605 20.18 -24.65 -11.04
C GLY A 605 21.57 -24.43 -10.50
N ARG A 606 22.42 -23.78 -11.29
CA ARG A 606 23.73 -23.33 -10.83
C ARG A 606 23.58 -22.10 -9.91
N PHE A 607 22.52 -21.31 -10.08
CA PHE A 607 22.19 -20.19 -9.19
C PHE A 607 21.47 -20.62 -7.92
N ARG A 608 21.09 -21.92 -7.81
CA ARG A 608 20.19 -22.36 -6.74
C ARG A 608 20.71 -22.00 -5.34
N GLY A 609 22.03 -22.02 -5.16
CA GLY A 609 22.67 -21.41 -4.02
C GLY A 609 23.02 -19.96 -4.24
N ALA A 610 22.03 -19.12 -4.56
CA ALA A 610 22.25 -17.69 -4.77
C ALA A 610 22.86 -17.03 -3.54
N GLY A 655 20.37 2.56 -6.07
CA GLY A 655 19.78 1.79 -4.98
C GLY A 655 18.77 0.74 -5.43
N ARG A 656 18.15 0.96 -6.58
CA ARG A 656 17.09 0.09 -7.11
C ARG A 656 17.59 -0.51 -8.44
N HIS A 657 18.03 -1.77 -8.43
CA HIS A 657 18.68 -2.32 -9.62
C HIS A 657 17.67 -2.69 -10.71
N VAL A 658 18.12 -2.53 -11.96
CA VAL A 658 17.33 -2.72 -13.17
C VAL A 658 18.17 -3.46 -14.21
N GLY A 659 17.66 -4.58 -14.73
CA GLY A 659 18.43 -5.36 -15.68
C GLY A 659 18.61 -4.74 -17.06
N TYR A 660 17.60 -4.02 -17.55
CA TYR A 660 17.60 -3.50 -18.91
C TYR A 660 16.70 -2.28 -18.95
N GLN A 661 16.62 -1.63 -20.10
CA GLN A 661 15.84 -0.43 -20.23
C GLN A 661 14.39 -0.73 -20.52
N GLY A 662 13.52 -0.01 -19.85
CA GLY A 662 12.11 -0.24 -19.85
C GLY A 662 11.42 0.66 -20.84
N ALA A 663 10.13 0.83 -20.65
CA ALA A 663 9.40 1.81 -21.42
C ALA A 663 9.87 3.20 -21.06
N ARG A 664 9.57 4.13 -21.93
CA ARG A 664 9.81 5.54 -21.66
C ARG A 664 8.48 6.28 -21.76
N VAL A 665 8.26 7.15 -20.83
CA VAL A 665 7.06 7.98 -20.78
C VAL A 665 7.37 9.27 -21.50
N LEU A 666 6.52 9.64 -22.44
CA LEU A 666 6.65 10.91 -23.12
C LEU A 666 6.48 12.06 -22.13
N ASP A 667 7.21 13.13 -22.34
CA ASP A 667 7.06 14.27 -21.45
C ASP A 667 5.64 14.80 -21.56
N PRO A 668 4.82 14.74 -20.51
CA PRO A 668 3.44 15.17 -20.64
C PRO A 668 3.35 16.66 -20.89
N THR A 669 2.36 17.03 -21.69
CA THR A 669 1.94 18.43 -21.72
C THR A 669 0.95 18.59 -20.59
N SER A 670 1.49 18.73 -19.39
CA SER A 670 0.66 18.76 -18.20
C SER A 670 -0.26 19.97 -18.23
N GLY A 671 -1.35 19.87 -17.50
CA GLY A 671 -2.31 20.93 -17.41
C GLY A 671 -3.72 20.41 -17.48
N PHE A 672 -4.68 21.33 -17.50
CA PHE A 672 -6.09 21.03 -17.60
C PHE A 672 -6.56 21.25 -19.03
N HIS A 673 -6.78 20.16 -19.74
CA HIS A 673 -7.20 20.14 -21.13
C HIS A 673 -8.69 19.96 -21.19
N VAL A 674 -9.38 21.02 -21.58
CA VAL A 674 -10.81 20.99 -21.72
C VAL A 674 -11.24 20.80 -23.18
N ASN A 675 -10.33 20.35 -24.05
CA ASN A 675 -10.69 19.87 -25.36
C ASN A 675 -10.73 18.37 -25.35
N PRO A 676 -11.34 17.75 -26.36
CA PRO A 676 -11.32 16.29 -26.43
C PRO A 676 -9.91 15.75 -26.53
N VAL A 677 -9.69 14.62 -25.86
CA VAL A 677 -8.40 13.96 -25.85
C VAL A 677 -8.66 12.52 -26.20
N VAL A 678 -8.32 12.14 -27.40
CA VAL A 678 -8.45 10.74 -27.78
C VAL A 678 -7.31 9.96 -27.14
N VAL A 679 -7.55 8.71 -26.83
CA VAL A 679 -6.57 7.83 -26.22
C VAL A 679 -6.43 6.66 -27.16
N PHE A 680 -5.35 6.63 -27.92
CA PHE A 680 -5.01 5.47 -28.74
C PHE A 680 -4.09 4.59 -27.93
N ASP A 681 -4.49 3.36 -27.65
CA ASP A 681 -3.61 2.44 -26.96
C ASP A 681 -3.47 1.14 -27.71
N PHE A 682 -2.32 0.53 -27.54
CA PHE A 682 -2.01 -0.74 -28.16
C PHE A 682 -2.66 -1.87 -27.39
N ALA A 683 -3.34 -2.74 -28.11
CA ALA A 683 -3.93 -3.94 -27.55
C ALA A 683 -2.82 -4.96 -27.33
N SER A 684 -2.47 -5.24 -26.07
CA SER A 684 -1.49 -6.29 -25.77
C SER A 684 -0.14 -5.99 -26.40
N LEU A 685 0.41 -4.82 -26.07
CA LEU A 685 1.54 -4.29 -26.83
C LEU A 685 2.72 -5.26 -26.85
N TYR A 686 3.25 -5.56 -25.69
CA TYR A 686 4.43 -6.44 -25.59
C TYR A 686 4.23 -7.80 -26.23
N PRO A 687 3.20 -8.57 -25.87
CA PRO A 687 2.99 -9.83 -26.60
C PRO A 687 2.70 -9.67 -28.08
N SER A 688 2.14 -8.56 -28.52
CA SER A 688 2.01 -8.35 -29.95
C SER A 688 3.36 -8.06 -30.58
N ILE A 689 4.27 -7.45 -29.85
CA ILE A 689 5.61 -7.23 -30.35
C ILE A 689 6.34 -8.56 -30.48
N ILE A 690 6.18 -9.43 -29.49
CA ILE A 690 6.83 -10.73 -29.54
C ILE A 690 6.32 -11.52 -30.74
N GLN A 691 5.01 -11.48 -31.00
CA GLN A 691 4.48 -12.17 -32.17
C GLN A 691 4.83 -11.47 -33.47
N ALA A 692 4.69 -10.16 -33.52
CA ALA A 692 4.88 -9.42 -34.75
C ALA A 692 6.31 -9.53 -35.24
N HIS A 693 7.26 -9.46 -34.33
CA HIS A 693 8.66 -9.49 -34.65
C HIS A 693 9.31 -10.81 -34.42
N ASN A 694 8.57 -11.82 -33.96
CA ASN A 694 9.08 -13.17 -33.90
C ASN A 694 10.23 -13.25 -32.89
N LEU A 695 10.08 -12.59 -31.75
CA LEU A 695 11.14 -12.62 -30.75
C LEU A 695 11.08 -13.92 -29.94
N CYS A 696 12.23 -14.49 -29.68
CA CYS A 696 12.32 -15.68 -28.84
C CYS A 696 13.77 -15.89 -28.47
N PHE A 697 13.99 -16.96 -27.75
CA PHE A 697 15.34 -17.41 -27.46
C PHE A 697 15.95 -17.95 -28.73
N SER A 698 15.17 -18.73 -29.46
CA SER A 698 15.64 -19.56 -30.55
C SER A 698 15.65 -18.88 -31.89
N THR A 699 15.25 -17.62 -31.96
CA THR A 699 15.30 -16.83 -33.19
C THR A 699 16.34 -15.75 -33.08
N LEU A 700 16.69 -15.35 -31.87
CA LEU A 700 17.74 -14.40 -31.64
C LEU A 700 19.09 -14.90 -32.15
N SER A 701 19.95 -13.94 -32.45
CA SER A 701 21.34 -14.24 -32.80
C SER A 701 22.17 -13.01 -32.45
N LEU A 702 23.02 -13.09 -31.42
CA LEU A 702 23.90 -11.98 -31.13
C LEU A 702 24.96 -11.74 -32.20
N ARG A 703 25.25 -12.72 -33.05
CA ARG A 703 26.32 -12.64 -34.05
C ARG A 703 25.78 -12.47 -35.45
N ALA A 704 26.31 -11.50 -36.18
CA ALA A 704 25.96 -11.31 -37.57
C ALA A 704 26.48 -12.42 -38.47
N ASP A 705 27.34 -13.28 -37.97
CA ASP A 705 27.79 -14.46 -38.72
C ASP A 705 26.61 -15.39 -38.97
N ALA A 706 25.70 -15.47 -38.00
CA ALA A 706 24.58 -16.40 -38.01
C ALA A 706 23.61 -16.19 -39.14
N VAL A 707 23.40 -14.94 -39.57
CA VAL A 707 22.36 -14.60 -40.52
C VAL A 707 22.90 -14.25 -41.91
N ALA A 708 24.18 -14.49 -42.18
CA ALA A 708 24.80 -14.05 -43.42
C ALA A 708 24.18 -14.68 -44.64
N HIS A 709 23.54 -15.82 -44.50
CA HIS A 709 22.88 -16.54 -45.57
C HIS A 709 21.43 -16.13 -45.72
N LEU A 710 21.04 -15.01 -45.12
CA LEU A 710 19.66 -14.59 -45.08
C LEU A 710 19.64 -13.13 -45.53
N GLU A 711 18.48 -12.66 -45.99
CA GLU A 711 18.36 -11.31 -46.50
C GLU A 711 18.08 -10.31 -45.39
N ALA A 712 18.51 -9.06 -45.62
CA ALA A 712 18.58 -8.06 -44.56
C ALA A 712 17.23 -7.80 -43.91
N GLY A 713 16.26 -7.33 -44.67
CA GLY A 713 14.88 -7.58 -44.36
C GLY A 713 14.42 -8.74 -45.20
N LYS A 714 13.22 -9.20 -44.92
CA LYS A 714 12.57 -10.38 -45.47
C LYS A 714 13.11 -11.68 -44.93
N ASP A 715 14.16 -11.67 -44.11
CA ASP A 715 14.50 -12.85 -43.37
C ASP A 715 14.76 -12.58 -41.91
N TYR A 716 15.06 -11.34 -41.54
CA TYR A 716 15.46 -11.10 -40.17
C TYR A 716 15.39 -9.61 -39.92
N LEU A 717 15.00 -9.27 -38.73
CA LEU A 717 15.12 -7.95 -38.18
C LEU A 717 16.48 -7.81 -37.52
N GLU A 718 17.05 -6.62 -37.60
CA GLU A 718 18.23 -6.31 -36.82
C GLU A 718 18.05 -4.95 -36.19
N ILE A 719 18.42 -4.87 -34.93
CA ILE A 719 18.05 -3.75 -34.09
C ILE A 719 19.13 -3.61 -33.05
N GLU A 720 19.43 -2.37 -32.68
CA GLU A 720 20.42 -2.10 -31.64
C GLU A 720 19.64 -1.98 -30.34
N VAL A 721 19.81 -2.94 -29.44
CA VAL A 721 19.00 -3.00 -28.24
C VAL A 721 19.68 -2.42 -27.02
N GLY A 722 20.93 -2.77 -26.77
CA GLY A 722 21.63 -2.17 -25.64
C GLY A 722 22.97 -1.63 -26.10
N GLY A 723 22.98 -1.14 -27.32
CA GLY A 723 24.21 -0.98 -28.06
C GLY A 723 24.75 -2.35 -28.38
N ARG A 724 23.88 -3.26 -28.84
CA ARG A 724 24.26 -4.65 -29.05
C ARG A 724 24.00 -5.20 -30.45
N ARG A 725 23.18 -4.59 -31.28
CA ARG A 725 22.96 -5.07 -32.65
C ARG A 725 22.55 -6.54 -32.74
N LEU A 726 21.39 -6.83 -32.18
CA LEU A 726 20.78 -8.16 -32.22
C LEU A 726 20.09 -8.43 -33.54
N PHE A 727 19.93 -9.71 -33.85
CA PHE A 727 19.26 -10.23 -35.05
C PHE A 727 18.19 -11.20 -34.60
N PHE A 728 16.98 -11.00 -35.11
CA PHE A 728 15.86 -11.92 -34.91
C PHE A 728 15.32 -12.38 -36.26
N VAL A 729 15.41 -13.64 -36.55
CA VAL A 729 14.96 -14.16 -37.83
C VAL A 729 13.44 -14.25 -37.84
N LYS A 730 12.85 -14.03 -39.01
CA LYS A 730 11.41 -13.96 -39.19
C LYS A 730 10.77 -15.34 -39.15
N ALA A 731 9.44 -15.37 -39.05
CA ALA A 731 8.72 -16.60 -38.75
C ALA A 731 8.76 -17.62 -39.87
N HIS A 732 9.20 -17.25 -41.05
CA HIS A 732 9.36 -18.18 -42.16
C HIS A 732 10.78 -18.68 -42.28
N VAL A 733 11.66 -18.23 -41.40
CA VAL A 733 12.95 -18.83 -41.20
C VAL A 733 12.88 -19.75 -40.00
N ARG A 734 12.34 -19.24 -38.91
CA ARG A 734 12.05 -20.04 -37.74
C ARG A 734 10.99 -19.30 -36.94
N GLU A 735 9.93 -19.98 -36.60
CA GLU A 735 8.87 -19.36 -35.85
C GLU A 735 9.14 -19.40 -34.37
N SER A 736 9.08 -18.23 -33.75
CA SER A 736 9.33 -18.06 -32.33
C SER A 736 8.44 -18.93 -31.46
N LEU A 737 9.04 -19.56 -30.45
CA LEU A 737 8.27 -20.35 -29.49
C LEU A 737 7.42 -19.46 -28.61
N LEU A 738 7.94 -18.32 -28.17
CA LEU A 738 7.12 -17.39 -27.41
C LEU A 738 5.99 -16.85 -28.28
N SER A 739 6.27 -16.66 -29.55
CA SER A 739 5.24 -16.26 -30.49
C SER A 739 4.17 -17.33 -30.62
N ILE A 740 4.55 -18.59 -30.79
CA ILE A 740 3.55 -19.65 -30.90
C ILE A 740 2.71 -19.74 -29.63
N LEU A 741 3.33 -19.64 -28.46
CA LEU A 741 2.54 -19.66 -27.23
C LEU A 741 1.53 -18.53 -27.21
N LEU A 742 1.99 -17.31 -27.45
CA LEU A 742 1.09 -16.18 -27.37
C LEU A 742 0.02 -16.24 -28.44
N ARG A 743 0.39 -16.63 -29.67
CA ARG A 743 -0.57 -16.71 -30.76
C ARG A 743 -1.62 -17.76 -30.51
N ASP A 744 -1.20 -18.96 -30.10
CA ASP A 744 -2.15 -20.01 -29.84
C ASP A 744 -3.09 -19.60 -28.74
N TRP A 745 -2.57 -18.92 -27.72
CA TRP A 745 -3.44 -18.55 -26.62
C TRP A 745 -4.39 -17.45 -27.01
N LEU A 746 -3.94 -16.51 -27.82
CA LEU A 746 -4.80 -15.40 -28.16
C LEU A 746 -5.90 -15.85 -29.11
N ALA A 747 -5.61 -16.81 -30.00
CA ALA A 747 -6.65 -17.45 -30.79
C ALA A 747 -7.65 -18.23 -29.92
N MET A 748 -7.13 -19.03 -28.99
CA MET A 748 -7.96 -19.76 -28.01
C MET A 748 -8.85 -18.80 -27.23
N ARG A 749 -8.30 -17.66 -26.82
CA ARG A 749 -9.08 -16.76 -25.98
C ARG A 749 -10.11 -16.04 -26.82
N LYS A 750 -9.81 -15.76 -28.08
CA LYS A 750 -10.81 -15.14 -28.92
C LYS A 750 -11.98 -16.08 -29.14
N GLN A 751 -11.68 -17.36 -29.32
CA GLN A 751 -12.72 -18.38 -29.39
C GLN A 751 -13.62 -18.36 -28.14
N ILE A 752 -13.02 -18.35 -26.96
CA ILE A 752 -13.81 -18.41 -25.73
C ILE A 752 -14.68 -17.16 -25.58
N ARG A 753 -14.08 -15.99 -25.80
CA ARG A 753 -14.80 -14.74 -25.58
C ARG A 753 -15.92 -14.60 -26.58
N SER A 754 -15.80 -15.21 -27.75
CA SER A 754 -16.92 -15.26 -28.68
C SER A 754 -17.99 -16.23 -28.20
N ARG A 755 -17.61 -17.30 -27.50
CA ARG A 755 -18.66 -18.21 -27.03
C ARG A 755 -19.42 -17.67 -25.83
N ILE A 756 -18.86 -16.71 -25.10
CA ILE A 756 -19.52 -16.15 -23.90
C ILE A 756 -20.98 -15.75 -24.15
N PRO A 757 -21.29 -14.80 -25.06
CA PRO A 757 -22.67 -14.27 -25.12
C PRO A 757 -23.78 -15.26 -25.46
N GLN A 758 -23.47 -16.40 -26.08
CA GLN A 758 -24.47 -17.34 -26.53
C GLN A 758 -24.32 -18.67 -25.82
N SER A 759 -24.07 -18.59 -24.51
CA SER A 759 -24.01 -19.77 -23.66
C SER A 759 -24.72 -19.45 -22.35
N SER A 760 -24.95 -20.50 -21.58
CA SER A 760 -25.71 -20.38 -20.35
C SER A 760 -24.96 -19.51 -19.35
N PRO A 761 -25.66 -18.84 -18.43
CA PRO A 761 -24.93 -18.06 -17.40
C PRO A 761 -23.94 -18.87 -16.59
N GLU A 762 -24.28 -20.12 -16.29
CA GLU A 762 -23.42 -20.95 -15.46
C GLU A 762 -22.14 -21.28 -16.19
N GLU A 763 -22.25 -21.68 -17.47
CA GLU A 763 -21.05 -21.89 -18.27
C GLU A 763 -20.41 -20.57 -18.69
N ALA A 764 -21.18 -19.48 -18.74
CA ALA A 764 -20.55 -18.20 -19.00
C ALA A 764 -19.60 -17.82 -17.88
N VAL A 765 -19.87 -18.26 -16.66
CA VAL A 765 -18.98 -17.90 -15.56
C VAL A 765 -17.65 -18.61 -15.70
N LEU A 766 -17.70 -19.90 -16.03
CA LEU A 766 -16.47 -20.63 -16.26
C LEU A 766 -15.70 -20.05 -17.45
N LEU A 767 -16.39 -19.76 -18.54
CA LEU A 767 -15.70 -19.26 -19.72
C LEU A 767 -15.07 -17.90 -19.46
N ASP A 768 -15.72 -17.06 -18.65
CA ASP A 768 -15.10 -15.82 -18.25
C ASP A 768 -13.82 -16.09 -17.47
N LYS A 769 -13.84 -17.11 -16.60
CA LYS A 769 -12.63 -17.43 -15.87
C LYS A 769 -11.54 -17.95 -16.79
N GLN A 770 -11.93 -18.76 -17.76
CA GLN A 770 -11.01 -19.44 -18.65
C GLN A 770 -10.29 -18.45 -19.57
N GLN A 771 -11.03 -17.51 -20.14
CA GLN A 771 -10.42 -16.44 -20.93
C GLN A 771 -9.60 -15.50 -20.06
N ALA A 772 -10.00 -15.25 -18.82
CA ALA A 772 -9.18 -14.41 -17.94
C ALA A 772 -7.86 -15.09 -17.60
N ALA A 773 -7.90 -16.41 -17.43
CA ALA A 773 -6.69 -17.19 -17.23
C ALA A 773 -5.77 -17.00 -18.40
N ILE A 774 -6.33 -17.06 -19.61
CA ILE A 774 -5.49 -16.87 -20.79
C ILE A 774 -4.91 -15.47 -20.80
N LYS A 775 -5.69 -14.48 -20.37
CA LYS A 775 -5.18 -13.12 -20.36
C LYS A 775 -3.98 -12.98 -19.47
N VAL A 776 -4.04 -13.52 -18.26
CA VAL A 776 -2.94 -13.28 -17.34
C VAL A 776 -1.75 -14.18 -17.67
N VAL A 777 -2.00 -15.29 -18.34
CA VAL A 777 -0.90 -16.11 -18.85
C VAL A 777 -0.21 -15.43 -20.03
N CYS A 778 -0.96 -14.86 -20.98
CA CYS A 778 -0.32 -13.96 -21.95
C CYS A 778 -0.22 -12.53 -21.43
N ASN A 779 0.33 -12.29 -20.26
CA ASN A 779 0.88 -10.98 -19.94
C ASN A 779 2.27 -11.11 -19.37
N SER A 780 2.55 -12.28 -18.77
CA SER A 780 3.81 -12.58 -18.11
C SER A 780 4.86 -13.19 -19.01
N VAL A 781 4.58 -13.39 -20.29
CA VAL A 781 5.60 -13.94 -21.16
C VAL A 781 6.75 -12.97 -21.34
N TYR A 782 6.44 -11.68 -21.45
CA TYR A 782 7.49 -10.70 -21.62
C TYR A 782 8.44 -10.71 -20.44
N GLY A 783 7.88 -10.60 -19.24
CA GLY A 783 8.65 -10.49 -18.02
C GLY A 783 9.35 -11.76 -17.63
N PHE A 784 8.86 -12.91 -18.07
CA PHE A 784 9.58 -14.15 -17.84
C PHE A 784 10.98 -14.09 -18.45
N THR A 785 11.12 -13.41 -19.58
CA THR A 785 12.40 -13.34 -20.24
C THR A 785 13.33 -12.36 -19.56
N GLY A 786 12.76 -11.37 -18.88
CA GLY A 786 13.53 -10.37 -18.21
C GLY A 786 13.78 -10.62 -16.74
N VAL A 787 13.60 -11.85 -16.25
CA VAL A 787 13.84 -12.16 -14.85
C VAL A 787 15.29 -12.54 -14.75
N GLN A 788 16.13 -11.62 -14.31
CA GLN A 788 17.52 -11.95 -14.08
C GLN A 788 17.64 -13.05 -13.05
N HIS A 789 18.39 -14.09 -13.39
CA HIS A 789 18.49 -15.27 -12.54
C HIS A 789 17.14 -15.94 -12.36
N GLY A 790 16.43 -16.11 -13.47
CA GLY A 790 15.16 -16.80 -13.48
C GLY A 790 15.31 -18.14 -14.16
N LEU A 791 14.17 -18.74 -14.46
CA LEU A 791 14.10 -19.96 -15.24
C LEU A 791 14.11 -19.56 -16.71
N LEU A 792 15.21 -19.70 -17.41
CA LEU A 792 15.32 -19.18 -18.79
C LEU A 792 15.16 -17.68 -18.98
N PRO A 793 16.03 -16.87 -18.40
CA PRO A 793 16.07 -15.47 -18.81
C PRO A 793 16.65 -15.30 -20.20
N CYS A 794 16.18 -14.26 -20.89
CA CYS A 794 16.89 -13.70 -22.02
C CYS A 794 16.59 -12.21 -21.97
N LEU A 795 17.51 -11.47 -21.38
CA LEU A 795 17.43 -10.03 -21.40
C LEU A 795 17.56 -9.45 -22.78
N HIS A 796 18.07 -10.21 -23.75
CA HIS A 796 18.05 -9.71 -25.11
C HIS A 796 16.64 -9.64 -25.65
N VAL A 797 15.84 -10.69 -25.44
CA VAL A 797 14.47 -10.65 -25.89
C VAL A 797 13.67 -9.61 -25.10
N ALA A 798 13.89 -9.51 -23.80
CA ALA A 798 13.12 -8.58 -22.99
C ALA A 798 13.42 -7.14 -23.37
N ALA A 799 14.70 -6.83 -23.50
CA ALA A 799 15.12 -5.51 -23.91
C ALA A 799 14.74 -5.20 -25.35
N THR A 800 14.65 -6.20 -26.23
CA THR A 800 14.16 -5.94 -27.58
C THR A 800 12.70 -5.60 -27.58
N VAL A 801 11.90 -6.34 -26.82
CA VAL A 801 10.48 -6.05 -26.71
C VAL A 801 10.30 -4.61 -26.29
N THR A 802 11.05 -4.21 -25.29
CA THR A 802 10.88 -2.86 -24.79
C THR A 802 11.46 -1.82 -25.74
N THR A 803 12.54 -2.12 -26.43
CA THR A 803 13.09 -1.20 -27.42
C THR A 803 12.09 -0.97 -28.54
N ILE A 804 11.49 -2.03 -29.04
CA ILE A 804 10.50 -1.87 -30.09
C ILE A 804 9.30 -1.13 -29.57
N GLY A 805 8.92 -1.33 -28.31
CA GLY A 805 7.83 -0.57 -27.75
C GLY A 805 8.10 0.91 -27.73
N ARG A 806 9.30 1.30 -27.34
CA ARG A 806 9.66 2.71 -27.32
C ARG A 806 9.67 3.27 -28.74
N GLU A 807 10.19 2.51 -29.69
CA GLU A 807 10.19 2.99 -31.07
C GLU A 807 8.78 3.08 -31.63
N MET A 808 7.93 2.13 -31.27
CA MET A 808 6.54 2.13 -31.71
C MET A 808 5.81 3.35 -31.21
N LEU A 809 5.99 3.69 -29.95
CA LEU A 809 5.29 4.82 -29.38
C LEU A 809 5.72 6.12 -30.04
N LEU A 810 7.02 6.30 -30.19
CA LEU A 810 7.49 7.51 -30.87
C LEU A 810 7.07 7.55 -32.33
N ALA A 811 7.06 6.41 -33.00
CA ALA A 811 6.68 6.37 -34.41
C ALA A 811 5.23 6.75 -34.60
N THR A 812 4.37 6.28 -33.70
CA THR A 812 2.96 6.65 -33.70
C THR A 812 2.81 8.15 -33.51
N ARG A 813 3.58 8.72 -32.60
CA ARG A 813 3.49 10.15 -32.41
C ARG A 813 3.91 10.90 -33.66
N GLU A 814 5.01 10.52 -34.27
CA GLU A 814 5.47 11.23 -35.44
C GLU A 814 4.52 11.07 -36.60
N TYR A 815 3.87 9.92 -36.73
CA TYR A 815 2.88 9.76 -37.78
C TYR A 815 1.71 10.68 -37.56
N VAL A 816 1.19 10.75 -36.35
CA VAL A 816 0.02 11.59 -36.11
C VAL A 816 0.37 13.04 -36.38
N HIS A 817 1.58 13.45 -36.03
CA HIS A 817 1.94 14.84 -36.22
C HIS A 817 2.22 15.18 -37.68
N ALA A 818 2.71 14.24 -38.47
CA ALA A 818 2.97 14.49 -39.88
C ALA A 818 1.72 14.34 -40.74
N ARG A 819 0.85 13.41 -40.41
CA ARG A 819 -0.32 13.12 -41.23
C ARG A 819 -1.38 14.19 -41.04
N TRP A 820 -1.83 14.36 -39.82
CA TRP A 820 -3.01 15.15 -39.48
C TRP A 820 -2.66 16.49 -38.87
N ALA A 821 -1.59 17.11 -39.33
CA ALA A 821 -1.26 18.43 -38.81
C ALA A 821 -2.32 19.44 -39.18
N ALA A 822 -2.89 19.34 -40.39
CA ALA A 822 -3.92 20.25 -40.87
C ALA A 822 -5.22 19.50 -41.06
N PHE A 823 -6.33 20.21 -40.87
CA PHE A 823 -7.63 19.57 -40.95
C PHE A 823 -7.93 19.02 -42.32
N GLU A 824 -7.36 19.58 -43.39
CA GLU A 824 -7.68 19.05 -44.71
C GLU A 824 -7.21 17.61 -44.86
N GLN A 825 -6.03 17.28 -44.33
CA GLN A 825 -5.56 15.91 -44.39
C GLN A 825 -6.47 14.96 -43.62
N LEU A 826 -6.91 15.36 -42.43
CA LEU A 826 -7.84 14.53 -41.67
C LEU A 826 -9.14 14.33 -42.42
N LEU A 827 -9.67 15.39 -42.99
CA LEU A 827 -10.89 15.30 -43.76
C LEU A 827 -10.68 14.42 -44.97
N ALA A 828 -9.49 14.50 -45.57
CA ALA A 828 -9.16 13.64 -46.70
C ALA A 828 -9.16 12.17 -46.32
N ASP A 829 -8.60 11.83 -45.17
CA ASP A 829 -8.61 10.44 -44.73
C ASP A 829 -9.97 10.02 -44.23
N PHE A 830 -10.65 10.86 -43.47
CA PHE A 830 -11.93 10.53 -42.86
C PHE A 830 -12.93 11.62 -43.20
N PRO A 831 -13.84 11.40 -44.15
CA PRO A 831 -14.86 12.41 -44.42
C PRO A 831 -15.73 12.77 -43.25
N GLU A 832 -16.04 11.84 -42.34
CA GLU A 832 -16.95 12.19 -41.27
C GLU A 832 -16.38 13.24 -40.33
N ALA A 833 -15.09 13.52 -40.43
CA ALA A 833 -14.50 14.63 -39.69
C ALA A 833 -15.18 15.94 -39.99
N ALA A 834 -15.73 16.12 -41.21
CA ALA A 834 -16.43 17.37 -41.51
C ALA A 834 -17.61 17.62 -40.58
N ASP A 835 -18.27 16.57 -40.15
CA ASP A 835 -19.40 16.72 -39.24
C ASP A 835 -18.96 16.93 -37.80
N MET A 836 -17.66 17.09 -37.58
CA MET A 836 -17.05 16.96 -36.28
C MET A 836 -16.22 18.18 -35.94
N ARG A 837 -16.11 19.14 -36.85
CA ARG A 837 -15.27 20.30 -36.65
C ARG A 837 -15.88 21.23 -35.62
N ALA A 838 -15.24 21.36 -34.48
CA ALA A 838 -15.64 22.31 -33.46
C ALA A 838 -15.20 23.71 -33.88
N PRO A 839 -15.56 24.74 -33.12
CA PRO A 839 -15.35 26.12 -33.62
C PRO A 839 -13.91 26.54 -33.77
N GLY A 840 -13.05 26.26 -32.81
CA GLY A 840 -11.71 26.81 -32.75
C GLY A 840 -10.78 26.36 -33.86
N PRO A 841 -9.49 26.66 -33.71
CA PRO A 841 -8.49 26.21 -34.68
C PRO A 841 -8.04 24.78 -34.44
N TYR A 842 -7.91 24.03 -35.53
CA TYR A 842 -7.56 22.63 -35.47
C TYR A 842 -6.11 22.42 -35.10
N SER A 843 -5.89 21.34 -34.35
CA SER A 843 -4.59 20.78 -34.09
C SER A 843 -4.84 19.40 -33.55
N MET A 844 -3.96 18.47 -33.88
CA MET A 844 -4.01 17.12 -33.35
C MET A 844 -2.63 16.82 -32.81
N ARG A 845 -2.42 17.05 -31.54
CA ARG A 845 -1.11 16.96 -30.93
C ARG A 845 -1.16 15.93 -29.82
N ILE A 846 -0.01 15.40 -29.51
CA ILE A 846 0.12 14.32 -28.56
C ILE A 846 0.67 14.93 -27.30
N ILE A 847 -0.09 14.77 -26.25
CA ILE A 847 0.18 15.39 -24.96
C ILE A 847 0.68 14.40 -23.93
N TYR A 848 0.72 13.11 -24.24
CA TYR A 848 1.12 12.12 -23.26
C TYR A 848 1.28 10.79 -23.95
N GLY A 849 2.19 10.00 -23.45
CA GLY A 849 2.06 8.59 -23.65
C GLY A 849 2.84 7.87 -22.59
N ASP A 850 2.21 6.92 -21.96
CA ASP A 850 2.86 5.86 -21.21
C ASP A 850 3.06 4.70 -22.17
N THR A 851 3.44 3.54 -21.64
CA THR A 851 4.15 2.51 -22.37
C THR A 851 3.49 2.12 -23.68
N ASP A 852 2.18 2.08 -23.72
CA ASP A 852 1.44 1.54 -24.84
C ASP A 852 0.24 2.40 -25.20
N SER A 853 0.26 3.69 -24.88
CA SER A 853 -0.83 4.55 -25.23
C SER A 853 -0.29 5.92 -25.52
N ILE A 854 -1.01 6.64 -26.35
CA ILE A 854 -0.80 8.05 -26.57
C ILE A 854 -2.12 8.77 -26.38
N PHE A 855 -2.03 9.94 -25.78
CA PHE A 855 -3.16 10.82 -25.60
C PHE A 855 -2.99 11.90 -26.65
N VAL A 856 -4.01 12.13 -27.46
CA VAL A 856 -3.98 13.07 -28.55
C VAL A 856 -4.97 14.17 -28.22
N LEU A 857 -4.48 15.38 -28.03
CA LEU A 857 -5.33 16.53 -27.77
C LEU A 857 -5.83 17.05 -29.10
N CYS A 858 -7.08 16.72 -29.42
CA CYS A 858 -7.73 17.10 -30.67
C CYS A 858 -8.50 18.40 -30.48
N ARG A 859 -7.76 19.50 -30.43
CA ARG A 859 -8.39 20.82 -30.48
C ARG A 859 -9.10 21.05 -31.81
N GLY A 860 -10.22 21.75 -31.75
CA GLY A 860 -10.98 22.05 -32.93
C GLY A 860 -11.83 20.93 -33.47
N LEU A 861 -12.00 19.86 -32.70
CA LEU A 861 -12.94 18.80 -33.01
C LEU A 861 -13.88 18.66 -31.84
N THR A 862 -15.06 18.12 -32.11
CA THR A 862 -16.01 17.85 -31.04
C THR A 862 -15.73 16.48 -30.45
N ALA A 863 -15.98 16.36 -29.16
CA ALA A 863 -15.85 15.08 -28.50
C ALA A 863 -16.95 14.12 -28.92
N ALA A 864 -18.01 14.62 -29.54
CA ALA A 864 -19.23 13.85 -29.73
C ALA A 864 -18.98 12.60 -30.57
N GLY A 865 -18.55 12.77 -31.82
CA GLY A 865 -18.25 11.63 -32.68
C GLY A 865 -16.82 11.17 -32.74
N LEU A 866 -16.07 11.30 -31.65
CA LEU A 866 -14.62 11.29 -31.76
C LEU A 866 -13.99 9.97 -31.42
N THR A 867 -14.60 9.14 -30.60
CA THR A 867 -14.05 7.82 -30.39
C THR A 867 -14.27 6.95 -31.62
N ALA A 868 -15.36 7.16 -32.35
CA ALA A 868 -15.58 6.41 -33.58
C ALA A 868 -14.55 6.77 -34.65
N MET A 869 -14.28 8.06 -34.82
CA MET A 869 -13.30 8.42 -35.82
C MET A 869 -11.90 8.12 -35.30
N GLY A 870 -11.72 8.13 -33.98
CA GLY A 870 -10.47 7.70 -33.40
C GLY A 870 -10.23 6.24 -33.60
N ASP A 871 -11.29 5.44 -33.68
CA ASP A 871 -11.11 4.05 -34.04
C ASP A 871 -10.71 3.90 -35.50
N LYS A 872 -11.28 4.71 -36.37
CA LYS A 872 -10.84 4.64 -37.76
C LYS A 872 -9.42 5.15 -37.90
N MET A 873 -9.05 6.15 -37.11
CA MET A 873 -7.68 6.66 -37.07
C MET A 873 -6.71 5.60 -36.62
N ALA A 874 -7.03 4.92 -35.53
CA ALA A 874 -6.13 3.94 -34.97
C ALA A 874 -5.93 2.80 -35.94
N SER A 875 -7.00 2.40 -36.62
CA SER A 875 -6.86 1.37 -37.64
C SER A 875 -5.96 1.86 -38.77
N HIS A 876 -6.10 3.11 -39.16
CA HIS A 876 -5.25 3.66 -40.20
C HIS A 876 -3.80 3.64 -39.80
N ILE A 877 -3.51 4.05 -38.57
CA ILE A 877 -2.13 4.05 -38.09
C ILE A 877 -1.59 2.63 -38.02
N SER A 878 -2.39 1.69 -37.52
CA SER A 878 -1.91 0.32 -37.41
C SER A 878 -1.60 -0.23 -38.78
N ARG A 879 -2.45 0.05 -39.77
CA ARG A 879 -2.16 -0.40 -41.13
C ARG A 879 -0.90 0.27 -41.64
N ALA A 880 -0.74 1.55 -41.39
CA ALA A 880 0.38 2.27 -41.96
C ALA A 880 1.70 1.79 -41.40
N LEU A 881 1.78 1.60 -40.09
CA LEU A 881 3.06 1.49 -39.40
C LEU A 881 3.41 0.07 -39.00
N PHE A 882 2.52 -0.64 -38.35
CA PHE A 882 2.87 -1.84 -37.62
C PHE A 882 2.39 -3.11 -38.30
N LEU A 883 2.98 -4.21 -37.89
CA LEU A 883 2.74 -5.54 -38.45
C LEU A 883 1.53 -6.20 -37.81
N PRO A 884 0.93 -7.19 -38.47
CA PRO A 884 -0.50 -7.49 -38.27
C PRO A 884 -0.92 -7.78 -36.84
N PRO A 885 -0.17 -8.52 -36.02
CA PRO A 885 -0.68 -8.74 -34.65
C PRO A 885 -0.73 -7.47 -33.82
N ILE A 886 0.02 -6.48 -34.18
CA ILE A 886 0.01 -5.20 -33.50
C ILE A 886 -1.23 -4.43 -33.93
N LYS A 887 -1.89 -3.84 -32.94
CA LYS A 887 -3.16 -3.18 -33.15
C LYS A 887 -3.22 -1.99 -32.23
N LEU A 888 -3.09 -0.81 -32.81
CA LEU A 888 -3.52 0.39 -32.14
C LEU A 888 -5.03 0.48 -32.17
N GLU A 889 -5.61 1.02 -31.11
CA GLU A 889 -7.05 1.18 -31.08
C GLU A 889 -7.43 2.32 -30.16
N CYS A 890 -8.61 2.88 -30.39
CA CYS A 890 -9.16 3.96 -29.59
C CYS A 890 -10.33 3.42 -28.82
N GLU A 891 -10.26 3.54 -27.52
CA GLU A 891 -11.36 3.15 -26.64
C GLU A 891 -11.96 4.33 -25.89
N LYS A 892 -11.15 5.24 -25.37
CA LYS A 892 -11.61 6.37 -24.58
C LYS A 892 -11.52 7.67 -25.34
N THR A 893 -12.17 8.66 -24.78
CA THR A 893 -12.07 10.05 -25.21
C THR A 893 -12.38 10.86 -23.97
N PHE A 894 -11.40 11.54 -23.45
CA PHE A 894 -11.62 12.43 -22.34
C PHE A 894 -12.27 13.70 -22.84
N THR A 895 -13.38 14.09 -22.24
CA THR A 895 -13.87 15.44 -22.46
C THR A 895 -13.11 16.46 -21.63
N LYS A 896 -12.64 16.06 -20.47
CA LYS A 896 -11.70 16.86 -19.69
C LYS A 896 -10.60 15.95 -19.20
N LEU A 897 -9.41 16.51 -19.10
CA LEU A 897 -8.28 15.75 -18.64
C LEU A 897 -7.35 16.67 -17.87
N LEU A 898 -6.94 16.23 -16.72
CA LEU A 898 -5.90 16.90 -15.95
C LEU A 898 -4.71 15.97 -16.00
N LEU A 899 -3.68 16.40 -16.70
CA LEU A 899 -2.42 15.69 -16.76
C LEU A 899 -1.57 16.31 -15.69
N ILE A 900 -1.30 15.56 -14.63
CA ILE A 900 -0.57 16.06 -13.49
C ILE A 900 0.91 15.80 -13.65
N ALA A 901 1.29 14.57 -13.95
CA ALA A 901 2.67 14.17 -14.01
C ALA A 901 2.73 12.94 -14.91
N LYS A 902 3.87 12.27 -14.93
CA LYS A 902 4.11 11.26 -15.94
C LYS A 902 3.25 10.03 -15.77
N LYS A 903 2.82 9.69 -14.56
CA LYS A 903 1.94 8.56 -14.38
C LYS A 903 0.71 8.96 -13.60
N LYS A 904 0.34 10.24 -13.67
CA LYS A 904 -0.68 10.80 -12.81
C LYS A 904 -1.63 11.60 -13.68
N TYR A 905 -2.89 11.23 -13.67
CA TYR A 905 -3.83 12.07 -14.40
C TYR A 905 -5.24 11.76 -13.95
N ILE A 906 -6.09 12.76 -14.08
CA ILE A 906 -7.52 12.63 -13.85
C ILE A 906 -8.21 13.09 -15.12
N GLY A 907 -9.17 12.31 -15.57
CA GLY A 907 -9.92 12.67 -16.74
C GLY A 907 -11.37 12.26 -16.57
N VAL A 908 -12.21 12.86 -17.37
CA VAL A 908 -13.61 12.51 -17.44
C VAL A 908 -13.84 11.96 -18.83
N ILE A 909 -14.11 10.68 -18.92
CA ILE A 909 -14.38 10.07 -20.21
C ILE A 909 -15.65 10.64 -20.81
N TYR A 910 -15.67 10.73 -22.14
CA TYR A 910 -16.86 11.17 -22.82
C TYR A 910 -17.99 10.21 -22.58
N GLY A 911 -19.04 10.70 -21.93
CA GLY A 911 -20.18 9.86 -21.63
C GLY A 911 -19.74 8.69 -20.78
N GLY A 912 -19.07 8.99 -19.68
CA GLY A 912 -18.51 7.93 -18.89
C GLY A 912 -17.98 8.42 -17.59
N LYS A 913 -17.23 7.53 -16.96
CA LYS A 913 -16.77 7.70 -15.61
C LYS A 913 -15.69 8.78 -15.50
N MET A 914 -15.24 8.97 -14.28
CA MET A 914 -14.04 9.71 -13.98
C MET A 914 -12.93 8.69 -13.81
N LEU A 915 -11.86 8.84 -14.55
CA LEU A 915 -10.69 7.99 -14.46
C LEU A 915 -9.58 8.70 -13.69
N ILE A 916 -9.20 8.13 -12.57
CA ILE A 916 -8.16 8.67 -11.72
C ILE A 916 -7.00 7.68 -11.76
N LYS A 917 -5.80 8.18 -12.03
CA LYS A 917 -4.62 7.33 -12.19
C LYS A 917 -3.49 7.90 -11.37
N GLY A 918 -3.00 7.08 -10.45
CA GLY A 918 -1.91 7.34 -9.53
C GLY A 918 -1.83 8.66 -8.78
N VAL A 919 -2.93 9.32 -8.44
CA VAL A 919 -2.85 10.63 -7.78
C VAL A 919 -3.16 10.57 -6.30
N ASP A 920 -3.07 9.43 -5.67
CA ASP A 920 -3.22 9.24 -4.23
C ASP A 920 -4.66 9.32 -3.76
N LEU A 921 -5.63 9.63 -4.62
CA LEU A 921 -6.97 9.11 -4.42
C LEU A 921 -7.00 7.61 -4.59
N VAL A 922 -6.13 7.09 -5.44
CA VAL A 922 -6.11 5.69 -5.80
C VAL A 922 -4.99 4.94 -5.12
N ARG A 923 -4.33 5.54 -4.15
CA ARG A 923 -3.28 4.91 -3.38
C ARG A 923 -3.81 4.52 -2.01
N LYS A 924 -3.35 3.40 -1.50
CA LYS A 924 -3.87 2.88 -0.25
C LYS A 924 -3.32 3.58 0.99
N ASN A 925 -2.39 4.50 0.85
CA ASN A 925 -1.67 4.93 2.04
C ASN A 925 -2.41 6.03 2.78
N ASN A 926 -3.04 6.96 2.09
CA ASN A 926 -3.64 8.10 2.76
C ASN A 926 -4.90 7.75 3.57
N CYS A 927 -5.24 8.67 4.46
CA CYS A 927 -6.40 8.56 5.33
C CYS A 927 -7.69 8.92 4.60
N ALA A 928 -8.81 8.41 5.11
CA ALA A 928 -10.11 8.69 4.50
C ALA A 928 -10.46 10.16 4.53
N PHE A 929 -10.00 10.91 5.51
CA PHE A 929 -10.30 12.33 5.55
C PHE A 929 -9.72 13.05 4.36
N ILE A 930 -8.43 12.84 4.11
CA ILE A 930 -7.77 13.57 3.04
C ILE A 930 -8.26 13.07 1.70
N ASN A 931 -8.48 11.77 1.56
CA ASN A 931 -8.96 11.23 0.31
C ASN A 931 -10.36 11.73 -0.02
N ARG A 932 -11.23 11.83 0.98
CA ARG A 932 -12.55 12.38 0.77
C ARG A 932 -12.50 13.84 0.36
N THR A 933 -11.66 14.63 1.02
CA THR A 933 -11.57 16.04 0.64
C THR A 933 -11.01 16.19 -0.76
N SER A 934 -10.01 15.39 -1.08
CA SER A 934 -9.39 15.45 -2.40
C SER A 934 -10.37 15.08 -3.48
N ARG A 935 -11.20 14.07 -3.24
CA ARG A 935 -12.18 13.73 -4.24
C ARG A 935 -13.27 14.77 -4.34
N ALA A 936 -13.61 15.45 -3.25
CA ALA A 936 -14.54 16.56 -3.36
C ALA A 936 -14.00 17.64 -4.27
N LEU A 937 -12.72 18.00 -4.10
CA LEU A 937 -12.07 19.01 -4.93
C LEU A 937 -11.97 18.60 -6.39
N VAL A 938 -11.66 17.34 -6.64
CA VAL A 938 -11.61 16.81 -7.99
C VAL A 938 -12.98 16.88 -8.64
N ASP A 939 -14.02 16.50 -7.91
CA ASP A 939 -15.36 16.60 -8.45
C ASP A 939 -15.74 18.04 -8.73
N LEU A 940 -15.27 18.98 -7.94
CA LEU A 940 -15.52 20.37 -8.30
C LEU A 940 -14.82 20.73 -9.61
N LEU A 941 -13.59 20.29 -9.78
CA LEU A 941 -12.85 20.68 -10.97
C LEU A 941 -13.52 20.12 -12.21
N PHE A 942 -13.99 18.89 -12.13
CA PHE A 942 -14.47 18.25 -13.34
C PHE A 942 -15.96 18.42 -13.57
N TYR A 943 -16.78 18.47 -12.54
CA TYR A 943 -18.22 18.45 -12.68
C TYR A 943 -18.86 19.81 -12.49
N ASP A 944 -18.29 20.73 -11.70
CA ASP A 944 -18.88 22.05 -11.54
C ASP A 944 -18.39 22.95 -12.67
N ASP A 945 -19.31 23.36 -13.54
CA ASP A 945 -18.93 24.12 -14.71
C ASP A 945 -18.32 25.47 -14.37
N THR A 946 -18.69 26.02 -13.22
CA THR A 946 -18.11 27.26 -12.74
C THR A 946 -16.63 27.09 -12.46
N VAL A 947 -16.30 26.02 -11.75
CA VAL A 947 -14.94 25.76 -11.32
C VAL A 947 -14.11 25.28 -12.49
N SER A 948 -14.70 24.50 -13.41
CA SER A 948 -13.95 24.11 -14.59
C SER A 948 -13.69 25.30 -15.49
N GLY A 949 -14.62 26.25 -15.54
CA GLY A 949 -14.36 27.48 -16.28
C GLY A 949 -13.24 28.31 -15.68
N ALA A 950 -13.26 28.48 -14.36
CA ALA A 950 -12.21 29.23 -13.71
C ALA A 950 -10.87 28.49 -13.78
N ALA A 951 -10.87 27.17 -13.63
CA ALA A 951 -9.65 26.40 -13.79
C ALA A 951 -9.10 26.48 -15.18
N ALA A 952 -9.97 26.60 -16.18
CA ALA A 952 -9.47 26.74 -17.54
C ALA A 952 -8.93 28.13 -17.77
N ALA A 953 -9.61 29.15 -17.25
CA ALA A 953 -9.09 30.51 -17.34
C ALA A 953 -7.83 30.71 -16.54
N LEU A 954 -7.52 29.80 -15.65
CA LEU A 954 -6.29 29.89 -14.87
C LEU A 954 -5.06 29.67 -15.72
N ALA A 955 -5.20 29.02 -16.88
CA ALA A 955 -4.09 28.81 -17.80
C ALA A 955 -3.86 29.95 -18.79
N GLU A 956 -4.67 31.02 -18.76
CA GLU A 956 -4.41 32.19 -19.58
C GLU A 956 -3.15 32.95 -19.20
N ARG A 957 -2.67 32.80 -17.97
CA ARG A 957 -1.57 33.61 -17.45
C ARG A 957 -0.50 32.66 -16.94
N PRO A 958 0.76 33.08 -16.92
CA PRO A 958 1.76 32.33 -16.17
C PRO A 958 1.42 32.33 -14.69
N ALA A 959 1.77 31.23 -14.03
CA ALA A 959 1.30 30.96 -12.68
C ALA A 959 1.68 32.06 -11.69
N GLU A 960 2.83 32.70 -11.87
CA GLU A 960 3.31 33.65 -10.89
C GLU A 960 2.46 34.91 -10.83
N GLU A 961 1.60 35.13 -11.81
CA GLU A 961 0.71 36.27 -11.82
C GLU A 961 -0.58 36.02 -11.06
N TRP A 962 -0.80 34.81 -10.58
CA TRP A 962 -1.89 34.54 -9.69
C TRP A 962 -1.54 34.74 -8.23
N LEU A 963 -0.26 34.78 -7.91
CA LEU A 963 0.15 35.26 -6.60
C LEU A 963 -0.24 36.71 -6.42
N ALA A 964 -0.14 37.50 -7.49
CA ALA A 964 -0.35 38.94 -7.48
C ALA A 964 -1.76 39.39 -7.84
N ARG A 965 -2.63 38.48 -8.23
CA ARG A 965 -3.96 38.80 -8.73
C ARG A 965 -4.98 37.94 -8.00
N PRO A 966 -6.21 38.39 -7.86
CA PRO A 966 -7.23 37.47 -7.36
C PRO A 966 -7.38 36.32 -8.33
N LEU A 967 -7.68 35.16 -7.78
CA LEU A 967 -7.96 34.04 -8.63
C LEU A 967 -9.25 34.33 -9.39
N PRO A 968 -9.47 33.64 -10.50
CA PRO A 968 -10.75 33.77 -11.19
C PRO A 968 -11.90 33.36 -10.30
N GLU A 969 -13.07 33.87 -10.67
CA GLU A 969 -14.21 33.98 -9.78
C GLU A 969 -14.73 32.60 -9.40
N GLY A 970 -15.00 31.76 -10.39
CA GLY A 970 -15.56 30.46 -10.19
C GLY A 970 -14.89 29.57 -9.17
N LEU A 971 -13.65 29.87 -8.82
CA LEU A 971 -12.93 29.04 -7.85
C LEU A 971 -13.38 29.23 -6.42
N GLN A 972 -14.36 30.08 -6.13
CA GLN A 972 -14.81 30.25 -4.74
C GLN A 972 -15.15 28.91 -4.09
N ALA A 973 -15.93 28.08 -4.78
CA ALA A 973 -16.31 26.77 -4.27
C ALA A 973 -15.10 25.91 -3.99
N PHE A 974 -14.09 25.98 -4.84
CA PHE A 974 -12.89 25.20 -4.63
C PHE A 974 -12.21 25.56 -3.31
N GLY A 975 -12.29 26.82 -2.91
CA GLY A 975 -11.75 27.19 -1.63
C GLY A 975 -12.62 26.67 -0.52
N ALA A 976 -13.94 26.70 -0.72
CA ALA A 976 -14.87 26.37 0.35
C ALA A 976 -14.64 24.95 0.87
N VAL A 977 -14.42 24.01 -0.03
CA VAL A 977 -14.15 22.63 0.35
C VAL A 977 -12.98 22.60 1.31
N LEU A 978 -11.91 23.30 0.95
CA LEU A 978 -10.72 23.31 1.80
C LEU A 978 -11.02 23.89 3.15
N VAL A 979 -11.72 25.03 3.20
CA VAL A 979 -11.89 25.66 4.50
C VAL A 979 -12.80 24.80 5.33
N ASP A 980 -13.75 24.13 4.69
CA ASP A 980 -14.60 23.21 5.40
C ASP A 980 -13.79 22.09 6.01
N ALA A 981 -12.88 21.51 5.23
CA ALA A 981 -12.03 20.48 5.79
C ALA A 981 -11.20 21.03 6.92
N HIS A 982 -10.78 22.29 6.80
CA HIS A 982 -9.96 22.88 7.85
C HIS A 982 -10.71 22.97 9.16
N ARG A 983 -12.04 23.05 9.13
CA ARG A 983 -12.78 23.11 10.37
C ARG A 983 -13.24 21.73 10.79
N ARG A 984 -13.32 20.78 9.86
CA ARG A 984 -13.68 19.41 10.20
C ARG A 984 -12.52 18.66 10.82
N ILE A 985 -11.33 19.20 10.75
CA ILE A 985 -10.13 18.49 11.15
C ILE A 985 -9.78 18.88 12.58
N THR A 986 -10.10 20.11 12.98
CA THR A 986 -9.89 20.53 14.35
C THR A 986 -11.07 20.19 15.25
N ASP A 987 -12.13 19.62 14.72
CA ASP A 987 -13.24 19.22 15.56
C ASP A 987 -12.74 18.21 16.58
N PRO A 988 -12.94 18.45 17.89
CA PRO A 988 -12.53 17.44 18.87
C PRO A 988 -13.23 16.10 18.70
N GLU A 989 -14.50 16.10 18.29
CA GLU A 989 -15.21 14.86 18.03
C GLU A 989 -15.01 14.40 16.59
N ARG A 990 -13.73 14.29 16.21
CA ARG A 990 -13.30 13.81 14.91
C ARG A 990 -13.24 12.29 14.94
N ASP A 991 -13.86 11.65 13.97
CA ASP A 991 -13.81 10.20 13.91
C ASP A 991 -12.39 9.76 13.58
N ILE A 992 -11.72 9.12 14.53
CA ILE A 992 -10.30 8.83 14.37
C ILE A 992 -10.04 7.86 13.24
N GLN A 993 -11.02 7.09 12.82
CA GLN A 993 -10.81 6.18 11.73
C GLN A 993 -10.67 6.90 10.41
N ASP A 994 -11.11 8.14 10.31
CA ASP A 994 -10.87 8.94 9.13
C ASP A 994 -9.45 9.44 9.03
N PHE A 995 -8.64 9.23 10.05
CA PHE A 995 -7.29 9.76 10.10
C PHE A 995 -6.26 8.64 10.17
N VAL A 996 -6.64 7.42 9.84
CA VAL A 996 -5.78 6.26 9.93
C VAL A 996 -4.99 6.15 8.64
N LEU A 997 -3.75 6.59 8.65
CA LEU A 997 -2.85 6.24 7.56
C LEU A 997 -2.48 4.78 7.63
N THR A 998 -1.90 4.29 6.57
CA THR A 998 -1.59 2.88 6.52
C THR A 998 -0.39 2.68 5.61
N ALA A 999 0.33 1.61 5.83
CA ALA A 999 1.48 1.37 5.00
C ALA A 999 1.87 -0.09 5.09
N GLU A 1000 2.26 -0.66 3.99
CA GLU A 1000 2.64 -2.06 3.95
C GLU A 1000 4.02 -2.31 4.53
N LEU A 1001 4.11 -3.35 5.33
CA LEU A 1001 5.37 -3.86 5.86
C LEU A 1001 5.92 -4.81 4.83
N SER A 1002 6.66 -4.26 3.88
CA SER A 1002 7.05 -4.98 2.67
C SER A 1002 8.16 -5.98 2.90
N ARG A 1003 8.95 -5.81 3.93
CA ARG A 1003 10.09 -6.67 4.21
C ARG A 1003 10.00 -7.07 5.66
N HIS A 1004 10.90 -7.93 6.06
CA HIS A 1004 11.05 -8.16 7.47
C HIS A 1004 11.70 -6.91 8.04
N PRO A 1005 11.23 -6.38 9.16
CA PRO A 1005 11.74 -5.07 9.58
C PRO A 1005 13.22 -5.00 9.91
N ARG A 1006 13.94 -6.11 9.87
CA ARG A 1006 15.39 -6.10 9.91
C ARG A 1006 16.04 -6.01 8.54
N ALA A 1007 15.27 -6.13 7.47
CA ALA A 1007 15.76 -5.96 6.10
C ALA A 1007 15.68 -4.52 5.62
N TYR A 1008 15.21 -3.58 6.45
CA TYR A 1008 15.10 -2.19 6.06
C TYR A 1008 16.41 -1.46 6.28
N THR A 1009 16.90 -0.78 5.24
CA THR A 1009 17.99 0.16 5.44
C THR A 1009 17.59 1.32 6.35
N ASN A 1010 16.37 1.84 6.19
CA ASN A 1010 15.92 3.07 6.83
C ASN A 1010 14.87 2.71 7.87
N LYS A 1011 15.30 2.41 9.09
CA LYS A 1011 14.34 1.99 10.09
C LYS A 1011 13.80 3.16 10.89
N ARG A 1012 13.29 4.15 10.20
CA ARG A 1012 12.64 5.32 10.76
C ARG A 1012 11.38 5.61 10.00
N LEU A 1013 10.65 4.58 9.67
CA LEU A 1013 9.37 4.77 9.02
C LEU A 1013 8.28 4.76 10.08
N ALA A 1014 7.14 5.32 9.73
CA ALA A 1014 6.03 5.38 10.66
C ALA A 1014 5.49 3.99 10.95
N HIS A 1015 5.33 3.18 9.92
CA HIS A 1015 4.79 1.86 10.13
C HIS A 1015 5.77 0.93 10.82
N LEU A 1016 7.07 1.17 10.75
CA LEU A 1016 7.98 0.37 11.57
C LEU A 1016 7.97 0.81 13.02
N THR A 1017 7.83 2.10 13.28
CA THR A 1017 7.63 2.57 14.65
C THR A 1017 6.39 1.94 15.26
N VAL A 1018 5.31 1.86 14.50
CA VAL A 1018 4.11 1.23 15.03
C VAL A 1018 4.32 -0.26 15.18
N TYR A 1019 5.04 -0.89 14.26
CA TYR A 1019 5.34 -2.31 14.37
C TYR A 1019 6.03 -2.63 15.69
N TYR A 1020 7.07 -1.88 16.01
CA TYR A 1020 7.82 -2.17 17.21
C TYR A 1020 7.08 -1.75 18.46
N LYS A 1021 6.22 -0.75 18.36
CA LYS A 1021 5.32 -0.47 19.47
C LYS A 1021 4.39 -1.66 19.71
N LEU A 1022 3.85 -2.24 18.64
CA LEU A 1022 2.95 -3.36 18.80
C LEU A 1022 3.66 -4.56 19.41
N MET A 1023 4.87 -4.85 18.95
CA MET A 1023 5.64 -5.93 19.55
C MET A 1023 5.97 -5.65 21.01
N ALA A 1024 6.26 -4.41 21.36
CA ALA A 1024 6.59 -4.08 22.73
C ALA A 1024 5.41 -4.30 23.67
N ARG A 1025 4.20 -4.08 23.17
CA ARG A 1025 2.99 -4.22 23.97
C ARG A 1025 2.41 -5.61 23.97
N ARG A 1026 3.03 -6.55 23.27
CA ARG A 1026 2.44 -7.86 23.06
C ARG A 1026 1.04 -7.75 22.45
N ALA A 1027 0.86 -6.78 21.54
CA ALA A 1027 -0.31 -6.74 20.68
C ALA A 1027 -0.08 -7.70 19.53
N GLN A 1028 -0.95 -7.67 18.54
CA GLN A 1028 -0.79 -8.55 17.40
C GLN A 1028 0.21 -7.88 16.48
N VAL A 1029 1.35 -8.52 16.36
CA VAL A 1029 2.43 -8.06 15.49
C VAL A 1029 2.02 -8.31 14.05
N PRO A 1030 2.13 -7.35 13.15
CA PRO A 1030 1.72 -7.61 11.77
C PRO A 1030 2.65 -8.60 11.08
N SER A 1031 2.12 -9.20 10.05
CA SER A 1031 2.89 -10.10 9.22
C SER A 1031 3.51 -9.32 8.09
N ILE A 1032 4.50 -9.90 7.46
CA ILE A 1032 5.10 -9.26 6.31
C ILE A 1032 4.05 -9.21 5.20
N LYS A 1033 4.03 -8.09 4.49
CA LYS A 1033 3.05 -7.72 3.49
C LYS A 1033 1.74 -7.26 4.06
N ASP A 1034 1.56 -7.22 5.38
CA ASP A 1034 0.31 -6.67 5.85
C ASP A 1034 0.37 -5.15 5.82
N ARG A 1035 -0.78 -4.54 5.83
CA ARG A 1035 -0.88 -3.10 6.01
C ARG A 1035 -0.88 -2.81 7.50
N ILE A 1036 -0.03 -1.91 7.93
CA ILE A 1036 0.05 -1.49 9.31
C ILE A 1036 -0.66 -0.14 9.39
N PRO A 1037 -1.77 -0.02 10.10
CA PRO A 1037 -2.40 1.29 10.25
C PRO A 1037 -1.79 2.03 11.41
N TYR A 1038 -1.74 3.33 11.25
CA TYR A 1038 -1.15 4.17 12.24
C TYR A 1038 -1.80 5.53 12.12
N VAL A 1039 -1.64 6.31 13.16
CA VAL A 1039 -2.11 7.68 13.22
C VAL A 1039 -0.94 8.51 13.70
N ILE A 1040 -0.98 9.78 13.43
CA ILE A 1040 0.07 10.70 13.84
C ILE A 1040 -0.48 11.49 15.01
N VAL A 1041 0.05 11.21 16.20
CA VAL A 1041 -0.40 11.79 17.46
C VAL A 1041 0.19 13.17 17.65
N ALA A 1042 -0.34 13.93 18.58
CA ALA A 1042 -0.22 15.37 18.61
C ALA A 1042 1.07 15.95 19.18
N GLN A 1043 2.17 15.22 19.41
CA GLN A 1043 3.41 15.85 19.88
C GLN A 1043 3.16 16.63 21.18
N THR A 1044 2.77 15.90 22.21
CA THR A 1044 2.67 16.49 23.53
C THR A 1044 3.87 16.12 24.37
N ARG A 1045 3.96 16.77 25.52
CA ARG A 1045 5.03 16.60 26.51
C ARG A 1045 5.34 15.13 26.72
N GLU A 1046 4.28 14.37 26.94
CA GLU A 1046 4.39 12.97 27.28
C GLU A 1046 4.92 12.16 26.10
N VAL A 1047 4.43 12.43 24.88
CA VAL A 1047 4.96 11.72 23.72
C VAL A 1047 6.42 12.08 23.50
N GLU A 1048 6.79 13.33 23.75
CA GLU A 1048 8.17 13.75 23.57
C GLU A 1048 9.09 12.96 24.49
N GLU A 1049 8.75 12.86 25.77
CA GLU A 1049 9.60 12.06 26.64
C GLU A 1049 9.50 10.57 26.33
N THR A 1050 8.35 10.08 25.86
CA THR A 1050 8.27 8.67 25.53
C THR A 1050 9.22 8.33 24.42
N VAL A 1051 9.32 9.19 23.41
CA VAL A 1051 10.26 8.93 22.33
C VAL A 1051 11.68 9.06 22.87
N ALA A 1052 11.92 10.04 23.74
CA ALA A 1052 13.26 10.24 24.27
C ALA A 1052 13.75 9.02 25.05
N ARG A 1053 12.94 8.48 25.95
CA ARG A 1053 13.44 7.36 26.74
C ARG A 1053 13.32 6.02 26.03
N LEU A 1054 12.50 5.92 24.99
CA LEU A 1054 12.59 4.76 24.12
C LEU A 1054 13.85 4.82 23.28
N ALA A 1055 14.34 6.02 22.95
CA ALA A 1055 15.65 6.13 22.33
C ALA A 1055 16.75 5.75 23.33
N ALA A 1056 16.60 6.18 24.57
CA ALA A 1056 17.55 5.79 25.60
C ALA A 1056 17.59 4.29 25.78
N LEU A 1057 16.42 3.66 25.94
CA LEU A 1057 16.36 2.20 26.11
C LEU A 1057 16.77 1.46 24.85
N ARG A 1058 16.49 2.00 23.66
CA ARG A 1058 16.73 1.23 22.43
C ARG A 1058 18.19 1.24 22.05
N GLU A 1059 18.91 2.31 22.36
CA GLU A 1059 20.30 2.40 21.96
C GLU A 1059 21.25 1.74 22.96
N LEU A 1060 20.72 1.29 24.10
CA LEU A 1060 21.44 0.52 25.11
C LEU A 1060 21.11 -0.97 25.08
N ASP A 1061 20.17 -1.41 24.26
CA ASP A 1061 19.81 -2.83 24.19
C ASP A 1061 21.01 -3.68 23.79
N ALA A 1062 21.53 -3.43 22.58
CA ALA A 1062 22.68 -4.13 22.05
C ALA A 1062 23.83 -3.16 21.83
N PRO A 1098 10.56 24.54 20.76
CA PRO A 1098 11.91 23.97 20.90
C PRO A 1098 12.23 22.98 19.78
N ARG A 1099 11.46 21.90 19.68
CA ARG A 1099 11.78 20.78 18.81
C ARG A 1099 10.51 20.29 18.12
N LYS A 1100 10.70 19.68 16.94
CA LYS A 1100 9.64 18.98 16.22
C LYS A 1100 10.10 17.55 15.98
N LEU A 1101 9.38 16.60 16.55
CA LEU A 1101 9.67 15.19 16.32
C LEU A 1101 9.22 14.76 14.93
N LEU A 1102 9.86 13.73 14.46
CA LEU A 1102 9.61 13.15 13.16
C LEU A 1102 8.21 12.58 13.10
N VAL A 1103 7.70 12.38 11.88
CA VAL A 1103 6.37 11.78 11.80
C VAL A 1103 6.46 10.29 12.08
N SER A 1104 7.65 9.70 11.97
CA SER A 1104 7.82 8.31 12.35
C SER A 1104 7.73 8.14 13.86
N GLU A 1105 8.14 9.15 14.60
CA GLU A 1105 8.12 9.09 16.05
C GLU A 1105 6.80 9.50 16.64
N LEU A 1106 5.97 10.18 15.89
CA LEU A 1106 4.60 10.44 16.29
C LEU A 1106 3.61 9.41 15.78
N ALA A 1107 4.06 8.41 15.03
CA ALA A 1107 3.19 7.32 14.65
C ALA A 1107 2.68 6.57 15.86
N GLU A 1108 1.40 6.24 15.86
CA GLU A 1108 0.83 5.41 16.90
C GLU A 1108 -0.17 4.47 16.27
N ASP A 1109 -0.45 3.38 16.96
CA ASP A 1109 -1.47 2.46 16.51
C ASP A 1109 -2.83 3.08 16.80
N PRO A 1110 -3.80 2.96 15.87
CA PRO A 1110 -5.07 3.65 16.14
C PRO A 1110 -5.84 3.07 17.31
N ALA A 1111 -5.80 1.76 17.50
CA ALA A 1111 -6.49 1.15 18.64
C ALA A 1111 -5.91 1.65 19.95
N TYR A 1112 -4.58 1.73 20.04
CA TYR A 1112 -3.96 2.31 21.21
C TYR A 1112 -4.34 3.78 21.37
N ALA A 1113 -4.39 4.52 20.27
CA ALA A 1113 -4.72 5.93 20.35
C ALA A 1113 -6.17 6.16 20.74
N ILE A 1114 -7.03 5.17 20.59
CA ILE A 1114 -8.43 5.29 21.02
C ILE A 1114 -8.55 4.92 22.47
N ALA A 1115 -7.98 3.78 22.85
CA ALA A 1115 -8.11 3.30 24.21
C ALA A 1115 -7.57 4.32 25.19
N HIS A 1116 -6.41 4.86 24.91
CA HIS A 1116 -5.89 6.03 25.57
C HIS A 1116 -6.42 7.26 24.85
N GLY A 1117 -6.37 8.39 25.50
CA GLY A 1117 -7.12 9.52 24.99
C GLY A 1117 -6.28 10.40 24.11
N VAL A 1118 -5.42 9.80 23.30
CA VAL A 1118 -4.39 10.54 22.60
C VAL A 1118 -5.00 11.41 21.51
N ALA A 1119 -4.54 12.65 21.42
CA ALA A 1119 -4.99 13.57 20.39
C ALA A 1119 -4.17 13.45 19.12
N LEU A 1120 -4.80 13.73 17.99
CA LEU A 1120 -4.13 13.63 16.71
C LEU A 1120 -3.37 14.90 16.39
N ASN A 1121 -2.44 14.76 15.46
CA ASN A 1121 -1.61 15.87 15.00
C ASN A 1121 -2.37 16.58 13.91
N THR A 1122 -3.16 17.58 14.28
CA THR A 1122 -3.91 18.33 13.29
C THR A 1122 -2.98 19.06 12.32
N ASP A 1123 -1.78 19.41 12.78
CA ASP A 1123 -0.82 20.01 11.88
C ASP A 1123 -0.45 19.05 10.77
N TYR A 1124 -0.09 17.83 11.13
CA TYR A 1124 0.28 16.86 10.12
C TYR A 1124 -0.86 16.63 9.16
N TYR A 1125 -2.05 16.40 9.69
CA TYR A 1125 -3.13 15.98 8.83
C TYR A 1125 -3.62 17.10 7.94
N PHE A 1126 -3.65 18.32 8.43
CA PHE A 1126 -4.03 19.40 7.55
C PHE A 1126 -2.92 19.75 6.56
N SER A 1127 -1.67 19.72 6.99
CA SER A 1127 -0.61 20.01 6.06
C SER A 1127 -0.54 18.95 4.98
N HIS A 1128 -0.97 17.73 5.25
CA HIS A 1128 -0.98 16.72 4.21
C HIS A 1128 -2.26 16.75 3.41
N LEU A 1129 -3.33 17.28 3.96
CA LEU A 1129 -4.48 17.60 3.15
C LEU A 1129 -4.11 18.62 2.08
N LEU A 1130 -3.47 19.70 2.50
CA LEU A 1130 -3.06 20.71 1.56
C LEU A 1130 -1.98 20.20 0.63
N GLY A 1131 -1.12 19.31 1.14
CA GLY A 1131 -0.12 18.72 0.28
C GLY A 1131 -0.69 17.86 -0.81
N ALA A 1132 -1.71 17.06 -0.52
CA ALA A 1132 -2.35 16.26 -1.56
C ALA A 1132 -3.11 17.13 -2.55
N ALA A 1133 -3.71 18.21 -2.05
CA ALA A 1133 -4.36 19.12 -2.99
C ALA A 1133 -3.34 19.81 -3.88
N CYS A 1134 -2.21 20.21 -3.32
CA CYS A 1134 -1.20 20.88 -4.11
C CYS A 1134 -0.52 19.93 -5.10
N VAL A 1135 -0.43 18.65 -4.75
CA VAL A 1135 0.16 17.66 -5.64
C VAL A 1135 -0.72 17.46 -6.84
N THR A 1136 -2.03 17.50 -6.65
CA THR A 1136 -2.93 17.21 -7.75
C THR A 1136 -3.20 18.45 -8.58
N PHE A 1137 -3.47 19.57 -7.93
CA PHE A 1137 -3.79 20.81 -8.61
C PHE A 1137 -2.60 21.69 -8.92
N LYS A 1138 -1.38 21.17 -8.90
CA LYS A 1138 -0.30 21.99 -9.41
C LYS A 1138 -0.32 22.01 -10.92
N ALA A 1139 -0.99 21.05 -11.55
CA ALA A 1139 -1.18 21.09 -12.99
C ALA A 1139 -1.95 22.31 -13.44
N LEU A 1140 -2.83 22.86 -12.60
CA LEU A 1140 -3.52 24.08 -12.97
C LEU A 1140 -2.61 25.29 -12.96
N PHE A 1141 -1.78 25.43 -11.93
CA PHE A 1141 -0.84 26.53 -11.84
C PHE A 1141 0.52 26.21 -12.42
N GLY A 1142 0.57 25.78 -13.66
CA GLY A 1142 1.82 25.56 -14.36
C GLY A 1142 2.74 24.59 -13.69
N ASN A 1143 2.20 23.55 -13.06
CA ASN A 1143 2.96 22.47 -12.42
C ASN A 1143 3.95 22.96 -11.36
N ASN A 1144 3.76 24.17 -10.87
CA ASN A 1144 4.57 24.78 -9.81
C ASN A 1144 3.99 24.45 -8.44
N ALA A 1145 4.59 23.50 -7.73
CA ALA A 1145 4.06 23.16 -6.42
C ALA A 1145 4.26 24.23 -5.35
N LYS A 1146 5.12 25.22 -5.57
CA LYS A 1146 5.35 26.24 -4.56
C LYS A 1146 4.33 27.36 -4.71
N ILE A 1147 3.88 27.62 -5.94
CA ILE A 1147 2.78 28.56 -6.20
C ILE A 1147 1.47 27.92 -5.81
N THR A 1148 1.30 26.65 -6.12
CA THR A 1148 0.05 25.96 -5.80
C THR A 1148 -0.13 25.96 -4.31
N GLU A 1149 0.92 25.61 -3.57
CA GLU A 1149 0.84 25.62 -2.12
C GLU A 1149 0.46 26.99 -1.60
N SER A 1150 1.10 28.04 -2.10
CA SER A 1150 0.80 29.37 -1.62
C SER A 1150 -0.66 29.72 -1.84
N LEU A 1151 -1.16 29.42 -3.03
CA LEU A 1151 -2.52 29.81 -3.36
C LEU A 1151 -3.54 28.97 -2.63
N LEU A 1152 -3.26 27.70 -2.39
CA LEU A 1152 -4.16 26.86 -1.62
C LEU A 1152 -4.19 27.26 -0.16
N LYS A 1153 -3.04 27.62 0.40
CA LYS A 1153 -3.04 28.09 1.77
C LYS A 1153 -3.76 29.40 1.92
N ARG A 1154 -3.90 30.16 0.84
CA ARG A 1154 -4.61 31.42 0.98
C ARG A 1154 -6.09 31.25 1.21
N PHE A 1155 -6.67 30.10 0.86
CA PHE A 1155 -8.07 29.89 1.13
C PHE A 1155 -8.38 29.75 2.60
N ILE A 1156 -7.39 29.34 3.38
CA ILE A 1156 -7.61 28.92 4.76
C ILE A 1156 -7.74 30.15 5.64
N PRO A 1157 -8.79 30.29 6.45
CA PRO A 1157 -8.89 31.49 7.28
C PRO A 1157 -7.83 31.46 8.37
N GLU A 1158 -7.07 32.55 8.47
CA GLU A 1158 -5.93 32.62 9.34
C GLU A 1158 -6.29 33.39 10.60
N VAL A 1159 -5.92 32.86 11.74
CA VAL A 1159 -6.25 33.44 13.03
C VAL A 1159 -4.97 33.93 13.68
N TRP A 1160 -5.09 34.96 14.50
CA TRP A 1160 -3.97 35.40 15.32
C TRP A 1160 -4.49 35.88 16.66
N HIS A 1161 -4.18 35.14 17.72
CA HIS A 1161 -4.26 35.58 19.09
C HIS A 1161 -2.92 35.43 19.81
N PRO A 1162 -2.61 36.29 20.77
CA PRO A 1162 -1.52 36.00 21.71
C PRO A 1162 -1.85 34.83 22.62
N PRO A 1163 -0.84 34.09 23.09
CA PRO A 1163 -1.03 32.80 23.77
C PRO A 1163 -1.87 32.84 25.05
N ASP A 1164 -2.33 31.65 25.47
CA ASP A 1164 -3.29 31.49 26.57
C ASP A 1164 -2.78 32.08 27.88
N ASP A 1165 -1.52 31.81 28.23
CA ASP A 1165 -0.99 32.24 29.53
C ASP A 1165 -1.01 33.76 29.65
N VAL A 1166 -0.46 34.45 28.64
CA VAL A 1166 -0.42 35.90 28.66
C VAL A 1166 -1.83 36.45 28.47
N ALA A 1167 -2.68 35.71 27.76
CA ALA A 1167 -4.09 36.09 27.62
C ALA A 1167 -4.75 36.16 28.99
N ALA A 1168 -4.55 35.13 29.82
CA ALA A 1168 -5.09 35.18 31.17
C ALA A 1168 -4.47 36.32 31.97
N ARG A 1169 -3.15 36.53 31.82
CA ARG A 1169 -2.49 37.50 32.71
C ARG A 1169 -2.88 38.94 32.39
N LEU A 1170 -3.07 39.25 31.12
CA LEU A 1170 -3.65 40.53 30.71
C LEU A 1170 -5.12 40.63 31.07
N ARG A 1171 -5.87 39.51 31.04
CA ARG A 1171 -7.23 39.59 31.55
C ARG A 1171 -7.23 39.96 33.03
N ALA A 1172 -6.29 39.40 33.79
CA ALA A 1172 -6.11 39.86 35.17
C ALA A 1172 -5.68 41.32 35.22
N ALA A 1173 -4.92 41.76 34.22
CA ALA A 1173 -4.57 43.16 34.05
C ALA A 1173 -5.70 44.00 33.46
N GLY A 1174 -6.90 43.41 33.31
CA GLY A 1174 -8.13 44.13 33.06
C GLY A 1174 -8.60 44.08 31.62
N PHE A 1175 -7.70 43.81 30.69
CA PHE A 1175 -8.03 43.69 29.28
C PHE A 1175 -9.03 42.56 29.08
N GLY A 1176 -9.68 42.56 27.92
CA GLY A 1176 -10.80 41.67 27.70
C GLY A 1176 -10.91 41.27 26.24
N ALA A 1177 -11.68 40.21 26.01
CA ALA A 1177 -11.82 39.67 24.66
C ALA A 1177 -12.40 40.72 23.71
N VAL A 1178 -11.75 40.88 22.56
CA VAL A 1178 -12.33 41.62 21.45
C VAL A 1178 -12.43 40.73 20.21
N GLY A 1179 -12.57 39.42 20.40
CA GLY A 1179 -12.80 38.48 19.34
C GLY A 1179 -14.27 38.11 19.20
N ALA A 1180 -14.50 37.06 18.41
CA ALA A 1180 -15.84 36.60 18.11
C ALA A 1180 -16.41 35.70 19.20
N GLY A 1181 -15.62 35.39 20.24
CA GLY A 1181 -15.80 34.17 21.01
C GLY A 1181 -17.05 34.18 21.86
N ALA A 1182 -17.54 35.37 22.21
CA ALA A 1182 -18.67 35.56 23.11
C ALA A 1182 -19.86 36.15 22.36
N THR A 1183 -19.67 37.25 21.65
CA THR A 1183 -20.66 37.79 20.72
C THR A 1183 -20.01 38.91 19.92
N ALA A 1184 -20.48 39.05 18.68
CA ALA A 1184 -19.94 40.04 17.76
C ALA A 1184 -20.26 41.46 18.22
N GLU A 1185 -21.48 41.65 18.73
CA GLU A 1185 -21.91 42.96 19.19
C GLU A 1185 -21.05 43.45 20.36
N GLU A 1186 -20.81 42.58 21.35
CA GLU A 1186 -19.94 42.95 22.46
C GLU A 1186 -18.51 43.21 22.00
N THR A 1187 -18.03 42.43 21.01
CA THR A 1187 -16.70 42.67 20.47
C THR A 1187 -16.62 44.05 19.80
N ARG A 1188 -17.67 44.44 19.09
CA ARG A 1188 -17.67 45.72 18.42
C ARG A 1188 -17.64 46.82 19.45
N ARG A 1189 -18.45 46.68 20.51
CA ARG A 1189 -18.48 47.70 21.55
C ARG A 1189 -17.15 47.82 22.26
N MET A 1190 -16.51 46.68 22.54
CA MET A 1190 -15.19 46.68 23.17
C MET A 1190 -14.16 47.32 22.26
N LEU A 1191 -14.20 47.04 20.95
CA LEU A 1191 -13.27 47.68 20.03
C LEU A 1191 -13.46 49.19 20.04
N HIS A 1192 -14.72 49.64 20.07
CA HIS A 1192 -14.99 51.08 20.04
C HIS A 1192 -14.39 51.76 21.27
N ARG A 1193 -14.62 51.18 22.45
CA ARG A 1193 -14.02 51.72 23.67
C ARG A 1193 -12.51 51.47 23.74
N ALA A 1194 -11.98 50.44 23.06
CA ALA A 1194 -10.55 50.16 23.12
C ALA A 1194 -9.73 51.18 22.33
N PHE A 1195 -10.18 51.54 21.12
CA PHE A 1195 -9.58 52.69 20.44
C PHE A 1195 -9.97 54.03 21.05
N ASP A 1196 -11.21 54.20 21.53
CA ASP A 1196 -11.48 55.44 22.28
C ASP A 1196 -10.59 55.53 23.51
N THR A 1197 -10.35 54.39 24.16
CA THR A 1197 -9.36 54.28 25.22
C THR A 1197 -7.99 54.70 24.72
N LEU A 1198 -7.58 54.20 23.54
CA LEU A 1198 -6.30 54.64 22.99
C LEU A 1198 -6.29 56.13 22.71
N ALA A 1199 -7.41 56.66 22.22
CA ALA A 1199 -7.54 58.11 22.05
C ALA A 1199 -8.95 58.53 21.69
N GLY B 37 -10.91 54.64 -7.09
CA GLY B 37 -10.11 54.01 -6.05
C GLY B 37 -10.78 52.89 -5.26
N ALA B 38 -10.02 52.30 -4.35
CA ALA B 38 -10.49 51.24 -3.48
C ALA B 38 -11.43 51.78 -2.39
N PRO B 39 -12.32 50.93 -1.84
CA PRO B 39 -13.11 51.37 -0.68
C PRO B 39 -12.24 51.87 0.45
N CYS B 40 -11.17 51.14 0.77
CA CYS B 40 -10.15 51.63 1.68
C CYS B 40 -8.85 51.75 0.90
N GLN B 41 -8.21 52.91 1.00
CA GLN B 41 -6.99 53.16 0.27
C GLN B 41 -6.03 53.98 1.10
N VAL B 42 -4.74 53.73 0.88
CA VAL B 42 -3.67 54.44 1.58
C VAL B 42 -2.54 54.64 0.58
N VAL B 43 -2.24 55.90 0.25
CA VAL B 43 -1.25 56.25 -0.75
C VAL B 43 -0.07 56.96 -0.08
N LEU B 44 1.13 56.74 -0.63
CA LEU B 44 2.33 57.47 -0.24
C LEU B 44 3.13 57.79 -1.49
N GLN B 45 3.19 59.09 -1.87
CA GLN B 45 4.23 59.67 -2.73
C GLN B 45 5.13 60.53 -1.87
N GLY B 46 6.20 61.06 -2.49
CA GLY B 46 7.25 61.67 -1.73
C GLY B 46 6.81 62.96 -1.03
N ALA B 47 7.58 63.28 0.00
CA ALA B 47 7.27 64.26 1.05
C ALA B 47 6.24 63.71 2.04
N GLU B 48 5.71 62.50 1.79
CA GLU B 48 5.10 61.62 2.77
C GLU B 48 5.63 60.20 2.68
N LEU B 49 6.19 59.81 1.53
CA LEU B 49 6.83 58.53 1.35
C LEU B 49 8.27 58.59 1.85
N ASN B 50 8.92 59.73 1.70
CA ASN B 50 10.22 59.88 2.33
C ASN B 50 10.09 59.85 3.85
N GLY B 51 9.00 60.38 4.41
CA GLY B 51 8.80 60.28 5.85
C GLY B 51 8.82 58.85 6.36
N ILE B 52 8.11 57.95 5.68
CA ILE B 52 8.16 56.55 6.07
C ILE B 52 9.51 55.95 5.76
N LEU B 53 10.18 56.44 4.72
CA LEU B 53 11.52 55.95 4.44
C LEU B 53 12.48 56.30 5.59
N GLN B 54 12.21 57.39 6.32
CA GLN B 54 12.97 57.64 7.55
C GLN B 54 12.48 56.75 8.68
N ALA B 55 11.17 56.52 8.78
CA ALA B 55 10.64 55.76 9.90
C ALA B 55 11.18 54.31 9.94
N PHE B 56 11.21 53.64 8.80
CA PHE B 56 11.44 52.20 8.75
C PHE B 56 12.89 51.77 8.65
N ALA B 57 13.82 52.70 8.50
CA ALA B 57 15.15 52.33 8.02
C ALA B 57 15.92 51.49 9.03
N PRO B 58 16.09 51.92 10.29
CA PRO B 58 16.88 51.13 11.23
C PRO B 58 16.25 49.84 11.63
N LEU B 59 14.92 49.78 11.61
CA LEU B 59 14.17 48.67 12.18
C LEU B 59 14.66 47.33 11.67
N ARG B 60 15.05 47.24 10.40
CA ARG B 60 15.96 46.21 9.90
C ARG B 60 15.07 45.12 9.34
N THR B 61 15.29 43.86 9.73
CA THR B 61 14.34 42.83 9.37
C THR B 61 13.32 42.55 10.45
N SER B 62 13.57 42.86 11.69
CA SER B 62 12.56 42.52 12.68
C SER B 62 11.52 43.60 12.61
N LEU B 63 10.26 43.22 12.81
CA LEU B 63 9.02 43.78 12.24
C LEU B 63 8.71 43.40 10.79
N LEU B 64 9.54 42.64 10.09
CA LEU B 64 9.05 42.07 8.84
C LEU B 64 7.83 41.20 9.08
N ASP B 65 7.90 40.34 10.09
CA ASP B 65 6.84 39.38 10.43
C ASP B 65 5.97 39.96 11.55
N SER B 66 4.93 40.66 11.16
CA SER B 66 4.23 41.58 12.05
C SER B 66 2.72 41.39 11.96
N LEU B 67 1.97 42.29 12.61
CA LEU B 67 0.55 42.46 12.43
C LEU B 67 0.33 43.92 12.02
N LEU B 68 -0.26 44.15 10.87
CA LEU B 68 -0.72 45.49 10.53
C LEU B 68 -2.19 45.56 10.90
N VAL B 69 -2.53 46.47 11.78
CA VAL B 69 -3.90 46.72 12.16
C VAL B 69 -4.25 48.07 11.56
N MET B 70 -5.06 48.05 10.50
CA MET B 70 -5.49 49.24 9.78
C MET B 70 -6.90 49.65 10.19
N GLY B 71 -7.07 50.94 10.37
CA GLY B 71 -8.33 51.56 10.70
C GLY B 71 -8.29 52.99 10.19
N ASP B 72 -9.23 53.79 10.67
CA ASP B 72 -9.27 55.23 10.32
C ASP B 72 -8.16 56.05 10.96
N ARG B 73 -7.39 55.52 11.90
CA ARG B 73 -6.41 56.29 12.64
C ARG B 73 -5.01 56.11 12.07
N GLY B 74 -4.72 54.91 11.59
CA GLY B 74 -3.62 54.63 10.69
C GLY B 74 -3.36 53.15 10.76
N ILE B 75 -2.11 52.78 10.47
CA ILE B 75 -1.66 51.39 10.58
C ILE B 75 -0.83 51.27 11.85
N LEU B 76 -1.21 50.35 12.72
CA LEU B 76 -0.42 49.99 13.88
C LEU B 76 0.30 48.67 13.58
N ILE B 77 1.62 48.69 13.67
CA ILE B 77 2.46 47.57 13.28
C ILE B 77 2.93 46.92 14.57
N HIS B 78 2.34 45.80 14.92
CA HIS B 78 2.60 45.12 16.18
C HIS B 78 3.46 43.89 15.95
N ASN B 79 4.52 43.75 16.74
CA ASN B 79 5.29 42.52 16.78
C ASN B 79 5.67 42.26 18.22
N THR B 80 6.23 41.08 18.48
CA THR B 80 6.82 40.75 19.77
C THR B 80 8.25 40.29 19.52
N ILE B 81 9.20 41.05 20.02
CA ILE B 81 10.60 40.70 19.92
C ILE B 81 11.01 40.11 21.27
N PHE B 82 11.43 38.85 21.24
CA PHE B 82 11.84 38.10 22.42
C PHE B 82 10.73 38.03 23.46
N GLY B 83 9.48 38.09 23.04
CA GLY B 83 8.37 38.01 23.96
C GLY B 83 7.82 39.40 24.22
N GLU B 84 8.70 40.38 24.34
CA GLU B 84 8.30 41.71 24.74
C GLU B 84 7.63 42.43 23.57
N GLN B 85 6.64 43.28 23.87
CA GLN B 85 5.72 43.72 22.83
C GLN B 85 6.22 45.00 22.19
N VAL B 86 5.97 45.16 20.90
CA VAL B 86 6.53 46.24 20.08
C VAL B 86 5.44 46.75 19.17
N PHE B 87 5.27 48.05 19.09
CA PHE B 87 4.28 48.69 18.23
C PHE B 87 4.92 49.85 17.51
N LEU B 88 4.55 50.04 16.24
CA LEU B 88 5.03 51.14 15.42
C LEU B 88 3.77 51.77 14.84
N PRO B 89 3.31 52.90 15.38
CA PRO B 89 2.18 53.59 14.75
C PRO B 89 2.61 54.39 13.51
N LEU B 90 1.73 54.39 12.51
CA LEU B 90 1.89 55.19 11.31
C LEU B 90 0.51 55.74 11.05
N GLU B 91 0.29 56.97 11.45
CA GLU B 91 -1.03 57.56 11.48
C GLU B 91 -1.49 57.99 10.09
N HIS B 92 -2.81 58.17 9.98
CA HIS B 92 -3.42 58.59 8.72
C HIS B 92 -2.85 59.91 8.25
N SER B 93 -2.56 60.81 9.20
CA SER B 93 -1.80 62.02 8.93
C SER B 93 -0.57 61.76 8.08
N GLN B 94 0.15 60.68 8.35
CA GLN B 94 1.50 60.46 7.83
C GLN B 94 1.52 59.81 6.46
N PHE B 95 0.43 59.86 5.70
CA PHE B 95 0.38 59.31 4.35
C PHE B 95 -0.02 60.39 3.35
N SER B 96 0.18 60.07 2.05
CA SER B 96 -0.20 61.00 1.00
C SER B 96 -1.69 61.00 0.75
N ARG B 97 -2.38 59.90 1.01
CA ARG B 97 -3.85 59.92 1.03
C ARG B 97 -4.36 58.78 1.87
N TYR B 98 -5.02 59.07 2.98
CA TYR B 98 -5.64 58.04 3.82
C TYR B 98 -7.15 58.12 3.70
N ARG B 99 -7.76 57.02 3.26
CA ARG B 99 -9.21 56.89 3.24
C ARG B 99 -9.54 55.52 3.83
N TRP B 100 -10.10 55.49 5.04
CA TRP B 100 -10.56 54.24 5.63
C TRP B 100 -12.08 54.23 5.75
N ARG B 101 -12.70 53.18 5.22
CA ARG B 101 -14.11 52.91 5.43
C ARG B 101 -14.26 51.45 5.79
N GLY B 102 -14.75 51.18 6.99
CA GLY B 102 -15.03 49.84 7.38
C GLY B 102 -14.56 49.57 8.79
N PRO B 103 -14.77 48.38 9.26
CA PRO B 103 -14.23 48.00 10.56
C PRO B 103 -12.72 47.95 10.52
N THR B 104 -12.08 47.67 11.63
CA THR B 104 -10.63 47.59 11.63
C THR B 104 -10.23 46.22 11.13
N ALA B 105 -9.15 46.18 10.36
CA ALA B 105 -8.74 45.01 9.61
C ALA B 105 -7.29 44.72 9.89
N ALA B 106 -6.98 43.48 10.28
CA ALA B 106 -5.65 43.09 10.66
C ALA B 106 -5.09 42.10 9.65
N PHE B 107 -3.94 42.43 9.08
CA PHE B 107 -3.24 41.60 8.11
C PHE B 107 -1.91 41.15 8.71
N LEU B 108 -1.66 39.87 8.71
CA LEU B 108 -0.32 39.38 8.95
C LEU B 108 0.63 39.88 7.87
N SER B 109 1.66 40.61 8.27
CA SER B 109 2.59 41.24 7.34
C SER B 109 3.17 40.26 6.31
N LEU B 110 3.49 39.05 6.73
CA LEU B 110 4.11 38.10 5.83
C LEU B 110 3.13 37.55 4.83
N VAL B 111 3.45 37.67 3.55
CA VAL B 111 2.66 37.09 2.48
C VAL B 111 3.25 35.73 2.15
N ASP B 112 2.40 34.72 2.18
CA ASP B 112 2.78 33.36 1.85
C ASP B 112 4.00 32.88 2.63
N GLN B 113 4.17 33.42 3.84
CA GLN B 113 5.18 33.06 4.82
C GLN B 113 6.60 33.36 4.36
N LYS B 114 6.79 33.98 3.19
CA LYS B 114 8.12 34.40 2.76
C LYS B 114 8.31 35.90 2.64
N ARG B 115 7.44 36.60 1.93
CA ARG B 115 7.61 38.02 1.64
C ARG B 115 6.73 38.89 2.53
N SER B 116 7.14 40.14 2.72
CA SER B 116 6.50 41.03 3.68
C SER B 116 5.87 42.23 2.99
N LEU B 117 4.76 42.70 3.56
CA LEU B 117 4.18 43.96 3.14
C LEU B 117 5.01 45.15 3.59
N LEU B 118 6.00 44.93 4.46
CA LEU B 118 6.78 46.00 5.07
C LEU B 118 8.23 45.94 4.64
N SER B 119 8.57 45.06 3.72
CA SER B 119 9.88 45.13 3.09
C SER B 119 9.95 46.20 2.01
N VAL B 120 8.81 46.70 1.53
CA VAL B 120 8.83 47.82 0.61
C VAL B 120 9.43 49.06 1.24
N PHE B 121 9.42 49.16 2.57
CA PHE B 121 9.98 50.30 3.28
C PHE B 121 11.30 49.97 3.94
N ARG B 122 11.83 48.78 3.76
CA ARG B 122 13.22 48.56 4.12
C ARG B 122 14.12 49.62 3.49
N ALA B 123 15.19 49.97 4.22
CA ALA B 123 16.03 51.11 3.90
C ALA B 123 16.44 51.19 2.43
N ASN B 124 17.14 50.17 1.91
CA ASN B 124 17.39 50.03 0.47
C ASN B 124 17.10 48.59 0.07
N GLN B 125 15.87 48.36 -0.32
CA GLN B 125 15.43 47.11 -0.91
C GLN B 125 14.82 47.36 -2.27
N TYR B 126 14.13 48.49 -2.43
CA TYR B 126 13.69 49.00 -3.72
C TYR B 126 14.29 50.39 -3.83
N PRO B 127 15.51 50.52 -4.36
CA PRO B 127 16.03 51.87 -4.55
C PRO B 127 15.25 52.51 -5.67
N ASP B 128 15.11 53.83 -5.57
CA ASP B 128 14.46 54.66 -6.56
C ASP B 128 12.94 54.53 -6.52
N LEU B 129 12.37 53.93 -5.49
CA LEU B 129 10.92 53.76 -5.48
C LEU B 129 10.26 55.12 -5.43
N ARG B 130 9.04 55.21 -5.93
CA ARG B 130 8.33 56.47 -5.98
C ARG B 130 7.02 56.49 -5.24
N ARG B 131 6.25 55.42 -5.31
CA ARG B 131 4.90 55.44 -4.77
C ARG B 131 4.59 54.06 -4.21
N VAL B 132 3.79 54.02 -3.14
CA VAL B 132 3.22 52.76 -2.70
C VAL B 132 1.77 53.00 -2.30
N GLU B 133 0.88 52.16 -2.81
CA GLU B 133 -0.54 52.20 -2.55
C GLU B 133 -0.95 50.91 -1.86
N LEU B 134 -1.80 51.04 -0.90
CA LEU B 134 -2.42 49.95 -0.18
C LEU B 134 -3.90 50.00 -0.54
N ALA B 135 -4.37 49.00 -1.26
CA ALA B 135 -5.75 48.95 -1.72
C ALA B 135 -6.44 47.82 -1.00
N ILE B 136 -7.46 48.16 -0.23
CA ILE B 136 -8.20 47.21 0.56
C ILE B 136 -9.64 47.24 0.06
N THR B 137 -10.04 46.15 -0.58
CA THR B 137 -11.34 46.00 -1.20
C THR B 137 -12.00 44.76 -0.65
N GLY B 138 -13.32 44.74 -0.69
CA GLY B 138 -14.12 43.61 -0.28
C GLY B 138 -15.00 43.96 0.90
N GLN B 139 -15.69 42.94 1.38
CA GLN B 139 -16.68 43.09 2.42
C GLN B 139 -16.08 42.92 3.82
N ALA B 140 -16.73 43.57 4.79
CA ALA B 140 -16.17 43.86 6.11
C ALA B 140 -15.33 42.76 6.73
N PRO B 141 -15.79 41.49 6.87
CA PRO B 141 -14.90 40.45 7.40
C PRO B 141 -13.78 39.99 6.48
N PHE B 142 -14.07 39.82 5.20
CA PHE B 142 -13.12 39.29 4.20
C PHE B 142 -12.74 40.46 3.32
N ARG B 143 -11.70 41.16 3.69
CA ARG B 143 -11.08 42.10 2.78
C ARG B 143 -9.72 41.57 2.39
N THR B 144 -9.25 41.98 1.23
CA THR B 144 -7.90 41.74 0.79
C THR B 144 -7.20 43.07 0.62
N LEU B 145 -5.95 43.14 1.05
CA LEU B 145 -5.06 44.22 0.72
C LEU B 145 -4.27 43.85 -0.53
N VAL B 146 -4.01 44.85 -1.37
CA VAL B 146 -3.04 44.71 -2.43
C VAL B 146 -2.09 45.88 -2.34
N GLN B 147 -0.81 45.58 -2.25
CA GLN B 147 0.24 46.56 -2.14
C GLN B 147 0.91 46.62 -3.50
N ARG B 148 0.84 47.79 -4.11
CA ARG B 148 1.47 48.07 -5.38
C ARG B 148 2.64 49.01 -5.14
N ILE B 149 3.75 48.64 -5.63
CA ILE B 149 4.97 49.42 -5.62
C ILE B 149 5.15 50.09 -6.98
N TRP B 150 5.87 51.21 -7.01
CA TRP B 150 6.27 51.87 -8.23
C TRP B 150 7.69 52.36 -8.07
N THR B 151 8.41 52.44 -9.17
CA THR B 151 9.72 53.04 -9.17
C THR B 151 9.73 54.22 -10.14
N THR B 152 10.48 55.24 -9.76
CA THR B 152 10.87 56.28 -10.71
C THR B 152 11.86 55.64 -11.68
N THR B 153 11.41 55.42 -12.90
CA THR B 153 12.30 55.08 -14.00
C THR B 153 13.16 56.30 -14.30
N SER B 154 14.40 56.06 -14.76
CA SER B 154 15.22 57.21 -15.14
C SER B 154 14.48 58.06 -16.17
N ASP B 155 14.16 59.28 -15.76
CA ASP B 155 13.32 60.18 -16.56
C ASP B 155 12.01 59.46 -16.95
N GLY B 156 11.27 58.96 -15.95
CA GLY B 156 10.06 58.21 -16.27
C GLY B 156 9.08 58.09 -15.13
N GLU B 157 7.87 57.60 -15.50
CA GLU B 157 6.71 57.57 -14.60
C GLU B 157 6.69 56.39 -13.62
N ALA B 158 6.89 55.19 -14.12
CA ALA B 158 6.56 54.02 -13.32
C ALA B 158 7.11 52.80 -13.99
N VAL B 159 7.44 51.82 -13.16
CA VAL B 159 7.98 50.54 -13.58
C VAL B 159 7.13 49.43 -13.00
N GLU B 160 5.82 49.68 -12.76
CA GLU B 160 5.11 49.11 -11.62
C GLU B 160 5.32 47.63 -11.53
N LEU B 161 5.93 47.23 -10.41
CA LEU B 161 6.48 45.90 -10.29
C LEU B 161 5.35 44.91 -10.03
N ALA B 162 4.60 44.61 -11.09
CA ALA B 162 3.65 43.51 -11.06
C ALA B 162 4.32 42.19 -10.67
N SER B 163 5.64 42.05 -10.85
CA SER B 163 6.38 40.92 -10.29
C SER B 163 6.64 41.07 -8.80
N GLU B 164 6.24 42.19 -8.20
CA GLU B 164 6.40 42.46 -6.78
C GLU B 164 5.13 43.01 -6.15
N THR B 165 3.99 42.93 -6.82
CA THR B 165 2.74 43.22 -6.14
C THR B 165 2.48 42.15 -5.11
N LEU B 166 1.97 42.55 -3.95
CA LEU B 166 1.65 41.61 -2.88
C LEU B 166 0.17 41.69 -2.58
N MET B 167 -0.42 40.54 -2.28
CA MET B 167 -1.85 40.41 -2.04
C MET B 167 -2.07 39.59 -0.78
N LYS B 168 -2.64 40.20 0.25
CA LYS B 168 -2.92 39.53 1.51
C LYS B 168 -4.40 39.64 1.86
N ARG B 169 -5.02 38.51 2.21
CA ARG B 169 -6.34 38.54 2.82
C ARG B 169 -6.21 38.75 4.32
N GLU B 170 -7.23 39.39 4.92
CA GLU B 170 -7.10 39.81 6.31
C GLU B 170 -7.27 38.62 7.23
N LEU B 171 -7.16 38.85 8.53
CA LEU B 171 -7.13 37.72 9.47
C LEU B 171 -8.50 37.10 9.60
N THR B 172 -9.53 37.92 9.79
CA THR B 172 -10.92 37.51 10.02
C THR B 172 -11.17 37.01 11.44
N SER B 173 -10.17 36.95 12.31
CA SER B 173 -10.36 36.89 13.74
C SER B 173 -9.03 37.23 14.38
N PHE B 174 -9.02 38.21 15.29
CA PHE B 174 -7.81 38.66 15.95
C PHE B 174 -8.19 39.45 17.19
N VAL B 175 -7.32 39.43 18.20
CA VAL B 175 -7.66 39.99 19.51
C VAL B 175 -6.64 41.00 20.07
N VAL B 176 -5.84 41.65 19.20
CA VAL B 176 -4.58 42.26 19.63
C VAL B 176 -4.73 43.16 20.85
N LEU B 177 -3.75 43.11 21.73
CA LEU B 177 -3.79 43.79 23.01
C LEU B 177 -2.79 44.94 22.96
N VAL B 178 -3.24 46.14 23.36
CA VAL B 178 -2.59 47.38 22.98
C VAL B 178 -2.41 48.26 24.22
N PRO B 179 -1.31 49.01 24.37
CA PRO B 179 -1.21 49.91 25.53
C PRO B 179 -2.37 50.90 25.59
N GLN B 180 -2.73 51.26 26.82
CA GLN B 180 -3.88 52.11 27.13
C GLN B 180 -3.41 53.38 27.81
N GLY B 181 -4.23 54.41 27.77
CA GLY B 181 -4.16 55.46 28.77
C GLY B 181 -2.94 56.32 28.59
N THR B 182 -2.78 57.28 29.54
CA THR B 182 -1.66 58.19 29.68
C THR B 182 -0.65 57.62 30.68
N PRO B 183 0.61 58.08 30.67
CA PRO B 183 1.63 57.47 31.51
C PRO B 183 1.62 58.05 32.91
N ASP B 184 2.06 57.25 33.88
CA ASP B 184 2.16 57.79 35.24
C ASP B 184 3.37 58.69 35.41
N VAL B 185 4.41 58.54 34.59
CA VAL B 185 5.42 59.59 34.44
C VAL B 185 6.21 59.27 33.18
N GLN B 186 6.78 60.31 32.54
CA GLN B 186 7.61 60.03 31.36
C GLN B 186 8.81 60.96 31.22
N LEU B 187 9.88 60.39 30.67
CA LEU B 187 11.25 60.91 30.78
C LEU B 187 11.94 60.82 29.42
N ARG B 188 12.00 61.97 28.71
CA ARG B 188 12.79 62.17 27.50
C ARG B 188 14.30 62.21 27.73
N LEU B 189 14.97 61.31 27.01
CA LEU B 189 16.41 61.14 26.95
C LEU B 189 16.90 61.56 25.57
N THR B 190 18.15 62.03 25.48
CA THR B 190 18.84 62.00 24.19
C THR B 190 19.35 60.57 23.96
N ARG B 191 20.10 60.37 22.86
CA ARG B 191 20.65 59.04 22.59
C ARG B 191 21.69 58.61 23.60
N PRO B 192 22.76 59.39 23.88
CA PRO B 192 23.81 58.86 24.78
C PRO B 192 23.29 58.51 26.16
N GLN B 193 22.44 59.38 26.71
CA GLN B 193 21.73 59.09 27.95
C GLN B 193 21.08 57.70 27.95
N LEU B 194 20.31 57.40 26.90
CA LEU B 194 19.61 56.12 26.87
C LEU B 194 20.55 54.96 26.61
N THR B 195 21.59 55.17 25.80
CA THR B 195 22.56 54.10 25.60
C THR B 195 23.23 53.74 26.90
N LYS B 196 23.43 54.74 27.77
CA LYS B 196 23.96 54.48 29.10
C LYS B 196 22.97 53.68 29.93
N VAL B 197 21.70 54.12 29.90
CA VAL B 197 20.70 53.54 30.78
C VAL B 197 20.48 52.09 30.42
N LEU B 198 20.38 51.80 29.13
CA LEU B 198 20.25 50.42 28.69
C LEU B 198 21.49 49.62 29.05
N ASN B 199 22.68 50.18 28.81
CA ASN B 199 23.92 49.46 29.08
C ASN B 199 24.10 49.14 30.54
N ALA B 200 23.34 49.77 31.43
CA ALA B 200 23.44 49.42 32.84
C ALA B 200 22.70 48.12 33.18
N THR B 201 21.53 47.88 32.59
CA THR B 201 20.71 46.76 33.08
C THR B 201 21.31 45.44 32.62
N GLY B 202 20.92 44.36 33.30
CA GLY B 202 21.43 43.02 32.99
C GLY B 202 20.40 42.15 32.28
N ALA B 203 20.84 41.54 31.18
CA ALA B 203 20.01 40.61 30.41
C ALA B 203 20.19 39.15 30.86
N ASP B 204 19.99 38.87 32.15
CA ASP B 204 19.92 37.50 32.65
C ASP B 204 19.10 37.49 33.93
N SER B 205 18.32 36.42 34.11
CA SER B 205 17.42 36.31 35.27
C SER B 205 18.12 36.50 36.60
N ALA B 206 19.43 36.23 36.64
CA ALA B 206 20.16 36.27 37.90
C ALA B 206 20.12 37.67 38.52
N THR B 207 20.61 38.68 37.79
CA THR B 207 20.27 40.09 38.04
C THR B 207 18.82 40.43 37.68
N PRO B 208 18.01 40.90 38.63
CA PRO B 208 16.88 41.79 38.29
C PRO B 208 17.32 43.24 38.29
N THR B 209 16.76 44.03 37.35
CA THR B 209 17.16 45.43 37.18
C THR B 209 16.07 46.38 37.66
N THR B 210 16.45 47.44 38.37
CA THR B 210 15.50 48.34 39.00
C THR B 210 15.64 49.76 38.47
N PHE B 211 14.49 50.41 38.25
CA PHE B 211 14.36 51.82 37.86
C PHE B 211 13.66 52.58 38.99
N GLU B 212 14.25 53.68 39.46
CA GLU B 212 13.68 54.43 40.57
C GLU B 212 13.88 55.93 40.41
N LEU B 213 12.79 56.70 40.49
CA LEU B 213 12.85 58.16 40.54
C LEU B 213 12.38 58.54 41.93
N GLY B 214 13.34 58.91 42.78
CA GLY B 214 13.11 59.37 44.13
C GLY B 214 12.99 60.87 44.27
N VAL B 215 13.06 61.33 45.52
CA VAL B 215 12.71 62.71 45.85
C VAL B 215 13.83 63.63 45.36
N ASN B 216 13.41 64.82 44.96
CA ASN B 216 14.14 65.90 44.31
C ASN B 216 14.46 65.64 42.85
N GLY B 217 14.13 64.46 42.32
CA GLY B 217 14.09 64.25 40.89
C GLY B 217 15.33 63.65 40.31
N LYS B 218 16.03 62.81 41.05
CA LYS B 218 17.23 62.12 40.58
C LYS B 218 16.81 60.72 40.11
N PHE B 219 16.64 60.55 38.81
CA PHE B 219 16.14 59.29 38.24
C PHE B 219 17.31 58.33 38.04
N SER B 220 17.16 57.08 38.51
CA SER B 220 18.26 56.12 38.63
C SER B 220 17.87 54.72 38.13
N VAL B 221 18.85 53.99 37.61
CA VAL B 221 18.68 52.57 37.27
C VAL B 221 19.88 51.79 37.83
N PHE B 222 19.65 50.56 38.32
CA PHE B 222 20.77 49.81 38.89
C PHE B 222 20.46 48.34 39.18
N THR B 223 21.52 47.62 39.55
CA THR B 223 21.51 46.21 39.93
C THR B 223 22.64 46.00 40.95
N THR B 224 22.98 44.73 41.23
CA THR B 224 24.02 44.43 42.22
C THR B 224 25.39 44.96 41.84
N SER B 225 25.62 45.27 40.55
CA SER B 225 26.89 45.74 40.04
C SER B 225 26.84 47.16 39.51
N THR B 226 25.85 47.47 38.67
CA THR B 226 25.82 48.71 37.92
C THR B 226 24.83 49.67 38.52
N CYS B 227 25.10 50.95 38.30
CA CYS B 227 24.16 51.98 38.67
C CYS B 227 24.41 53.18 37.78
N VAL B 228 23.37 53.99 37.66
CA VAL B 228 23.38 55.14 36.77
C VAL B 228 22.31 56.05 37.29
N THR B 229 22.58 57.34 37.23
CA THR B 229 21.67 58.34 37.72
C THR B 229 21.67 59.48 36.73
N PHE B 230 20.64 60.31 36.84
CA PHE B 230 20.44 61.48 36.01
C PHE B 230 19.58 62.42 36.83
N ALA B 231 19.52 63.66 36.40
CA ALA B 231 18.81 64.70 37.12
C ALA B 231 17.68 65.19 36.22
N ALA B 232 16.50 65.29 36.79
CA ALA B 232 15.27 65.41 36.02
C ALA B 232 14.81 66.85 36.07
N ARG B 233 14.42 67.35 34.90
CA ARG B 233 14.12 68.76 34.68
C ARG B 233 12.80 68.88 33.96
N GLU B 234 12.00 69.87 34.34
CA GLU B 234 10.60 69.85 33.95
C GLU B 234 10.42 70.52 32.59
N GLU B 235 9.20 70.45 32.08
CA GLU B 235 8.89 70.95 30.73
C GLU B 235 7.68 71.86 30.67
N GLY B 236 6.77 71.80 31.63
CA GLY B 236 5.55 72.59 31.59
C GLY B 236 4.36 71.97 32.28
N ASN B 261 23.92 70.38 31.02
CA ASN B 261 24.71 69.18 31.28
C ASN B 261 24.20 67.98 30.49
N ALA B 262 25.03 66.94 30.49
CA ALA B 262 24.79 65.72 29.74
C ALA B 262 24.22 64.60 30.60
N LYS B 263 24.06 64.81 31.91
CA LYS B 263 23.53 63.80 32.81
C LYS B 263 22.11 64.12 33.25
N THR B 264 21.38 64.87 32.44
CA THR B 264 20.03 65.29 32.78
C THR B 264 19.02 64.81 31.76
N VAL B 265 17.77 64.72 32.20
CA VAL B 265 16.66 64.21 31.42
C VAL B 265 15.49 65.16 31.56
N TYR B 266 14.78 65.42 30.45
CA TYR B 266 13.61 66.28 30.51
C TYR B 266 12.38 65.40 30.56
N GLY B 267 11.41 65.75 31.42
CA GLY B 267 10.22 64.90 31.50
C GLY B 267 8.98 65.62 32.00
N GLU B 268 7.87 64.87 32.00
CA GLU B 268 6.61 65.35 32.57
C GLU B 268 6.15 64.46 33.71
N ASN B 269 5.52 65.13 34.69
CA ASN B 269 4.98 64.56 35.93
C ASN B 269 6.04 63.79 36.73
N THR B 270 7.23 64.40 36.88
CA THR B 270 8.28 63.77 37.69
C THR B 270 7.92 63.70 39.16
N HIS B 271 7.10 64.66 39.65
CA HIS B 271 6.67 64.70 41.04
C HIS B 271 6.05 63.37 41.48
N ARG B 272 5.46 62.64 40.55
CA ARG B 272 5.00 61.29 40.79
C ARG B 272 6.26 60.44 40.86
N THR B 273 6.68 60.10 42.09
CA THR B 273 7.83 59.25 42.26
C THR B 273 7.53 57.86 41.76
N PHE B 274 8.55 57.01 41.77
CA PHE B 274 8.28 55.59 41.62
C PHE B 274 9.55 54.83 41.94
N SER B 275 9.39 53.52 42.13
CA SER B 275 10.49 52.59 42.21
C SER B 275 10.00 51.22 41.75
N VAL B 276 10.41 50.79 40.56
CA VAL B 276 9.91 49.59 39.88
C VAL B 276 11.10 48.70 39.55
N VAL B 277 10.82 47.42 39.33
CA VAL B 277 11.88 46.45 39.07
C VAL B 277 11.42 45.49 37.99
N VAL B 278 12.39 44.94 37.26
CA VAL B 278 12.16 44.30 35.97
C VAL B 278 12.84 42.95 35.95
N ASP B 279 12.07 41.96 35.51
CA ASP B 279 12.35 40.54 35.31
C ASP B 279 12.15 40.19 33.83
N ASP B 280 12.24 38.89 33.52
CA ASP B 280 11.87 38.30 32.22
C ASP B 280 12.59 39.01 31.06
N CYS B 281 13.91 38.96 31.18
CA CYS B 281 14.86 39.95 30.69
C CYS B 281 15.02 39.88 29.18
N SER B 282 14.53 40.91 28.48
CA SER B 282 14.81 41.06 27.06
C SER B 282 15.16 42.50 26.65
N MET B 283 15.28 43.43 27.60
CA MET B 283 15.04 44.84 27.29
C MET B 283 16.18 45.50 26.51
N ARG B 284 17.43 45.08 26.72
CA ARG B 284 18.55 45.70 26.06
C ARG B 284 18.66 45.10 24.66
N ALA B 285 18.59 43.76 24.62
CA ALA B 285 18.39 43.02 23.39
C ALA B 285 17.39 43.69 22.47
N VAL B 286 16.24 44.08 23.01
CA VAL B 286 15.19 44.58 22.14
C VAL B 286 15.47 46.01 21.75
N LEU B 287 15.78 46.89 22.71
CA LEU B 287 15.96 48.28 22.30
C LEU B 287 17.24 48.51 21.51
N ARG B 288 18.11 47.52 21.39
CA ARG B 288 19.16 47.54 20.38
C ARG B 288 18.77 46.81 19.12
N ARG B 289 17.91 45.81 19.24
CA ARG B 289 17.48 45.10 18.05
C ARG B 289 16.58 45.99 17.23
N LEU B 290 15.94 46.96 17.87
CA LEU B 290 15.21 48.02 17.21
C LEU B 290 16.07 49.24 16.88
N GLN B 291 17.28 49.34 17.42
CA GLN B 291 18.21 50.42 17.09
C GLN B 291 17.66 51.79 17.51
N VAL B 292 17.23 51.89 18.77
CA VAL B 292 16.60 53.09 19.29
C VAL B 292 17.64 54.18 19.53
N ALA B 293 17.44 55.35 18.93
CA ALA B 293 18.33 56.50 19.03
C ALA B 293 17.93 57.46 20.15
N GLY B 294 17.88 56.99 21.39
CA GLY B 294 17.30 57.85 22.39
C GLY B 294 15.79 57.92 22.26
N GLY B 295 15.14 58.19 23.38
CA GLY B 295 13.70 58.15 23.38
C GLY B 295 13.17 58.43 24.78
N THR B 296 11.86 58.47 24.86
CA THR B 296 11.18 58.64 26.13
C THR B 296 10.99 57.28 26.77
N LEU B 297 11.21 57.23 28.07
CA LEU B 297 10.71 56.16 28.91
C LEU B 297 9.37 56.64 29.45
N LYS B 298 8.38 55.76 29.52
CA LYS B 298 7.12 56.12 30.15
C LYS B 298 6.64 54.95 30.99
N PHE B 299 6.27 55.27 32.22
CA PHE B 299 5.97 54.28 33.24
C PHE B 299 4.48 54.39 33.57
N PHE B 300 3.81 53.25 33.49
CA PHE B 300 2.42 53.04 33.84
C PHE B 300 2.45 52.25 35.13
N LEU B 301 2.23 52.93 36.25
CA LEU B 301 2.35 52.30 37.55
C LEU B 301 1.03 51.73 38.06
N THR B 302 -0.10 52.22 37.53
CA THR B 302 -1.42 51.92 38.09
C THR B 302 -1.81 50.45 38.00
N THR B 303 -1.18 49.70 37.20
CA THR B 303 -1.72 48.40 36.81
C THR B 303 -1.29 47.27 37.76
N PRO B 304 -2.14 46.23 37.94
CA PRO B 304 -1.68 45.02 38.64
C PRO B 304 -0.45 44.34 38.05
N VAL B 305 -0.04 44.71 36.85
CA VAL B 305 1.32 44.43 36.38
C VAL B 305 1.82 45.69 35.70
N PRO B 306 2.65 46.54 36.34
CA PRO B 306 2.96 47.86 35.76
C PRO B 306 3.86 47.75 34.54
N SER B 307 3.73 48.72 33.64
CA SER B 307 4.31 48.63 32.31
C SER B 307 5.26 49.80 32.02
N LEU B 308 6.30 49.48 31.27
CA LEU B 308 7.29 50.42 30.77
C LEU B 308 7.25 50.43 29.26
N CYS B 309 6.99 51.59 28.65
CA CYS B 309 7.09 51.76 27.21
C CYS B 309 8.22 52.72 26.88
N VAL B 310 9.22 52.20 26.16
CA VAL B 310 10.29 53.02 25.59
C VAL B 310 9.83 53.41 24.20
N THR B 311 9.37 54.66 24.07
CA THR B 311 8.96 55.26 22.81
C THR B 311 10.09 56.10 22.24
N ALA B 312 10.65 55.68 21.10
CA ALA B 312 11.64 56.53 20.46
C ALA B 312 10.99 57.85 20.02
N THR B 313 11.75 58.93 20.10
CA THR B 313 11.41 60.19 19.44
C THR B 313 12.06 60.32 18.08
N GLY B 314 12.73 59.27 17.61
CA GLY B 314 13.77 59.40 16.62
C GLY B 314 13.26 59.58 15.21
N PRO B 315 14.06 59.17 14.22
CA PRO B 315 13.51 59.12 12.85
C PRO B 315 12.44 58.06 12.73
N ASN B 316 12.59 56.93 13.40
CA ASN B 316 11.47 56.04 13.64
C ASN B 316 10.55 56.64 14.71
N ALA B 317 9.46 55.92 15.01
CA ALA B 317 8.59 56.25 16.12
C ALA B 317 8.24 55.00 16.92
N VAL B 318 9.07 53.97 16.80
CA VAL B 318 8.80 52.65 17.36
C VAL B 318 8.64 52.76 18.87
N SER B 319 7.97 51.77 19.44
CA SER B 319 7.82 51.72 20.87
C SER B 319 7.80 50.26 21.31
N ALA B 320 8.49 49.99 22.40
CA ALA B 320 8.61 48.66 22.96
C ALA B 320 8.05 48.73 24.37
N VAL B 321 7.09 47.88 24.67
CA VAL B 321 6.43 47.84 25.96
C VAL B 321 6.82 46.55 26.66
N PHE B 322 7.27 46.72 27.90
CA PHE B 322 7.79 45.73 28.82
C PHE B 322 6.90 45.78 30.05
N LEU B 323 6.98 44.71 30.82
CA LEU B 323 6.22 44.57 32.04
C LEU B 323 7.20 44.44 33.20
N LEU B 324 6.70 44.77 34.40
CA LEU B 324 7.52 44.90 35.59
C LEU B 324 6.86 44.09 36.69
N LYS B 325 7.42 44.17 37.91
CA LYS B 325 6.83 43.43 39.01
C LYS B 325 5.73 44.27 39.68
N PRO B 326 4.71 43.68 40.31
CA PRO B 326 3.74 44.49 41.04
C PRO B 326 4.39 45.33 42.13
N GLN B 327 4.13 46.63 42.07
CA GLN B 327 4.70 47.61 42.98
C GLN B 327 3.59 48.25 43.78
N LYS B 328 3.69 48.17 45.10
CA LYS B 328 3.08 49.15 45.99
C LYS B 328 3.44 50.57 45.59
N ILE B 329 2.39 51.41 45.42
CA ILE B 329 2.48 52.87 45.61
C ILE B 329 1.09 53.33 46.06
N CYS B 330 1.08 54.37 46.91
CA CYS B 330 -0.13 55.07 47.33
C CYS B 330 -1.27 54.15 47.79
N1 DOC C 32 2.12 -0.67 -16.70
C2 DOC C 32 3.16 -1.34 -16.20
N3 DOC C 32 3.03 -2.08 -15.11
C4 DOC C 32 1.91 -2.18 -14.52
C5 DOC C 32 0.85 -1.49 -14.96
C6 DOC C 32 0.98 -0.75 -16.06
O2 DOC C 32 4.21 -1.32 -16.72
N4 DOC C 32 1.87 -2.96 -13.35
C1' DOC C 32 2.31 0.12 -17.91
C2' DOC C 32 1.48 -0.38 -19.05
C3' DOC C 32 0.81 0.82 -19.52
C4' DOC C 32 0.74 1.59 -18.29
O4' DOC C 32 2.03 1.51 -17.72
C5' DOC C 32 0.20 2.97 -18.42
O5' DOC C 32 -1.04 2.70 -17.88
P DOC C 32 -1.75 3.87 -17.01
OP1 DOC C 32 -2.02 4.95 -17.93
OP2 DOC C 32 -3.11 3.10 -16.62
MG MG E . -9.38 -14.96 13.34
MG MG F . -10.00 -17.56 9.10
#